data_2DZI
#
_entry.id   2DZI
#
_entity_poly.entity_id   1
_entity_poly.type   'polypeptide(L)'
_entity_poly.pdbx_seq_one_letter_code
;GSSGSSGMQLTVKALQGRECSLQVPEDELVSTLKQLVSEKLNVPVRQQRLLFKGKALADGKRLSDYSIGPNSKLNLVVKP
L
;
_entity_poly.pdbx_strand_id   A
#
# COMPACT_ATOMS: atom_id res chain seq x y z
N GLY A 1 -6.35 20.44 1.99
CA GLY A 1 -7.16 19.29 1.62
C GLY A 1 -7.73 18.57 2.83
N SER A 2 -8.74 17.73 2.60
CA SER A 2 -9.37 16.99 3.68
C SER A 2 -9.73 15.58 3.22
N SER A 3 -9.41 14.60 4.05
CA SER A 3 -9.70 13.20 3.72
C SER A 3 -10.97 12.73 4.44
N GLY A 4 -11.52 11.62 3.98
CA GLY A 4 -12.73 11.08 4.58
C GLY A 4 -13.75 10.66 3.55
N SER A 5 -14.76 11.51 3.34
CA SER A 5 -15.82 11.22 2.39
C SER A 5 -15.25 10.56 1.14
N SER A 6 -14.29 11.22 0.50
CA SER A 6 -13.66 10.70 -0.70
C SER A 6 -12.36 9.97 -0.37
N GLY A 7 -12.08 8.90 -1.11
CA GLY A 7 -10.87 8.13 -0.88
C GLY A 7 -11.03 7.12 0.23
N MET A 8 -9.93 6.46 0.61
CA MET A 8 -9.96 5.46 1.66
C MET A 8 -8.69 5.52 2.50
N GLN A 9 -8.71 4.85 3.65
CA GLN A 9 -7.55 4.83 4.54
C GLN A 9 -6.86 3.47 4.50
N LEU A 10 -5.57 3.48 4.22
CA LEU A 10 -4.79 2.25 4.15
C LEU A 10 -3.71 2.22 5.24
N THR A 11 -3.68 1.14 5.99
CA THR A 11 -2.70 0.99 7.07
C THR A 11 -1.74 -0.16 6.77
N VAL A 12 -0.53 0.19 6.32
CA VAL A 12 0.48 -0.81 6.01
C VAL A 12 1.22 -1.26 7.27
N LYS A 13 1.24 -2.57 7.49
CA LYS A 13 1.90 -3.13 8.66
C LYS A 13 2.88 -4.24 8.24
N ALA A 14 4.11 -4.13 8.71
CA ALA A 14 5.15 -5.12 8.40
C ALA A 14 5.17 -6.23 9.44
N LEU A 15 5.37 -7.46 8.97
CA LEU A 15 5.42 -8.62 9.86
C LEU A 15 6.30 -8.33 11.08
N GLN A 16 5.67 -8.16 12.23
CA GLN A 16 6.39 -7.88 13.47
C GLN A 16 7.43 -6.78 13.25
N GLY A 17 7.02 -5.72 12.58
CA GLY A 17 7.93 -4.61 12.31
C GLY A 17 7.29 -3.26 12.54
N ARG A 18 7.38 -2.39 11.54
CA ARG A 18 6.80 -1.05 11.64
C ARG A 18 5.50 -0.96 10.84
N GLU A 19 4.84 0.18 10.93
CA GLU A 19 3.58 0.40 10.21
C GLU A 19 3.30 1.89 10.05
N CYS A 20 2.31 2.21 9.23
CA CYS A 20 1.93 3.60 8.98
C CYS A 20 0.67 3.68 8.12
N SER A 21 -0.12 4.72 8.34
CA SER A 21 -1.35 4.90 7.58
C SER A 21 -1.16 5.94 6.47
N LEU A 22 -1.98 5.84 5.43
CA LEU A 22 -1.89 6.76 4.30
C LEU A 22 -3.26 6.94 3.64
N GLN A 23 -3.47 8.10 3.03
CA GLN A 23 -4.73 8.40 2.36
C GLN A 23 -4.63 8.15 0.86
N VAL A 24 -5.38 7.19 0.36
CA VAL A 24 -5.37 6.85 -1.05
C VAL A 24 -6.76 6.41 -1.53
N PRO A 25 -7.03 6.64 -2.83
CA PRO A 25 -8.32 6.28 -3.43
C PRO A 25 -8.50 4.77 -3.55
N GLU A 26 -9.55 4.37 -4.26
CA GLU A 26 -9.84 2.95 -4.44
C GLU A 26 -9.22 2.41 -5.72
N ASP A 27 -8.93 3.32 -6.65
CA ASP A 27 -8.32 2.95 -7.93
C ASP A 27 -6.86 3.36 -7.97
N GLU A 28 -6.23 3.42 -6.80
CA GLU A 28 -4.83 3.80 -6.71
C GLU A 28 -3.93 2.69 -7.27
N LEU A 29 -2.99 3.09 -8.12
CA LEU A 29 -2.06 2.13 -8.73
C LEU A 29 -1.06 1.62 -7.71
N VAL A 30 -0.94 0.31 -7.61
CA VAL A 30 0.00 -0.31 -6.67
C VAL A 30 1.37 0.34 -6.75
N SER A 31 1.71 0.84 -7.95
CA SER A 31 3.01 1.48 -8.16
C SER A 31 3.14 2.72 -7.29
N THR A 32 2.07 3.50 -7.20
CA THR A 32 2.06 4.72 -6.41
C THR A 32 1.77 4.42 -4.94
N LEU A 33 0.96 3.39 -4.70
CA LEU A 33 0.60 2.99 -3.34
C LEU A 33 1.84 2.60 -2.55
N LYS A 34 2.88 2.16 -3.25
CA LYS A 34 4.12 1.74 -2.61
C LYS A 34 5.08 2.93 -2.46
N GLN A 35 5.29 3.66 -3.56
CA GLN A 35 6.17 4.81 -3.55
C GLN A 35 5.78 5.79 -2.43
N LEU A 36 4.49 5.86 -2.14
CA LEU A 36 4.00 6.75 -1.09
C LEU A 36 4.59 6.37 0.26
N VAL A 37 4.46 5.09 0.63
CA VAL A 37 4.99 4.60 1.89
C VAL A 37 6.51 4.70 1.94
N SER A 38 7.14 4.47 0.79
CA SER A 38 8.60 4.53 0.70
C SER A 38 9.13 5.82 1.31
N GLU A 39 8.34 6.88 1.21
CA GLU A 39 8.73 8.18 1.75
C GLU A 39 8.42 8.26 3.24
N LYS A 40 7.37 7.56 3.66
CA LYS A 40 6.96 7.54 5.06
C LYS A 40 8.02 6.88 5.93
N LEU A 41 8.31 5.62 5.64
CA LEU A 41 9.30 4.86 6.40
C LEU A 41 10.69 5.06 5.82
N ASN A 42 10.78 5.86 4.76
CA ASN A 42 12.06 6.14 4.11
C ASN A 42 12.69 4.85 3.57
N VAL A 43 11.84 3.90 3.22
CA VAL A 43 12.31 2.62 2.68
C VAL A 43 12.06 2.53 1.17
N PRO A 44 13.04 1.98 0.45
CA PRO A 44 12.95 1.82 -1.01
C PRO A 44 11.93 0.76 -1.41
N VAL A 45 11.12 1.09 -2.41
CA VAL A 45 10.10 0.16 -2.89
C VAL A 45 10.73 -1.16 -3.33
N ARG A 46 12.00 -1.12 -3.69
CA ARG A 46 12.72 -2.32 -4.12
C ARG A 46 12.77 -3.36 -3.01
N GLN A 47 12.80 -2.89 -1.76
CA GLN A 47 12.85 -3.79 -0.62
C GLN A 47 11.44 -4.09 -0.10
N GLN A 48 10.80 -3.07 0.46
CA GLN A 48 9.45 -3.23 0.99
C GLN A 48 8.50 -3.78 -0.07
N ARG A 49 7.61 -4.66 0.33
CA ARG A 49 6.65 -5.25 -0.59
C ARG A 49 5.28 -5.40 0.07
N LEU A 50 4.23 -5.01 -0.65
CA LEU A 50 2.87 -5.09 -0.13
C LEU A 50 2.26 -6.46 -0.43
N LEU A 51 1.34 -6.89 0.44
CA LEU A 51 0.68 -8.18 0.27
C LEU A 51 -0.75 -8.13 0.79
N PHE A 52 -1.67 -8.70 0.03
CA PHE A 52 -3.07 -8.74 0.41
C PHE A 52 -3.62 -10.16 0.42
N LYS A 53 -4.01 -10.64 1.59
CA LYS A 53 -4.54 -11.99 1.73
C LYS A 53 -3.64 -13.00 1.04
N GLY A 54 -2.34 -12.77 1.08
CA GLY A 54 -1.39 -13.67 0.44
C GLY A 54 -1.32 -13.47 -1.06
N LYS A 55 -1.69 -12.28 -1.51
CA LYS A 55 -1.67 -11.97 -2.93
C LYS A 55 -0.58 -10.94 -3.25
N ALA A 56 0.33 -11.31 -4.15
CA ALA A 56 1.42 -10.43 -4.54
C ALA A 56 0.95 -9.40 -5.56
N LEU A 57 1.00 -8.12 -5.18
CA LEU A 57 0.58 -7.03 -6.05
C LEU A 57 1.71 -6.63 -6.99
N ALA A 58 1.35 -6.22 -8.21
CA ALA A 58 2.33 -5.80 -9.20
C ALA A 58 2.28 -4.29 -9.41
N ASP A 59 3.42 -3.63 -9.26
CA ASP A 59 3.51 -2.19 -9.44
C ASP A 59 2.91 -1.78 -10.78
N GLY A 60 1.68 -1.26 -10.74
CA GLY A 60 1.02 -0.84 -11.96
C GLY A 60 -0.49 -1.06 -11.91
N LYS A 61 -0.90 -2.22 -11.42
CA LYS A 61 -2.31 -2.56 -11.33
C LYS A 61 -3.01 -1.66 -10.31
N ARG A 62 -4.32 -1.85 -10.16
CA ARG A 62 -5.10 -1.06 -9.21
C ARG A 62 -5.66 -1.95 -8.10
N LEU A 63 -5.57 -1.46 -6.87
CA LEU A 63 -6.07 -2.21 -5.73
C LEU A 63 -7.51 -2.66 -5.94
N SER A 64 -8.27 -1.85 -6.69
CA SER A 64 -9.66 -2.16 -6.98
C SER A 64 -9.78 -3.45 -7.78
N ASP A 65 -8.79 -3.69 -8.63
CA ASP A 65 -8.78 -4.89 -9.47
C ASP A 65 -8.60 -6.14 -8.62
N TYR A 66 -7.91 -5.98 -7.49
CA TYR A 66 -7.67 -7.11 -6.59
C TYR A 66 -8.84 -7.31 -5.63
N SER A 67 -9.87 -6.48 -5.79
CA SER A 67 -11.05 -6.56 -4.94
C SER A 67 -10.76 -6.04 -3.54
N ILE A 68 -9.94 -5.00 -3.47
CA ILE A 68 -9.58 -4.40 -2.19
C ILE A 68 -10.24 -3.03 -2.01
N GLY A 69 -11.21 -2.97 -1.11
CA GLY A 69 -11.92 -1.72 -0.86
C GLY A 69 -11.27 -0.91 0.24
N PRO A 70 -12.05 0.00 0.85
CA PRO A 70 -11.57 0.86 1.93
C PRO A 70 -11.30 0.09 3.21
N ASN A 71 -10.66 0.75 4.18
CA ASN A 71 -10.34 0.12 5.45
C ASN A 71 -9.63 -1.21 5.24
N SER A 72 -8.70 -1.24 4.29
CA SER A 72 -7.96 -2.45 3.99
C SER A 72 -6.55 -2.38 4.58
N LYS A 73 -6.17 -3.42 5.33
CA LYS A 73 -4.86 -3.47 5.95
C LYS A 73 -3.87 -4.25 5.08
N LEU A 74 -2.92 -3.54 4.50
CA LEU A 74 -1.92 -4.16 3.64
C LEU A 74 -0.76 -4.72 4.47
N ASN A 75 -0.17 -5.81 3.99
CA ASN A 75 0.95 -6.43 4.68
C ASN A 75 2.28 -6.04 4.03
N LEU A 76 3.21 -5.54 4.84
CA LEU A 76 4.53 -5.14 4.34
C LEU A 76 5.54 -6.25 4.53
N VAL A 77 6.45 -6.40 3.56
CA VAL A 77 7.48 -7.42 3.63
C VAL A 77 8.84 -6.86 3.22
N VAL A 78 9.90 -7.34 3.87
CA VAL A 78 11.26 -6.89 3.57
C VAL A 78 11.97 -7.88 2.67
N LYS A 79 12.51 -7.38 1.56
CA LYS A 79 13.23 -8.22 0.61
C LYS A 79 14.66 -7.72 0.42
N PRO A 80 15.60 -8.66 0.25
CA PRO A 80 17.01 -8.33 0.04
C PRO A 80 17.27 -7.68 -1.32
N LEU A 81 17.92 -6.53 -1.31
CA LEU A 81 18.23 -5.81 -2.54
C LEU A 81 19.67 -6.07 -2.98
N GLY A 1 -6.88 28.15 -1.14
CA GLY A 1 -7.05 27.88 0.27
C GLY A 1 -6.61 26.48 0.65
N SER A 2 -7.55 25.53 0.63
CA SER A 2 -7.24 24.15 0.98
C SER A 2 -7.86 23.18 -0.03
N SER A 3 -7.19 22.06 -0.26
CA SER A 3 -7.66 21.06 -1.20
C SER A 3 -7.28 19.65 -0.74
N GLY A 4 -8.28 18.77 -0.66
CA GLY A 4 -8.04 17.41 -0.23
C GLY A 4 -8.63 16.38 -1.18
N SER A 5 -8.01 15.22 -1.26
CA SER A 5 -8.48 14.16 -2.14
C SER A 5 -9.33 13.15 -1.36
N SER A 6 -10.51 12.84 -1.90
CA SER A 6 -11.41 11.89 -1.26
C SER A 6 -11.21 10.48 -1.82
N GLY A 7 -11.01 9.53 -0.91
CA GLY A 7 -10.81 8.15 -1.34
C GLY A 7 -11.00 7.17 -0.20
N MET A 8 -9.90 6.54 0.22
CA MET A 8 -9.95 5.57 1.31
C MET A 8 -8.66 5.61 2.13
N GLN A 9 -8.65 4.88 3.24
CA GLN A 9 -7.48 4.83 4.11
C GLN A 9 -6.89 3.42 4.16
N LEU A 10 -5.56 3.35 4.19
CA LEU A 10 -4.88 2.07 4.23
C LEU A 10 -3.82 2.06 5.33
N THR A 11 -3.71 0.93 6.04
CA THR A 11 -2.74 0.79 7.11
C THR A 11 -1.73 -0.31 6.81
N VAL A 12 -0.53 0.09 6.40
CA VAL A 12 0.52 -0.87 6.07
C VAL A 12 1.30 -1.27 7.33
N LYS A 13 1.22 -2.54 7.69
CA LYS A 13 1.93 -3.06 8.86
C LYS A 13 2.98 -4.08 8.46
N ALA A 14 4.19 -3.91 9.00
CA ALA A 14 5.29 -4.81 8.70
C ALA A 14 5.31 -6.00 9.66
N LEU A 15 5.66 -7.17 9.15
CA LEU A 15 5.72 -8.37 9.97
C LEU A 15 6.31 -8.07 11.35
N GLN A 16 5.42 -7.94 12.34
CA GLN A 16 5.85 -7.64 13.71
C GLN A 16 6.87 -6.51 13.72
N GLY A 17 6.60 -5.46 12.96
CA GLY A 17 7.50 -4.33 12.91
C GLY A 17 6.78 -3.00 12.96
N ARG A 18 7.24 -2.04 12.17
CA ARG A 18 6.63 -0.71 12.13
C ARG A 18 5.44 -0.69 11.18
N GLU A 19 4.71 0.42 11.16
CA GLU A 19 3.54 0.57 10.30
C GLU A 19 3.33 2.02 9.91
N CYS A 20 2.36 2.25 9.04
CA CYS A 20 2.05 3.60 8.58
C CYS A 20 0.72 3.64 7.84
N SER A 21 -0.06 4.68 8.08
CA SER A 21 -1.36 4.84 7.43
C SER A 21 -1.36 6.02 6.46
N LEU A 22 -2.02 5.83 5.33
CA LEU A 22 -2.10 6.88 4.31
C LEU A 22 -3.49 6.96 3.72
N GLN A 23 -3.85 8.14 3.20
CA GLN A 23 -5.16 8.35 2.60
C GLN A 23 -5.08 8.28 1.08
N VAL A 24 -5.60 7.19 0.51
CA VAL A 24 -5.58 7.00 -0.93
C VAL A 24 -6.88 6.36 -1.42
N PRO A 25 -7.20 6.57 -2.70
CA PRO A 25 -8.42 6.02 -3.31
C PRO A 25 -8.35 4.51 -3.47
N GLU A 26 -9.39 3.93 -4.07
CA GLU A 26 -9.44 2.49 -4.28
C GLU A 26 -8.81 2.11 -5.63
N ASP A 27 -9.03 2.96 -6.62
CA ASP A 27 -8.48 2.72 -7.96
C ASP A 27 -7.03 3.15 -8.04
N GLU A 28 -6.41 3.37 -6.88
CA GLU A 28 -5.02 3.79 -6.82
C GLU A 28 -4.10 2.72 -7.39
N LEU A 29 -3.09 3.14 -8.13
CA LEU A 29 -2.13 2.22 -8.73
C LEU A 29 -1.13 1.71 -7.69
N VAL A 30 -0.83 0.42 -7.73
CA VAL A 30 0.11 -0.18 -6.80
C VAL A 30 1.48 0.49 -6.89
N SER A 31 1.80 1.03 -8.06
CA SER A 31 3.08 1.69 -8.28
C SER A 31 3.10 3.05 -7.58
N THR A 32 1.93 3.64 -7.39
CA THR A 32 1.82 4.94 -6.74
C THR A 32 1.49 4.78 -5.26
N LEU A 33 1.06 3.59 -4.88
CA LEU A 33 0.71 3.30 -3.49
C LEU A 33 1.94 2.88 -2.70
N LYS A 34 2.91 2.30 -3.39
CA LYS A 34 4.15 1.84 -2.76
C LYS A 34 5.15 2.99 -2.63
N GLN A 35 5.20 3.85 -3.66
CA GLN A 35 6.11 4.98 -3.67
C GLN A 35 5.81 5.92 -2.50
N LEU A 36 4.56 5.95 -2.08
CA LEU A 36 4.13 6.80 -0.98
C LEU A 36 4.76 6.35 0.34
N VAL A 37 4.60 5.07 0.65
CA VAL A 37 5.16 4.51 1.88
C VAL A 37 6.68 4.59 1.88
N SER A 38 7.27 4.45 0.70
CA SER A 38 8.73 4.51 0.57
C SER A 38 9.29 5.75 1.26
N GLU A 39 8.61 6.88 1.08
CA GLU A 39 9.04 8.13 1.69
C GLU A 39 8.70 8.16 3.18
N LYS A 40 7.59 7.53 3.54
CA LYS A 40 7.15 7.48 4.93
C LYS A 40 8.16 6.72 5.79
N LEU A 41 8.43 5.48 5.41
CA LEU A 41 9.38 4.65 6.15
C LEU A 41 10.79 4.78 5.58
N ASN A 42 10.91 5.57 4.51
CA ASN A 42 12.21 5.78 3.88
C ASN A 42 12.77 4.49 3.33
N VAL A 43 11.89 3.54 3.03
CA VAL A 43 12.30 2.24 2.50
C VAL A 43 12.07 2.16 1.00
N PRO A 44 13.04 1.57 0.28
CA PRO A 44 12.95 1.41 -1.17
C PRO A 44 11.89 0.41 -1.59
N VAL A 45 11.00 0.82 -2.49
CA VAL A 45 9.94 -0.04 -2.97
C VAL A 45 10.49 -1.38 -3.44
N ARG A 46 11.74 -1.38 -3.88
CA ARG A 46 12.39 -2.60 -4.36
C ARG A 46 12.40 -3.67 -3.28
N GLN A 47 12.48 -3.23 -2.02
CA GLN A 47 12.51 -4.15 -0.89
C GLN A 47 11.10 -4.39 -0.35
N GLN A 48 10.56 -3.40 0.35
CA GLN A 48 9.22 -3.50 0.91
C GLN A 48 8.26 -4.15 -0.08
N ARG A 49 7.35 -4.98 0.42
CA ARG A 49 6.38 -5.65 -0.43
C ARG A 49 5.00 -5.66 0.23
N LEU A 50 3.98 -5.31 -0.54
CA LEU A 50 2.61 -5.28 -0.03
C LEU A 50 1.92 -6.63 -0.22
N LEU A 51 1.18 -7.06 0.79
CA LEU A 51 0.48 -8.33 0.73
C LEU A 51 -0.97 -8.19 1.21
N PHE A 52 -1.89 -8.82 0.50
CA PHE A 52 -3.31 -8.75 0.86
C PHE A 52 -3.89 -10.15 1.04
N LYS A 53 -4.20 -10.49 2.28
CA LYS A 53 -4.77 -11.80 2.60
C LYS A 53 -3.86 -12.92 2.10
N GLY A 54 -2.55 -12.65 2.08
CA GLY A 54 -1.59 -13.63 1.64
C GLY A 54 -1.43 -13.65 0.13
N LYS A 55 -1.79 -12.55 -0.52
CA LYS A 55 -1.69 -12.45 -1.97
C LYS A 55 -0.65 -11.40 -2.36
N ALA A 56 0.27 -11.79 -3.24
CA ALA A 56 1.31 -10.88 -3.71
C ALA A 56 0.81 -9.98 -4.82
N LEU A 57 0.91 -8.67 -4.62
CA LEU A 57 0.47 -7.70 -5.61
C LEU A 57 1.59 -7.36 -6.58
N ALA A 58 1.21 -6.91 -7.78
CA ALA A 58 2.19 -6.54 -8.80
C ALA A 58 2.11 -5.05 -9.11
N ASP A 59 3.25 -4.37 -9.04
CA ASP A 59 3.31 -2.94 -9.33
C ASP A 59 2.71 -2.63 -10.69
N GLY A 60 1.93 -1.56 -10.77
CA GLY A 60 1.32 -1.18 -12.02
C GLY A 60 -0.20 -1.35 -12.00
N LYS A 61 -0.64 -2.49 -11.48
CA LYS A 61 -2.06 -2.78 -11.40
C LYS A 61 -2.77 -1.85 -10.40
N ARG A 62 -4.08 -1.97 -10.32
CA ARG A 62 -4.86 -1.14 -9.41
C ARG A 62 -5.46 -1.99 -8.28
N LEU A 63 -5.43 -1.45 -7.07
CA LEU A 63 -5.97 -2.15 -5.91
C LEU A 63 -7.43 -2.52 -6.12
N SER A 64 -8.18 -1.62 -6.75
CA SER A 64 -9.59 -1.84 -7.02
C SER A 64 -9.79 -3.11 -7.85
N ASP A 65 -8.74 -3.54 -8.52
CA ASP A 65 -8.79 -4.74 -9.35
C ASP A 65 -8.59 -5.99 -8.50
N TYR A 66 -7.98 -5.82 -7.32
CA TYR A 66 -7.72 -6.93 -6.43
C TYR A 66 -8.83 -7.07 -5.40
N SER A 67 -9.93 -6.35 -5.62
CA SER A 67 -11.06 -6.39 -4.71
C SER A 67 -10.68 -5.88 -3.33
N ILE A 68 -9.93 -4.78 -3.30
CA ILE A 68 -9.50 -4.19 -2.04
C ILE A 68 -10.12 -2.82 -1.83
N GLY A 69 -11.21 -2.78 -1.07
CA GLY A 69 -11.88 -1.52 -0.80
C GLY A 69 -11.30 -0.79 0.38
N PRO A 70 -12.09 0.12 0.98
CA PRO A 70 -11.65 0.91 2.13
C PRO A 70 -11.53 0.07 3.40
N ASN A 71 -10.80 0.58 4.37
CA ASN A 71 -10.59 -0.12 5.65
C ASN A 71 -9.85 -1.44 5.41
N SER A 72 -8.87 -1.41 4.52
CA SER A 72 -8.08 -2.60 4.21
C SER A 72 -6.69 -2.51 4.82
N LYS A 73 -6.20 -3.64 5.31
CA LYS A 73 -4.87 -3.69 5.92
C LYS A 73 -3.92 -4.55 5.10
N LEU A 74 -2.80 -3.96 4.71
CA LEU A 74 -1.80 -4.67 3.91
C LEU A 74 -0.56 -4.99 4.75
N ASN A 75 0.13 -6.07 4.38
CA ASN A 75 1.33 -6.49 5.09
C ASN A 75 2.58 -6.05 4.34
N LEU A 76 3.58 -5.59 5.09
CA LEU A 76 4.83 -5.14 4.50
C LEU A 76 5.96 -6.13 4.78
N VAL A 77 6.66 -6.54 3.73
CA VAL A 77 7.76 -7.49 3.86
C VAL A 77 9.03 -6.94 3.23
N VAL A 78 10.17 -7.20 3.88
CA VAL A 78 11.46 -6.73 3.38
C VAL A 78 12.23 -7.87 2.72
N LYS A 79 12.07 -8.00 1.41
CA LYS A 79 12.75 -9.05 0.66
C LYS A 79 14.24 -9.08 0.98
N PRO A 80 14.82 -10.28 1.03
CA PRO A 80 16.24 -10.47 1.32
C PRO A 80 17.14 -9.97 0.20
N LEU A 81 18.21 -9.27 0.58
CA LEU A 81 19.15 -8.73 -0.40
C LEU A 81 20.36 -9.64 -0.55
N GLY A 1 -12.47 20.33 -1.18
CA GLY A 1 -12.39 19.82 0.18
C GLY A 1 -10.99 19.47 0.59
N SER A 2 -10.86 18.85 1.77
CA SER A 2 -9.55 18.46 2.28
C SER A 2 -9.20 17.04 1.86
N SER A 3 -10.08 16.09 2.16
CA SER A 3 -9.86 14.70 1.81
C SER A 3 -10.12 14.46 0.33
N GLY A 4 -11.21 15.03 -0.18
CA GLY A 4 -11.54 14.87 -1.59
C GLY A 4 -12.89 14.21 -1.78
N SER A 5 -13.33 14.14 -3.04
CA SER A 5 -14.61 13.53 -3.37
C SER A 5 -14.61 12.04 -3.02
N SER A 6 -13.68 11.31 -3.60
CA SER A 6 -13.56 9.87 -3.36
C SER A 6 -12.18 9.52 -2.81
N GLY A 7 -12.14 8.52 -1.92
CA GLY A 7 -10.89 8.10 -1.35
C GLY A 7 -11.07 7.13 -0.20
N MET A 8 -10.00 6.44 0.18
CA MET A 8 -10.05 5.48 1.26
C MET A 8 -8.78 5.54 2.12
N GLN A 9 -8.79 4.83 3.24
CA GLN A 9 -7.65 4.82 4.15
C GLN A 9 -7.02 3.43 4.19
N LEU A 10 -5.68 3.40 4.10
CA LEU A 10 -4.95 2.14 4.13
C LEU A 10 -3.85 2.17 5.19
N THR A 11 -3.60 1.02 5.79
CA THR A 11 -2.57 0.92 6.83
C THR A 11 -1.59 -0.21 6.52
N VAL A 12 -0.36 0.16 6.18
CA VAL A 12 0.67 -0.82 5.86
C VAL A 12 1.41 -1.28 7.12
N LYS A 13 1.24 -2.54 7.47
CA LYS A 13 1.88 -3.11 8.65
C LYS A 13 3.08 -3.96 8.26
N ALA A 14 4.15 -3.86 9.04
CA ALA A 14 5.37 -4.62 8.78
C ALA A 14 5.54 -5.74 9.79
N LEU A 15 6.16 -6.83 9.37
CA LEU A 15 6.40 -7.98 10.24
C LEU A 15 7.11 -7.54 11.52
N GLN A 16 8.08 -6.64 11.37
CA GLN A 16 8.83 -6.15 12.52
C GLN A 16 7.93 -5.44 13.51
N GLY A 17 7.06 -4.56 13.00
CA GLY A 17 6.15 -3.83 13.87
C GLY A 17 5.84 -2.45 13.34
N ARG A 18 6.82 -1.83 12.68
CA ARG A 18 6.64 -0.50 12.12
C ARG A 18 5.53 -0.49 11.08
N GLU A 19 4.59 0.45 11.22
CA GLU A 19 3.48 0.56 10.29
C GLU A 19 3.22 2.02 9.92
N CYS A 20 2.32 2.24 8.97
CA CYS A 20 2.00 3.58 8.52
C CYS A 20 0.68 3.59 7.75
N SER A 21 -0.13 4.62 7.96
CA SER A 21 -1.41 4.74 7.28
C SER A 21 -1.44 5.99 6.39
N LEU A 22 -2.12 5.89 5.26
CA LEU A 22 -2.23 7.00 4.33
C LEU A 22 -3.57 7.00 3.62
N GLN A 23 -3.89 8.08 2.92
CA GLN A 23 -5.14 8.20 2.20
C GLN A 23 -4.92 8.07 0.69
N VAL A 24 -5.57 7.08 0.08
CA VAL A 24 -5.44 6.85 -1.35
C VAL A 24 -6.73 6.29 -1.93
N PRO A 25 -7.02 6.65 -3.19
CA PRO A 25 -8.22 6.19 -3.88
C PRO A 25 -8.18 4.70 -4.22
N GLU A 26 -9.34 4.05 -4.15
CA GLU A 26 -9.42 2.62 -4.44
C GLU A 26 -8.91 2.32 -5.85
N ASP A 27 -8.76 3.37 -6.65
CA ASP A 27 -8.28 3.22 -8.02
C ASP A 27 -6.82 3.66 -8.14
N GLU A 28 -6.12 3.66 -7.00
CA GLU A 28 -4.72 4.06 -6.98
C GLU A 28 -3.82 2.92 -7.48
N LEU A 29 -2.83 3.27 -8.28
CA LEU A 29 -1.90 2.29 -8.81
C LEU A 29 -0.95 1.79 -7.73
N VAL A 30 -0.72 0.48 -7.72
CA VAL A 30 0.17 -0.13 -6.73
C VAL A 30 1.55 0.52 -6.77
N SER A 31 1.93 1.04 -7.93
CA SER A 31 3.23 1.68 -8.10
C SER A 31 3.33 2.92 -7.20
N THR A 32 2.26 3.70 -7.16
CA THR A 32 2.23 4.91 -6.34
C THR A 32 1.91 4.58 -4.89
N LEU A 33 1.06 3.57 -4.69
CA LEU A 33 0.67 3.18 -3.34
C LEU A 33 1.88 2.75 -2.53
N LYS A 34 2.91 2.28 -3.21
CA LYS A 34 4.14 1.84 -2.55
C LYS A 34 5.10 3.02 -2.35
N GLN A 35 5.25 3.84 -3.38
CA GLN A 35 6.13 5.00 -3.31
C GLN A 35 5.75 5.91 -2.15
N LEU A 36 4.45 6.09 -1.94
CA LEU A 36 3.96 6.93 -0.86
C LEU A 36 4.60 6.53 0.48
N VAL A 37 4.66 5.23 0.73
CA VAL A 37 5.25 4.73 1.97
C VAL A 37 6.77 4.73 1.89
N SER A 38 7.30 4.57 0.68
CA SER A 38 8.74 4.55 0.46
C SER A 38 9.41 5.74 1.14
N GLU A 39 8.65 6.83 1.26
CA GLU A 39 9.17 8.05 1.89
C GLU A 39 8.84 8.08 3.37
N LYS A 40 7.62 7.67 3.71
CA LYS A 40 7.17 7.65 5.09
C LYS A 40 8.16 6.90 5.98
N LEU A 41 8.47 5.66 5.60
CA LEU A 41 9.40 4.85 6.36
C LEU A 41 10.80 4.88 5.73
N ASN A 42 11.02 5.87 4.87
CA ASN A 42 12.30 6.01 4.19
C ASN A 42 12.85 4.66 3.76
N VAL A 43 12.00 3.86 3.12
CA VAL A 43 12.40 2.54 2.65
C VAL A 43 12.24 2.43 1.14
N PRO A 44 13.21 1.78 0.49
CA PRO A 44 13.20 1.59 -0.96
C PRO A 44 12.13 0.61 -1.41
N VAL A 45 11.30 1.03 -2.36
CA VAL A 45 10.23 0.18 -2.88
C VAL A 45 10.78 -1.16 -3.36
N ARG A 46 12.03 -1.15 -3.81
CA ARG A 46 12.66 -2.37 -4.31
C ARG A 46 12.76 -3.42 -3.20
N GLN A 47 12.54 -2.98 -1.96
CA GLN A 47 12.60 -3.88 -0.81
C GLN A 47 11.20 -4.19 -0.28
N GLN A 48 10.61 -3.20 0.39
CA GLN A 48 9.27 -3.36 0.96
C GLN A 48 8.31 -3.91 -0.09
N ARG A 49 7.55 -4.93 0.31
CA ARG A 49 6.58 -5.55 -0.59
C ARG A 49 5.20 -5.64 0.06
N LEU A 50 4.17 -5.32 -0.71
CA LEU A 50 2.80 -5.37 -0.19
C LEU A 50 2.17 -6.73 -0.45
N LEU A 51 1.25 -7.13 0.42
CA LEU A 51 0.57 -8.41 0.28
C LEU A 51 -0.87 -8.32 0.78
N PHE A 52 -1.78 -8.98 0.07
CA PHE A 52 -3.19 -8.96 0.44
C PHE A 52 -3.73 -10.39 0.58
N LYS A 53 -3.96 -10.81 1.82
CA LYS A 53 -4.48 -12.15 2.08
C LYS A 53 -3.68 -13.20 1.32
N GLY A 54 -2.36 -12.99 1.25
CA GLY A 54 -1.50 -13.94 0.56
C GLY A 54 -1.50 -13.72 -0.94
N LYS A 55 -1.84 -12.51 -1.36
CA LYS A 55 -1.87 -12.18 -2.79
C LYS A 55 -0.78 -11.19 -3.15
N ALA A 56 0.09 -11.57 -4.07
CA ALA A 56 1.18 -10.71 -4.50
C ALA A 56 0.69 -9.66 -5.49
N LEU A 57 0.86 -8.39 -5.12
CA LEU A 57 0.42 -7.28 -5.97
C LEU A 57 1.47 -7.00 -7.05
N ALA A 58 1.00 -6.48 -8.18
CA ALA A 58 1.88 -6.16 -9.29
C ALA A 58 1.92 -4.65 -9.56
N ASP A 59 3.06 -4.04 -9.27
CA ASP A 59 3.21 -2.60 -9.47
C ASP A 59 2.62 -2.17 -10.81
N GLY A 60 1.49 -1.47 -10.76
CA GLY A 60 0.83 -1.01 -11.97
C GLY A 60 -0.68 -1.15 -11.89
N LYS A 61 -1.14 -2.29 -11.40
CA LYS A 61 -2.57 -2.54 -11.28
C LYS A 61 -3.20 -1.65 -10.21
N ARG A 62 -4.52 -1.65 -10.15
CA ARG A 62 -5.24 -0.84 -9.18
C ARG A 62 -5.78 -1.72 -8.04
N LEU A 63 -5.62 -1.23 -6.81
CA LEU A 63 -6.09 -1.97 -5.65
C LEU A 63 -7.54 -2.40 -5.81
N SER A 64 -8.31 -1.60 -6.55
CA SER A 64 -9.71 -1.89 -6.78
C SER A 64 -9.88 -3.23 -7.48
N ASP A 65 -8.92 -3.58 -8.32
CA ASP A 65 -8.95 -4.83 -9.06
C ASP A 65 -8.73 -6.02 -8.12
N TYR A 66 -7.90 -5.82 -7.11
CA TYR A 66 -7.60 -6.87 -6.15
C TYR A 66 -8.70 -6.98 -5.09
N SER A 67 -9.84 -6.33 -5.37
CA SER A 67 -10.96 -6.35 -4.45
C SER A 67 -10.55 -5.83 -3.07
N ILE A 68 -9.79 -4.73 -3.07
CA ILE A 68 -9.34 -4.13 -1.82
C ILE A 68 -10.02 -2.79 -1.57
N GLY A 69 -11.03 -2.79 -0.71
CA GLY A 69 -11.75 -1.57 -0.41
C GLY A 69 -11.15 -0.83 0.77
N PRO A 70 -11.96 0.03 1.41
CA PRO A 70 -11.53 0.82 2.56
C PRO A 70 -11.30 -0.04 3.80
N ASN A 71 -10.65 0.53 4.80
CA ASN A 71 -10.37 -0.18 6.04
C ASN A 71 -9.64 -1.48 5.77
N SER A 72 -8.76 -1.46 4.77
CA SER A 72 -7.98 -2.65 4.39
C SER A 72 -6.56 -2.55 4.92
N LYS A 73 -6.11 -3.61 5.59
CA LYS A 73 -4.76 -3.66 6.15
C LYS A 73 -3.83 -4.46 5.24
N LEU A 74 -2.85 -3.78 4.65
CA LEU A 74 -1.89 -4.42 3.77
C LEU A 74 -0.69 -4.95 4.56
N ASN A 75 -0.12 -6.06 4.09
CA ASN A 75 1.02 -6.66 4.75
C ASN A 75 2.32 -6.27 4.05
N LEU A 76 3.30 -5.84 4.83
CA LEU A 76 4.60 -5.43 4.29
C LEU A 76 5.64 -6.53 4.50
N VAL A 77 6.55 -6.66 3.54
CA VAL A 77 7.60 -7.66 3.61
C VAL A 77 8.95 -7.07 3.23
N VAL A 78 9.99 -7.45 3.96
CA VAL A 78 11.33 -6.97 3.70
C VAL A 78 12.12 -7.96 2.85
N LYS A 79 12.57 -7.52 1.68
CA LYS A 79 13.34 -8.36 0.78
C LYS A 79 14.84 -8.15 0.97
N PRO A 80 15.62 -9.23 0.83
CA PRO A 80 17.07 -9.18 0.99
C PRO A 80 17.75 -8.42 -0.15
N LEU A 81 18.90 -7.84 0.14
CA LEU A 81 19.66 -7.09 -0.87
C LEU A 81 19.56 -7.75 -2.23
N GLY A 1 -3.77 17.96 -11.84
CA GLY A 1 -4.83 17.57 -12.75
C GLY A 1 -6.00 16.94 -12.02
N SER A 2 -7.21 17.34 -12.40
CA SER A 2 -8.41 16.82 -11.77
C SER A 2 -8.27 15.33 -11.45
N SER A 3 -8.51 14.97 -10.19
CA SER A 3 -8.39 13.59 -9.77
C SER A 3 -9.37 13.29 -8.63
N GLY A 4 -9.54 12.01 -8.33
CA GLY A 4 -10.45 11.61 -7.27
C GLY A 4 -10.02 12.13 -5.91
N SER A 5 -10.78 13.07 -5.37
CA SER A 5 -10.47 13.66 -4.07
C SER A 5 -10.79 12.67 -2.94
N SER A 6 -12.06 12.31 -2.82
CA SER A 6 -12.49 11.38 -1.78
C SER A 6 -11.98 9.98 -2.07
N GLY A 7 -11.02 9.51 -1.26
CA GLY A 7 -10.47 8.18 -1.44
C GLY A 7 -10.70 7.30 -0.24
N MET A 8 -9.72 6.45 0.07
CA MET A 8 -9.83 5.53 1.19
C MET A 8 -8.53 5.52 2.01
N GLN A 9 -8.62 5.06 3.25
CA GLN A 9 -7.46 4.99 4.12
C GLN A 9 -6.92 3.58 4.21
N LEU A 10 -5.60 3.45 4.11
CA LEU A 10 -4.95 2.14 4.17
C LEU A 10 -3.83 2.13 5.22
N THR A 11 -3.76 1.05 5.99
CA THR A 11 -2.74 0.93 7.02
C THR A 11 -1.77 -0.19 6.70
N VAL A 12 -0.50 0.17 6.44
CA VAL A 12 0.51 -0.81 6.11
C VAL A 12 1.23 -1.31 7.37
N LYS A 13 1.13 -2.61 7.63
CA LYS A 13 1.75 -3.21 8.79
C LYS A 13 2.91 -4.12 8.39
N ALA A 14 4.09 -3.83 8.92
CA ALA A 14 5.28 -4.63 8.61
C ALA A 14 5.35 -5.88 9.49
N LEU A 15 6.02 -6.91 8.99
CA LEU A 15 6.15 -8.16 9.73
C LEU A 15 6.52 -7.89 11.19
N GLN A 16 5.50 -7.95 12.05
CA GLN A 16 5.71 -7.71 13.48
C GLN A 16 6.74 -6.61 13.70
N GLY A 17 6.67 -5.55 12.89
CA GLY A 17 7.60 -4.45 13.02
C GLY A 17 6.90 -3.11 13.09
N ARG A 18 7.27 -2.19 12.21
CA ARG A 18 6.68 -0.87 12.19
C ARG A 18 5.45 -0.84 11.27
N GLU A 19 4.74 0.28 11.29
CA GLU A 19 3.55 0.44 10.47
C GLU A 19 3.33 1.90 10.09
N CYS A 20 2.32 2.15 9.26
CA CYS A 20 2.00 3.51 8.82
C CYS A 20 0.74 3.52 7.97
N SER A 21 -0.05 4.58 8.12
CA SER A 21 -1.29 4.72 7.37
C SER A 21 -1.19 5.85 6.36
N LEU A 22 -1.98 5.75 5.29
CA LEU A 22 -1.98 6.76 4.24
C LEU A 22 -3.36 6.87 3.59
N GLN A 23 -3.60 7.99 2.91
CA GLN A 23 -4.88 8.21 2.23
C GLN A 23 -4.72 8.13 0.72
N VAL A 24 -5.31 7.10 0.13
CA VAL A 24 -5.23 6.90 -1.31
C VAL A 24 -6.56 6.42 -1.88
N PRO A 25 -6.81 6.73 -3.16
CA PRO A 25 -8.05 6.33 -3.84
C PRO A 25 -8.11 4.83 -4.09
N GLU A 26 -9.32 4.27 -4.00
CA GLU A 26 -9.51 2.85 -4.22
C GLU A 26 -9.10 2.45 -5.63
N ASP A 27 -8.92 3.44 -6.50
CA ASP A 27 -8.51 3.19 -7.88
C ASP A 27 -7.09 3.67 -8.11
N GLU A 28 -6.28 3.64 -7.07
CA GLU A 28 -4.89 4.07 -7.16
C GLU A 28 -4.02 2.98 -7.81
N LEU A 29 -2.82 3.35 -8.22
CA LEU A 29 -1.90 2.41 -8.85
C LEU A 29 -0.92 1.84 -7.83
N VAL A 30 -0.90 0.51 -7.74
CA VAL A 30 -0.01 -0.16 -6.80
C VAL A 30 1.40 0.44 -6.85
N SER A 31 1.77 0.98 -8.00
CA SER A 31 3.08 1.59 -8.17
C SER A 31 3.21 2.85 -7.32
N THR A 32 2.14 3.63 -7.27
CA THR A 32 2.13 4.86 -6.49
C THR A 32 1.77 4.59 -5.04
N LEU A 33 1.04 3.50 -4.80
CA LEU A 33 0.64 3.13 -3.45
C LEU A 33 1.84 2.68 -2.62
N LYS A 34 2.90 2.25 -3.30
CA LYS A 34 4.10 1.79 -2.63
C LYS A 34 5.05 2.96 -2.36
N GLN A 35 5.21 3.84 -3.35
CA GLN A 35 6.08 4.99 -3.21
C GLN A 35 5.67 5.85 -2.02
N LEU A 36 4.36 5.99 -1.83
CA LEU A 36 3.83 6.78 -0.72
C LEU A 36 4.35 6.27 0.61
N VAL A 37 4.40 4.95 0.76
CA VAL A 37 4.88 4.32 1.98
C VAL A 37 6.40 4.47 2.11
N SER A 38 7.09 4.37 0.98
CA SER A 38 8.55 4.47 0.97
C SER A 38 9.00 5.72 1.73
N GLU A 39 8.34 6.84 1.47
CA GLU A 39 8.68 8.10 2.12
C GLU A 39 8.29 8.06 3.60
N LYS A 40 7.25 7.31 3.92
CA LYS A 40 6.78 7.19 5.29
C LYS A 40 7.80 6.44 6.15
N LEU A 41 8.21 5.27 5.67
CA LEU A 41 9.19 4.46 6.39
C LEU A 41 10.59 4.63 5.80
N ASN A 42 10.75 5.65 4.98
CA ASN A 42 12.04 5.94 4.36
C ASN A 42 12.66 4.67 3.78
N VAL A 43 11.81 3.84 3.19
CA VAL A 43 12.26 2.59 2.58
C VAL A 43 12.01 2.58 1.08
N PRO A 44 12.99 2.07 0.31
CA PRO A 44 12.88 1.99 -1.14
C PRO A 44 11.85 0.96 -1.61
N VAL A 45 11.11 1.30 -2.65
CA VAL A 45 10.09 0.41 -3.19
C VAL A 45 10.72 -0.88 -3.73
N ARG A 46 11.97 -0.78 -4.15
CA ARG A 46 12.69 -1.94 -4.69
C ARG A 46 12.91 -2.99 -3.62
N GLN A 47 12.58 -2.65 -2.38
CA GLN A 47 12.76 -3.57 -1.26
C GLN A 47 11.42 -3.95 -0.66
N GLN A 48 10.76 -2.99 0.00
CA GLN A 48 9.47 -3.24 0.61
C GLN A 48 8.51 -3.90 -0.37
N ARG A 49 7.74 -4.87 0.11
CA ARG A 49 6.78 -5.57 -0.73
C ARG A 49 5.41 -5.62 -0.07
N LEU A 50 4.38 -5.24 -0.82
CA LEU A 50 3.01 -5.23 -0.31
C LEU A 50 2.37 -6.60 -0.47
N LEU A 51 1.48 -6.96 0.45
CA LEU A 51 0.79 -8.24 0.41
C LEU A 51 -0.61 -8.12 0.98
N PHE A 52 -1.57 -8.75 0.31
CA PHE A 52 -2.96 -8.72 0.74
C PHE A 52 -3.53 -10.13 0.84
N LYS A 53 -3.76 -10.60 2.06
CA LYS A 53 -4.31 -11.93 2.28
C LYS A 53 -3.46 -12.99 1.59
N GLY A 54 -2.15 -12.78 1.56
CA GLY A 54 -1.25 -13.72 0.93
C GLY A 54 -1.22 -13.57 -0.57
N LYS A 55 -1.70 -12.42 -1.07
CA LYS A 55 -1.73 -12.16 -2.50
C LYS A 55 -0.67 -11.13 -2.88
N ALA A 56 0.15 -11.48 -3.86
CA ALA A 56 1.21 -10.58 -4.33
C ALA A 56 0.68 -9.58 -5.35
N LEU A 57 0.72 -8.30 -5.00
CA LEU A 57 0.24 -7.25 -5.88
C LEU A 57 1.26 -6.94 -6.97
N ALA A 58 0.77 -6.68 -8.18
CA ALA A 58 1.65 -6.36 -9.30
C ALA A 58 1.67 -4.86 -9.58
N ASP A 59 2.85 -4.26 -9.55
CA ASP A 59 3.00 -2.84 -9.80
C ASP A 59 2.33 -2.45 -11.11
N GLY A 60 1.45 -1.46 -11.05
CA GLY A 60 0.76 -1.00 -12.24
C GLY A 60 -0.74 -1.16 -12.13
N LYS A 61 -1.20 -2.34 -11.72
CA LYS A 61 -2.62 -2.61 -11.57
C LYS A 61 -3.24 -1.71 -10.51
N ARG A 62 -4.54 -1.85 -10.31
CA ARG A 62 -5.25 -1.04 -9.32
C ARG A 62 -5.77 -1.92 -8.18
N LEU A 63 -5.59 -1.45 -6.94
CA LEU A 63 -6.02 -2.19 -5.77
C LEU A 63 -7.47 -2.66 -5.93
N SER A 64 -8.29 -1.82 -6.57
CA SER A 64 -9.69 -2.16 -6.80
C SER A 64 -9.82 -3.48 -7.53
N ASP A 65 -8.96 -3.68 -8.53
CA ASP A 65 -8.99 -4.92 -9.31
C ASP A 65 -8.72 -6.14 -8.43
N TYR A 66 -8.23 -5.89 -7.23
CA TYR A 66 -7.93 -6.97 -6.28
C TYR A 66 -9.08 -7.16 -5.30
N SER A 67 -10.18 -6.47 -5.55
CA SER A 67 -11.36 -6.56 -4.69
C SER A 67 -11.03 -6.08 -3.27
N ILE A 68 -10.34 -4.95 -3.18
CA ILE A 68 -9.96 -4.38 -1.89
C ILE A 68 -10.56 -2.99 -1.70
N GLY A 69 -11.42 -2.86 -0.70
CA GLY A 69 -12.06 -1.58 -0.43
C GLY A 69 -11.36 -0.81 0.67
N PRO A 70 -12.09 0.13 1.30
CA PRO A 70 -11.55 0.96 2.39
C PRO A 70 -11.31 0.15 3.66
N ASN A 71 -10.72 0.80 4.65
CA ASN A 71 -10.43 0.15 5.92
C ASN A 71 -9.73 -1.20 5.70
N SER A 72 -8.85 -1.24 4.71
CA SER A 72 -8.11 -2.46 4.39
C SER A 72 -6.67 -2.36 4.88
N LYS A 73 -6.21 -3.41 5.57
CA LYS A 73 -4.85 -3.45 6.09
C LYS A 73 -3.93 -4.23 5.15
N LEU A 74 -2.87 -3.58 4.68
CA LEU A 74 -1.93 -4.21 3.78
C LEU A 74 -0.68 -4.68 4.54
N ASN A 75 -0.06 -5.74 4.05
CA ASN A 75 1.13 -6.28 4.68
C ASN A 75 2.40 -5.80 3.97
N LEU A 76 3.46 -5.58 4.74
CA LEU A 76 4.73 -5.12 4.18
C LEU A 76 5.86 -6.09 4.51
N VAL A 77 6.59 -6.51 3.49
CA VAL A 77 7.71 -7.43 3.69
C VAL A 77 9.03 -6.79 3.27
N VAL A 78 10.08 -7.11 4.01
CA VAL A 78 11.40 -6.57 3.72
C VAL A 78 12.30 -7.61 3.05
N LYS A 79 12.76 -7.29 1.85
CA LYS A 79 13.62 -8.20 1.10
C LYS A 79 15.06 -8.11 1.58
N PRO A 80 15.81 -9.20 1.40
CA PRO A 80 17.22 -9.28 1.82
C PRO A 80 18.13 -8.39 0.96
N LEU A 81 19.16 -7.83 1.59
CA LEU A 81 20.09 -6.97 0.87
C LEU A 81 20.95 -7.77 -0.10
N GLY A 1 0.74 14.14 -8.77
CA GLY A 1 0.07 15.14 -7.97
C GLY A 1 -1.15 14.59 -7.25
N SER A 2 -0.92 13.64 -6.35
CA SER A 2 -2.01 13.03 -5.60
C SER A 2 -2.80 14.08 -4.83
N SER A 3 -3.87 14.57 -5.46
CA SER A 3 -4.72 15.58 -4.84
C SER A 3 -6.19 15.17 -4.88
N GLY A 4 -6.79 15.06 -3.71
CA GLY A 4 -8.19 14.67 -3.64
C GLY A 4 -8.55 14.04 -2.31
N SER A 5 -9.01 14.85 -1.37
CA SER A 5 -9.38 14.36 -0.05
C SER A 5 -10.10 13.02 -0.15
N SER A 6 -11.19 13.00 -0.91
CA SER A 6 -11.97 11.78 -1.09
C SER A 6 -11.06 10.59 -1.40
N GLY A 7 -11.50 9.40 -1.00
CA GLY A 7 -10.71 8.20 -1.25
C GLY A 7 -10.87 7.18 -0.14
N MET A 8 -9.77 6.52 0.22
CA MET A 8 -9.79 5.50 1.26
C MET A 8 -8.46 5.48 2.01
N GLN A 9 -8.51 5.06 3.28
CA GLN A 9 -7.31 4.98 4.09
C GLN A 9 -6.74 3.57 4.10
N LEU A 10 -5.42 3.46 4.12
CA LEU A 10 -4.76 2.16 4.13
C LEU A 10 -3.70 2.11 5.23
N THR A 11 -3.70 1.01 5.98
CA THR A 11 -2.73 0.83 7.06
C THR A 11 -1.76 -0.29 6.75
N VAL A 12 -0.57 0.07 6.26
CA VAL A 12 0.45 -0.91 5.93
C VAL A 12 1.22 -1.35 7.17
N LYS A 13 1.22 -2.66 7.42
CA LYS A 13 1.91 -3.21 8.57
C LYS A 13 3.00 -4.19 8.14
N ALA A 14 4.18 -4.06 8.72
CA ALA A 14 5.31 -4.93 8.39
C ALA A 14 5.36 -6.13 9.33
N LEU A 15 5.91 -7.24 8.84
CA LEU A 15 6.03 -8.46 9.63
C LEU A 15 6.63 -8.16 11.00
N GLN A 16 7.67 -7.32 11.01
CA GLN A 16 8.34 -6.96 12.25
C GLN A 16 7.40 -6.18 13.17
N GLY A 17 6.75 -5.16 12.62
CA GLY A 17 5.83 -4.36 13.40
C GLY A 17 5.61 -2.99 12.80
N ARG A 18 6.69 -2.35 12.35
CA ARG A 18 6.60 -1.03 11.75
C ARG A 18 5.39 -0.93 10.82
N GLU A 19 4.60 0.13 10.99
CA GLU A 19 3.42 0.34 10.17
C GLU A 19 3.13 1.82 9.98
N CYS A 20 2.13 2.13 9.17
CA CYS A 20 1.76 3.52 8.91
C CYS A 20 0.48 3.59 8.09
N SER A 21 -0.26 4.68 8.25
CA SER A 21 -1.52 4.88 7.52
C SER A 21 -1.38 6.00 6.49
N LEU A 22 -2.12 5.88 5.40
CA LEU A 22 -2.08 6.87 4.33
C LEU A 22 -3.46 7.07 3.71
N GLN A 23 -3.62 8.13 2.94
CA GLN A 23 -4.89 8.43 2.29
C GLN A 23 -4.77 8.28 0.78
N VAL A 24 -5.45 7.27 0.23
CA VAL A 24 -5.42 7.03 -1.21
C VAL A 24 -6.75 6.46 -1.69
N PRO A 25 -7.07 6.71 -2.98
CA PRO A 25 -8.31 6.22 -3.59
C PRO A 25 -8.32 4.71 -3.78
N GLU A 26 -9.41 4.20 -4.32
CA GLU A 26 -9.55 2.76 -4.55
C GLU A 26 -8.91 2.36 -5.88
N ASP A 27 -8.95 3.27 -6.84
CA ASP A 27 -8.38 3.02 -8.15
C ASP A 27 -6.90 3.41 -8.19
N GLU A 28 -6.29 3.51 -7.02
CA GLU A 28 -4.88 3.88 -6.92
C GLU A 28 -4.00 2.78 -7.49
N LEU A 29 -2.93 3.18 -8.17
CA LEU A 29 -1.99 2.23 -8.76
C LEU A 29 -1.03 1.69 -7.72
N VAL A 30 -0.75 0.39 -7.77
CA VAL A 30 0.15 -0.25 -6.83
C VAL A 30 1.54 0.39 -6.88
N SER A 31 1.89 0.95 -8.04
CA SER A 31 3.18 1.59 -8.22
C SER A 31 3.30 2.83 -7.34
N THR A 32 2.18 3.54 -7.18
CA THR A 32 2.15 4.75 -6.38
C THR A 32 1.84 4.43 -4.91
N LEU A 33 0.94 3.47 -4.70
CA LEU A 33 0.57 3.07 -3.35
C LEU A 33 1.79 2.68 -2.53
N LYS A 34 2.82 2.21 -3.21
CA LYS A 34 4.06 1.81 -2.55
C LYS A 34 5.00 3.00 -2.39
N GLN A 35 5.25 3.71 -3.48
CA GLN A 35 6.13 4.87 -3.46
C GLN A 35 5.73 5.84 -2.35
N LEU A 36 4.46 5.79 -1.97
CA LEU A 36 3.94 6.67 -0.92
C LEU A 36 4.52 6.28 0.44
N VAL A 37 4.43 4.99 0.77
CA VAL A 37 4.95 4.49 2.04
C VAL A 37 6.48 4.56 2.07
N SER A 38 7.10 4.44 0.90
CA SER A 38 8.55 4.48 0.81
C SER A 38 9.10 5.79 1.38
N GLU A 39 8.23 6.79 1.47
CA GLU A 39 8.62 8.09 2.00
C GLU A 39 8.31 8.19 3.49
N LYS A 40 7.33 7.40 3.94
CA LYS A 40 6.93 7.41 5.34
C LYS A 40 7.93 6.62 6.19
N LEU A 41 8.11 5.34 5.85
CA LEU A 41 9.03 4.49 6.58
C LEU A 41 10.46 4.65 6.06
N ASN A 42 10.66 5.65 5.21
CA ASN A 42 11.98 5.90 4.63
C ASN A 42 12.59 4.62 4.07
N VAL A 43 11.79 3.85 3.35
CA VAL A 43 12.25 2.60 2.77
C VAL A 43 12.01 2.57 1.27
N PRO A 44 12.99 2.05 0.51
CA PRO A 44 12.91 1.95 -0.95
C PRO A 44 11.89 0.91 -1.40
N VAL A 45 11.02 1.30 -2.32
CA VAL A 45 9.99 0.40 -2.84
C VAL A 45 10.60 -0.91 -3.30
N ARG A 46 11.71 -0.83 -4.01
CA ARG A 46 12.39 -2.02 -4.51
C ARG A 46 12.52 -3.07 -3.42
N GLN A 47 12.57 -2.63 -2.17
CA GLN A 47 12.68 -3.53 -1.03
C GLN A 47 11.31 -3.88 -0.47
N GLN A 48 10.67 -2.90 0.18
CA GLN A 48 9.35 -3.11 0.77
C GLN A 48 8.38 -3.66 -0.27
N ARG A 49 7.68 -4.73 0.10
CA ARG A 49 6.72 -5.36 -0.80
C ARG A 49 5.33 -5.43 -0.15
N LEU A 50 4.30 -5.14 -0.93
CA LEU A 50 2.93 -5.17 -0.43
C LEU A 50 2.31 -6.54 -0.64
N LEU A 51 1.48 -6.96 0.30
CA LEU A 51 0.81 -8.25 0.23
C LEU A 51 -0.60 -8.17 0.78
N PHE A 52 -1.54 -8.83 0.10
CA PHE A 52 -2.94 -8.83 0.52
C PHE A 52 -3.46 -10.26 0.66
N LYS A 53 -3.80 -10.65 1.89
CA LYS A 53 -4.32 -11.98 2.16
C LYS A 53 -3.46 -13.04 1.48
N GLY A 54 -2.16 -12.79 1.42
CA GLY A 54 -1.24 -13.73 0.80
C GLY A 54 -1.19 -13.59 -0.71
N LYS A 55 -1.61 -12.43 -1.21
CA LYS A 55 -1.62 -12.17 -2.64
C LYS A 55 -0.60 -11.10 -3.01
N ALA A 56 0.20 -11.38 -4.03
CA ALA A 56 1.23 -10.44 -4.48
C ALA A 56 0.63 -9.39 -5.39
N LEU A 57 0.80 -8.12 -5.03
CA LEU A 57 0.27 -7.01 -5.83
C LEU A 57 1.25 -6.62 -6.94
N ALA A 58 0.71 -6.31 -8.11
CA ALA A 58 1.54 -5.92 -9.25
C ALA A 58 1.66 -4.41 -9.34
N ASP A 59 2.89 -3.92 -9.32
CA ASP A 59 3.16 -2.49 -9.40
C ASP A 59 2.35 -1.86 -10.53
N GLY A 60 1.91 -2.68 -11.49
CA GLY A 60 1.13 -2.19 -12.60
C GLY A 60 -0.37 -2.27 -12.35
N LYS A 61 -0.78 -3.28 -11.60
CA LYS A 61 -2.19 -3.47 -11.27
C LYS A 61 -2.66 -2.45 -10.25
N ARG A 62 -3.96 -2.45 -9.98
CA ARG A 62 -4.53 -1.52 -9.01
C ARG A 62 -5.30 -2.27 -7.91
N LEU A 63 -5.40 -1.66 -6.75
CA LEU A 63 -6.11 -2.27 -5.63
C LEU A 63 -7.55 -2.57 -5.99
N SER A 64 -8.15 -1.68 -6.77
CA SER A 64 -9.54 -1.86 -7.19
C SER A 64 -9.74 -3.19 -7.89
N ASP A 65 -8.66 -3.74 -8.41
CA ASP A 65 -8.70 -5.02 -9.12
C ASP A 65 -8.66 -6.18 -8.12
N TYR A 66 -8.00 -5.97 -7.00
CA TYR A 66 -7.88 -7.00 -5.97
C TYR A 66 -9.07 -6.96 -5.02
N SER A 67 -10.13 -6.27 -5.44
CA SER A 67 -11.34 -6.16 -4.63
C SER A 67 -11.00 -5.73 -3.20
N ILE A 68 -10.20 -4.67 -3.09
CA ILE A 68 -9.79 -4.16 -1.78
C ILE A 68 -10.39 -2.78 -1.53
N GLY A 69 -11.44 -2.74 -0.71
CA GLY A 69 -12.09 -1.49 -0.39
C GLY A 69 -11.35 -0.71 0.69
N PRO A 70 -12.06 0.20 1.35
CA PRO A 70 -11.50 1.03 2.43
C PRO A 70 -11.19 0.22 3.68
N ASN A 71 -10.65 0.89 4.69
CA ASN A 71 -10.31 0.23 5.95
C ASN A 71 -9.68 -1.14 5.70
N SER A 72 -8.71 -1.18 4.79
CA SER A 72 -8.03 -2.43 4.45
C SER A 72 -6.60 -2.42 4.96
N LYS A 73 -6.22 -3.46 5.68
CA LYS A 73 -4.88 -3.59 6.23
C LYS A 73 -3.98 -4.37 5.28
N LEU A 74 -2.93 -3.71 4.80
CA LEU A 74 -1.99 -4.36 3.88
C LEU A 74 -0.75 -4.83 4.62
N ASN A 75 -0.12 -5.88 4.11
CA ASN A 75 1.08 -6.44 4.72
C ASN A 75 2.33 -5.95 4.00
N LEU A 76 3.39 -5.70 4.77
CA LEU A 76 4.65 -5.23 4.22
C LEU A 76 5.78 -6.22 4.50
N VAL A 77 6.56 -6.52 3.47
CA VAL A 77 7.68 -7.44 3.61
C VAL A 77 9.01 -6.78 3.25
N VAL A 78 9.98 -6.91 4.14
CA VAL A 78 11.30 -6.31 3.92
C VAL A 78 12.26 -7.32 3.30
N LYS A 79 12.70 -7.04 2.08
CA LYS A 79 13.62 -7.93 1.37
C LYS A 79 15.06 -7.55 1.67
N PRO A 80 15.93 -8.57 1.74
CA PRO A 80 17.36 -8.37 2.03
C PRO A 80 18.10 -7.69 0.87
N LEU A 81 19.31 -7.25 1.13
CA LEU A 81 20.12 -6.59 0.12
C LEU A 81 20.80 -7.60 -0.80
N GLY A 1 0.55 18.22 -9.54
CA GLY A 1 -0.75 17.67 -9.21
C GLY A 1 -1.10 17.83 -7.74
N SER A 2 -2.13 17.12 -7.30
CA SER A 2 -2.58 17.19 -5.92
C SER A 2 -2.90 15.81 -5.38
N SER A 3 -2.38 15.50 -4.19
CA SER A 3 -2.60 14.20 -3.56
C SER A 3 -4.05 13.75 -3.76
N GLY A 4 -4.99 14.65 -3.46
CA GLY A 4 -6.40 14.33 -3.61
C GLY A 4 -7.17 14.51 -2.32
N SER A 5 -8.49 14.34 -2.39
CA SER A 5 -9.35 14.49 -1.23
C SER A 5 -10.13 13.21 -0.95
N SER A 6 -10.96 12.83 -1.91
CA SER A 6 -11.77 11.61 -1.78
C SER A 6 -10.93 10.37 -1.98
N GLY A 7 -11.36 9.26 -1.39
CA GLY A 7 -10.62 8.01 -1.52
C GLY A 7 -10.87 7.07 -0.35
N MET A 8 -9.84 6.33 0.04
CA MET A 8 -9.94 5.40 1.15
C MET A 8 -8.67 5.38 1.98
N GLN A 9 -8.80 5.03 3.25
CA GLN A 9 -7.65 4.98 4.15
C GLN A 9 -7.05 3.58 4.19
N LEU A 10 -5.72 3.51 4.07
CA LEU A 10 -5.02 2.22 4.10
C LEU A 10 -3.95 2.21 5.19
N THR A 11 -3.71 1.03 5.76
CA THR A 11 -2.72 0.88 6.81
C THR A 11 -1.76 -0.27 6.49
N VAL A 12 -0.52 0.08 6.16
CA VAL A 12 0.50 -0.91 5.84
C VAL A 12 1.23 -1.36 7.10
N LYS A 13 1.06 -2.64 7.44
CA LYS A 13 1.71 -3.20 8.62
C LYS A 13 2.77 -4.22 8.22
N ALA A 14 4.03 -3.94 8.58
CA ALA A 14 5.14 -4.83 8.25
C ALA A 14 5.27 -5.93 9.30
N LEU A 15 5.32 -7.18 8.83
CA LEU A 15 5.46 -8.32 9.73
C LEU A 15 6.38 -7.99 10.90
N GLN A 16 5.86 -8.13 12.11
CA GLN A 16 6.65 -7.84 13.31
C GLN A 16 7.61 -6.68 13.08
N GLY A 17 7.11 -5.63 12.43
CA GLY A 17 7.94 -4.48 12.15
C GLY A 17 7.18 -3.17 12.34
N ARG A 18 7.44 -2.20 11.48
CA ARG A 18 6.79 -0.90 11.54
C ARG A 18 5.55 -0.87 10.68
N GLU A 19 4.81 0.25 10.73
CA GLU A 19 3.60 0.40 9.95
C GLU A 19 3.34 1.87 9.62
N CYS A 20 2.36 2.12 8.76
CA CYS A 20 2.02 3.48 8.37
C CYS A 20 0.69 3.51 7.64
N SER A 21 -0.09 4.57 7.88
CA SER A 21 -1.39 4.72 7.24
C SER A 21 -1.46 6.00 6.42
N LEU A 22 -2.06 5.91 5.24
CA LEU A 22 -2.20 7.05 4.35
C LEU A 22 -3.56 7.08 3.69
N GLN A 23 -3.85 8.18 2.99
CA GLN A 23 -5.14 8.33 2.31
C GLN A 23 -4.97 8.19 0.80
N VAL A 24 -5.61 7.16 0.23
CA VAL A 24 -5.53 6.92 -1.20
C VAL A 24 -6.82 6.28 -1.72
N PRO A 25 -7.16 6.58 -2.98
CA PRO A 25 -8.37 6.04 -3.62
C PRO A 25 -8.25 4.53 -3.90
N GLU A 26 -9.37 3.94 -4.30
CA GLU A 26 -9.39 2.51 -4.60
C GLU A 26 -8.79 2.22 -5.97
N ASP A 27 -8.92 3.18 -6.88
CA ASP A 27 -8.38 3.02 -8.22
C ASP A 27 -6.93 3.50 -8.29
N GLU A 28 -6.26 3.50 -7.13
CA GLU A 28 -4.87 3.93 -7.05
C GLU A 28 -3.94 2.83 -7.56
N LEU A 29 -2.92 3.23 -8.31
CA LEU A 29 -1.96 2.28 -8.85
C LEU A 29 -1.01 1.78 -7.77
N VAL A 30 -0.77 0.48 -7.75
CA VAL A 30 0.11 -0.13 -6.76
C VAL A 30 1.50 0.50 -6.81
N SER A 31 1.85 1.07 -7.97
CA SER A 31 3.15 1.71 -8.15
C SER A 31 3.24 2.98 -7.33
N THR A 32 2.16 3.74 -7.28
CA THR A 32 2.12 4.98 -6.51
C THR A 32 1.72 4.73 -5.07
N LEU A 33 1.24 3.52 -4.79
CA LEU A 33 0.82 3.16 -3.43
C LEU A 33 2.01 2.70 -2.61
N LYS A 34 3.05 2.21 -3.29
CA LYS A 34 4.25 1.74 -2.61
C LYS A 34 5.27 2.87 -2.45
N GLN A 35 5.17 3.87 -3.32
CA GLN A 35 6.08 5.01 -3.27
C GLN A 35 5.70 5.96 -2.14
N LEU A 36 4.44 5.92 -1.73
CA LEU A 36 3.95 6.78 -0.66
C LEU A 36 4.48 6.32 0.70
N VAL A 37 4.64 5.01 0.85
CA VAL A 37 5.15 4.44 2.09
C VAL A 37 6.67 4.48 2.14
N SER A 38 7.29 4.40 0.97
CA SER A 38 8.75 4.41 0.87
C SER A 38 9.31 5.70 1.45
N GLU A 39 8.51 6.76 1.45
CA GLU A 39 8.93 8.05 1.98
C GLU A 39 8.64 8.14 3.47
N LYS A 40 7.50 7.60 3.89
CA LYS A 40 7.11 7.63 5.30
C LYS A 40 8.10 6.85 6.14
N LEU A 41 8.62 5.75 5.58
CA LEU A 41 9.58 4.92 6.29
C LEU A 41 10.97 5.06 5.68
N ASN A 42 11.11 5.97 4.72
CA ASN A 42 12.39 6.20 4.07
C ASN A 42 12.96 4.90 3.51
N VAL A 43 12.07 3.97 3.17
CA VAL A 43 12.48 2.68 2.62
C VAL A 43 12.21 2.61 1.13
N PRO A 44 13.17 2.03 0.39
CA PRO A 44 13.06 1.88 -1.08
C PRO A 44 11.99 0.86 -1.46
N VAL A 45 11.17 1.22 -2.45
CA VAL A 45 10.11 0.33 -2.92
C VAL A 45 10.68 -1.00 -3.39
N ARG A 46 11.75 -0.94 -4.16
CA ARG A 46 12.39 -2.14 -4.68
C ARG A 46 12.61 -3.16 -3.57
N GLN A 47 12.63 -2.69 -2.33
CA GLN A 47 12.83 -3.56 -1.17
C GLN A 47 11.50 -3.95 -0.55
N GLN A 48 10.83 -2.99 0.07
CA GLN A 48 9.54 -3.25 0.71
C GLN A 48 8.52 -3.75 -0.30
N ARG A 49 7.76 -4.76 0.09
CA ARG A 49 6.75 -5.34 -0.78
C ARG A 49 5.38 -5.33 -0.11
N LEU A 50 4.33 -5.42 -0.92
CA LEU A 50 2.96 -5.43 -0.41
C LEU A 50 2.33 -6.80 -0.54
N LEU A 51 1.41 -7.11 0.36
CA LEU A 51 0.72 -8.40 0.34
C LEU A 51 -0.70 -8.27 0.88
N PHE A 52 -1.64 -8.95 0.23
CA PHE A 52 -3.04 -8.91 0.66
C PHE A 52 -3.63 -10.32 0.71
N LYS A 53 -3.92 -10.78 1.93
CA LYS A 53 -4.48 -12.11 2.13
C LYS A 53 -3.60 -13.17 1.50
N GLY A 54 -2.30 -12.90 1.43
CA GLY A 54 -1.37 -13.84 0.85
C GLY A 54 -1.27 -13.73 -0.65
N LYS A 55 -1.79 -12.62 -1.19
CA LYS A 55 -1.76 -12.39 -2.62
C LYS A 55 -0.69 -11.36 -2.99
N ALA A 56 0.23 -11.75 -3.86
CA ALA A 56 1.30 -10.86 -4.30
C ALA A 56 0.78 -9.83 -5.29
N LEU A 57 0.85 -8.55 -4.90
CA LEU A 57 0.39 -7.47 -5.75
C LEU A 57 1.42 -7.15 -6.83
N ALA A 58 0.94 -6.71 -7.98
CA ALA A 58 1.83 -6.36 -9.09
C ALA A 58 1.78 -4.87 -9.39
N ASP A 59 2.94 -4.22 -9.32
CA ASP A 59 3.03 -2.78 -9.59
C ASP A 59 2.23 -2.40 -10.82
N GLY A 60 1.64 -1.21 -10.80
CA GLY A 60 0.85 -0.74 -11.91
C GLY A 60 -0.62 -1.06 -11.77
N LYS A 61 -0.92 -2.28 -11.34
CA LYS A 61 -2.29 -2.72 -11.15
C LYS A 61 -3.02 -1.82 -10.16
N ARG A 62 -4.34 -1.87 -10.18
CA ARG A 62 -5.16 -1.05 -9.28
C ARG A 62 -5.65 -1.87 -8.10
N LEU A 63 -5.46 -1.35 -6.90
CA LEU A 63 -5.90 -2.04 -5.68
C LEU A 63 -7.34 -2.51 -5.81
N SER A 64 -8.17 -1.69 -6.45
CA SER A 64 -9.58 -2.01 -6.64
C SER A 64 -9.74 -3.36 -7.34
N ASP A 65 -8.78 -3.68 -8.21
CA ASP A 65 -8.81 -4.93 -8.95
C ASP A 65 -8.53 -6.12 -8.03
N TYR A 66 -7.86 -5.84 -6.92
CA TYR A 66 -7.51 -6.88 -5.95
C TYR A 66 -8.62 -7.05 -4.91
N SER A 67 -9.80 -6.52 -5.23
CA SER A 67 -10.94 -6.60 -4.32
C SER A 67 -10.59 -6.02 -2.96
N ILE A 68 -9.68 -5.06 -2.95
CA ILE A 68 -9.26 -4.41 -1.71
C ILE A 68 -10.01 -3.11 -1.49
N GLY A 69 -11.03 -3.15 -0.64
CA GLY A 69 -11.81 -1.95 -0.36
C GLY A 69 -11.14 -1.05 0.65
N PRO A 70 -11.91 -0.11 1.21
CA PRO A 70 -11.42 0.84 2.22
C PRO A 70 -11.10 0.16 3.55
N ASN A 71 -10.50 0.93 4.46
CA ASN A 71 -10.15 0.40 5.77
C ASN A 71 -9.55 -0.99 5.66
N SER A 72 -8.67 -1.18 4.69
CA SER A 72 -8.03 -2.47 4.46
C SER A 72 -6.59 -2.44 4.94
N LYS A 73 -6.25 -3.36 5.84
CA LYS A 73 -4.89 -3.44 6.38
C LYS A 73 -4.01 -4.31 5.48
N LEU A 74 -3.02 -3.68 4.86
CA LEU A 74 -2.11 -4.39 3.98
C LEU A 74 -0.90 -4.92 4.75
N ASN A 75 -0.22 -5.91 4.17
CA ASN A 75 0.95 -6.50 4.82
C ASN A 75 2.23 -6.14 4.06
N LEU A 76 3.24 -5.70 4.80
CA LEU A 76 4.51 -5.32 4.19
C LEU A 76 5.58 -6.36 4.48
N VAL A 77 6.44 -6.60 3.49
CA VAL A 77 7.52 -7.58 3.64
C VAL A 77 8.87 -6.98 3.29
N VAL A 78 9.89 -7.32 4.08
CA VAL A 78 11.23 -6.81 3.85
C VAL A 78 12.08 -7.81 3.10
N LYS A 79 12.64 -7.39 1.97
CA LYS A 79 13.48 -8.25 1.15
C LYS A 79 14.95 -8.11 1.54
N PRO A 80 15.71 -9.20 1.39
CA PRO A 80 17.14 -9.22 1.72
C PRO A 80 17.97 -8.39 0.75
N LEU A 81 18.70 -7.41 1.28
CA LEU A 81 19.53 -6.54 0.47
C LEU A 81 20.42 -7.36 -0.47
N GLY A 1 -6.34 22.24 -6.51
CA GLY A 1 -7.51 22.53 -7.33
C GLY A 1 -8.79 22.02 -6.69
N SER A 2 -9.41 21.04 -7.33
CA SER A 2 -10.66 20.47 -6.84
C SER A 2 -10.42 19.12 -6.18
N SER A 3 -10.18 19.13 -4.87
CA SER A 3 -9.92 17.91 -4.13
C SER A 3 -11.04 16.88 -4.37
N GLY A 4 -10.65 15.63 -4.55
CA GLY A 4 -11.62 14.57 -4.78
C GLY A 4 -12.19 14.01 -3.50
N SER A 5 -13.49 13.74 -3.50
CA SER A 5 -14.17 13.21 -2.33
C SER A 5 -13.86 11.72 -2.15
N SER A 6 -14.00 10.97 -3.24
CA SER A 6 -13.74 9.54 -3.21
C SER A 6 -12.33 9.24 -2.71
N GLY A 7 -12.23 8.40 -1.68
CA GLY A 7 -10.94 8.05 -1.13
C GLY A 7 -11.04 7.08 0.03
N MET A 8 -9.97 6.33 0.27
CA MET A 8 -9.95 5.36 1.36
C MET A 8 -8.63 5.40 2.10
N GLN A 9 -8.62 4.86 3.31
CA GLN A 9 -7.41 4.83 4.13
C GLN A 9 -6.80 3.43 4.16
N LEU A 10 -5.47 3.38 4.06
CA LEU A 10 -4.76 2.11 4.07
C LEU A 10 -3.67 2.10 5.13
N THR A 11 -3.66 1.06 5.95
CA THR A 11 -2.66 0.93 7.01
C THR A 11 -1.66 -0.18 6.71
N VAL A 12 -0.46 0.21 6.31
CA VAL A 12 0.59 -0.76 5.98
C VAL A 12 1.38 -1.16 7.22
N LYS A 13 1.22 -2.42 7.62
CA LYS A 13 1.93 -2.93 8.80
C LYS A 13 3.02 -3.91 8.39
N ALA A 14 4.17 -3.80 9.05
CA ALA A 14 5.30 -4.68 8.76
C ALA A 14 5.48 -5.73 9.86
N LEU A 15 5.37 -7.00 9.48
CA LEU A 15 5.51 -8.09 10.44
C LEU A 15 6.55 -7.75 11.50
N GLN A 16 6.17 -7.88 12.76
CA GLN A 16 7.07 -7.60 13.87
C GLN A 16 7.98 -6.43 13.53
N GLY A 17 7.40 -5.37 12.97
CA GLY A 17 8.19 -4.20 12.61
C GLY A 17 7.44 -2.91 12.86
N ARG A 18 7.35 -2.07 11.82
CA ARG A 18 6.66 -0.79 11.94
C ARG A 18 5.45 -0.75 11.01
N GLU A 19 4.69 0.34 11.10
CA GLU A 19 3.50 0.51 10.27
C GLU A 19 3.23 1.98 10.00
N CYS A 20 2.24 2.25 9.15
CA CYS A 20 1.89 3.63 8.81
C CYS A 20 0.61 3.66 7.98
N SER A 21 -0.20 4.70 8.20
CA SER A 21 -1.46 4.85 7.47
C SER A 21 -1.39 6.00 6.48
N LEU A 22 -2.12 5.88 5.38
CA LEU A 22 -2.14 6.92 4.36
C LEU A 22 -3.51 7.00 3.68
N GLN A 23 -3.73 8.07 2.94
CA GLN A 23 -5.00 8.26 2.24
C GLN A 23 -4.82 8.09 0.73
N VAL A 24 -5.66 7.23 0.15
CA VAL A 24 -5.60 6.98 -1.29
C VAL A 24 -6.91 6.38 -1.79
N PRO A 25 -7.22 6.63 -3.07
CA PRO A 25 -8.44 6.12 -3.70
C PRO A 25 -8.39 4.61 -3.92
N GLU A 26 -9.46 4.06 -4.49
CA GLU A 26 -9.53 2.63 -4.75
C GLU A 26 -8.88 2.28 -6.09
N ASP A 27 -8.92 3.22 -7.01
CA ASP A 27 -8.33 3.02 -8.34
C ASP A 27 -6.87 3.46 -8.36
N GLU A 28 -6.27 3.55 -7.19
CA GLU A 28 -4.87 3.96 -7.07
C GLU A 28 -3.94 2.88 -7.58
N LEU A 29 -2.92 3.28 -8.33
CA LEU A 29 -1.96 2.35 -8.88
C LEU A 29 -1.06 1.77 -7.79
N VAL A 30 -0.87 0.46 -7.81
CA VAL A 30 -0.04 -0.21 -6.81
C VAL A 30 1.34 0.43 -6.75
N SER A 31 1.78 1.01 -7.86
CA SER A 31 3.09 1.66 -7.92
C SER A 31 3.13 2.89 -7.01
N THR A 32 2.08 3.70 -7.09
CA THR A 32 1.99 4.91 -6.28
C THR A 32 1.63 4.57 -4.83
N LEU A 33 1.04 3.41 -4.62
CA LEU A 33 0.65 2.97 -3.28
C LEU A 33 1.86 2.51 -2.48
N LYS A 34 2.90 2.10 -3.19
CA LYS A 34 4.13 1.65 -2.55
C LYS A 34 5.10 2.79 -2.35
N GLN A 35 5.17 3.68 -3.33
CA GLN A 35 6.07 4.84 -3.26
C GLN A 35 5.70 5.74 -2.08
N LEU A 36 4.42 6.07 -1.97
CA LEU A 36 3.94 6.92 -0.89
C LEU A 36 4.55 6.51 0.44
N VAL A 37 4.58 5.20 0.69
CA VAL A 37 5.14 4.67 1.93
C VAL A 37 6.67 4.59 1.86
N SER A 38 7.19 4.37 0.65
CA SER A 38 8.62 4.26 0.44
C SER A 38 9.34 5.47 1.03
N GLU A 39 8.62 6.59 1.15
CA GLU A 39 9.19 7.80 1.71
C GLU A 39 8.95 7.89 3.22
N LYS A 40 7.71 7.62 3.61
CA LYS A 40 7.34 7.67 5.03
C LYS A 40 8.36 6.91 5.88
N LEU A 41 8.50 5.62 5.61
CA LEU A 41 9.45 4.78 6.35
C LEU A 41 10.86 4.92 5.78
N ASN A 42 10.98 5.66 4.68
CA ASN A 42 12.27 5.86 4.04
C ASN A 42 12.83 4.54 3.51
N VAL A 43 11.94 3.66 3.07
CA VAL A 43 12.33 2.36 2.53
C VAL A 43 12.07 2.28 1.03
N PRO A 44 13.02 1.69 0.29
CA PRO A 44 12.90 1.53 -1.16
C PRO A 44 11.82 0.52 -1.55
N VAL A 45 11.02 0.89 -2.54
CA VAL A 45 9.95 0.00 -3.01
C VAL A 45 10.51 -1.29 -3.59
N ARG A 46 11.72 -1.21 -4.15
CA ARG A 46 12.36 -2.36 -4.74
C ARG A 46 12.54 -3.48 -3.70
N GLN A 47 12.32 -3.13 -2.44
CA GLN A 47 12.46 -4.09 -1.35
C GLN A 47 11.12 -4.36 -0.69
N GLN A 48 10.58 -3.36 -0.02
CA GLN A 48 9.30 -3.48 0.67
C GLN A 48 8.23 -4.01 -0.28
N ARG A 49 7.52 -5.05 0.15
CA ARG A 49 6.47 -5.65 -0.68
C ARG A 49 5.12 -5.53 0.02
N LEU A 50 4.06 -5.44 -0.78
CA LEU A 50 2.71 -5.32 -0.24
C LEU A 50 1.94 -6.63 -0.42
N LEU A 51 1.16 -6.99 0.60
CA LEU A 51 0.37 -8.21 0.55
C LEU A 51 -1.05 -7.96 1.03
N PHE A 52 -2.01 -8.70 0.46
CA PHE A 52 -3.41 -8.56 0.83
C PHE A 52 -4.06 -9.92 1.03
N LYS A 53 -4.35 -10.26 2.28
CA LYS A 53 -4.96 -11.54 2.61
C LYS A 53 -4.19 -12.70 2.00
N GLY A 54 -2.89 -12.50 1.83
CA GLY A 54 -2.05 -13.54 1.25
C GLY A 54 -2.00 -13.47 -0.26
N LYS A 55 -2.32 -12.31 -0.82
CA LYS A 55 -2.31 -12.11 -2.25
C LYS A 55 -1.20 -11.16 -2.67
N ALA A 56 -0.31 -11.64 -3.53
CA ALA A 56 0.80 -10.83 -4.02
C ALA A 56 0.34 -9.81 -5.04
N LEU A 57 0.55 -8.53 -4.73
CA LEU A 57 0.15 -7.45 -5.63
C LEU A 57 1.24 -7.17 -6.67
N ALA A 58 0.81 -6.81 -7.87
CA ALA A 58 1.75 -6.51 -8.95
C ALA A 58 1.75 -5.02 -9.27
N ASP A 59 2.94 -4.42 -9.28
CA ASP A 59 3.09 -3.00 -9.58
C ASP A 59 2.36 -2.64 -10.87
N GLY A 60 1.78 -1.44 -10.89
CA GLY A 60 1.05 -1.00 -12.08
C GLY A 60 -0.45 -1.18 -11.94
N LYS A 61 -0.86 -2.38 -11.56
CA LYS A 61 -2.28 -2.68 -11.39
C LYS A 61 -2.93 -1.72 -10.38
N ARG A 62 -4.22 -1.89 -10.17
CA ARG A 62 -4.96 -1.04 -9.25
C ARG A 62 -5.59 -1.87 -8.13
N LEU A 63 -5.58 -1.32 -6.92
CA LEU A 63 -6.15 -2.01 -5.77
C LEU A 63 -7.59 -2.45 -6.05
N SER A 64 -8.35 -1.57 -6.72
CA SER A 64 -9.73 -1.86 -7.04
C SER A 64 -9.84 -3.15 -7.87
N ASP A 65 -8.73 -3.55 -8.47
CA ASP A 65 -8.69 -4.76 -9.28
C ASP A 65 -8.45 -5.99 -8.41
N TYR A 66 -7.76 -5.79 -7.31
CA TYR A 66 -7.45 -6.89 -6.39
C TYR A 66 -8.57 -7.08 -5.38
N SER A 67 -9.70 -6.42 -5.62
CA SER A 67 -10.85 -6.51 -4.73
C SER A 67 -10.52 -5.97 -3.34
N ILE A 68 -9.60 -5.00 -3.31
CA ILE A 68 -9.19 -4.39 -2.05
C ILE A 68 -9.87 -3.04 -1.84
N GLY A 69 -10.90 -3.02 -1.00
CA GLY A 69 -11.62 -1.80 -0.72
C GLY A 69 -10.99 -1.01 0.40
N PRO A 70 -11.80 -0.13 1.03
CA PRO A 70 -11.34 0.72 2.13
C PRO A 70 -11.07 -0.09 3.40
N ASN A 71 -10.58 0.59 4.43
CA ASN A 71 -10.28 -0.06 5.70
C ASN A 71 -9.55 -1.39 5.48
N SER A 72 -8.63 -1.39 4.51
CA SER A 72 -7.87 -2.59 4.20
C SER A 72 -6.48 -2.53 4.81
N LYS A 73 -6.09 -3.58 5.52
CA LYS A 73 -4.79 -3.65 6.15
C LYS A 73 -3.80 -4.44 5.30
N LEU A 74 -2.84 -3.73 4.70
CA LEU A 74 -1.84 -4.37 3.86
C LEU A 74 -0.62 -4.77 4.67
N ASN A 75 0.04 -5.86 4.26
CA ASN A 75 1.22 -6.34 4.96
C ASN A 75 2.49 -5.93 4.22
N LEU A 76 3.50 -5.51 4.97
CA LEU A 76 4.77 -5.08 4.38
C LEU A 76 5.85 -6.13 4.61
N VAL A 77 6.51 -6.54 3.53
CA VAL A 77 7.56 -7.54 3.60
C VAL A 77 8.90 -6.96 3.12
N VAL A 78 9.96 -7.28 3.85
CA VAL A 78 11.30 -6.80 3.49
C VAL A 78 12.07 -7.86 2.72
N LYS A 79 12.36 -7.57 1.46
CA LYS A 79 13.11 -8.50 0.61
C LYS A 79 14.61 -8.27 0.75
N PRO A 80 15.40 -9.32 0.48
CA PRO A 80 16.86 -9.27 0.57
C PRO A 80 17.48 -8.40 -0.53
N LEU A 81 18.43 -7.57 -0.15
CA LEU A 81 19.10 -6.69 -1.11
C LEU A 81 20.27 -7.41 -1.79
N GLY A 1 -17.04 24.03 6.72
CA GLY A 1 -17.42 22.86 7.48
C GLY A 1 -18.06 21.78 6.63
N SER A 2 -17.35 21.36 5.59
CA SER A 2 -17.87 20.33 4.68
C SER A 2 -17.25 18.98 5.00
N SER A 3 -18.10 17.94 5.02
CA SER A 3 -17.64 16.59 5.31
C SER A 3 -18.08 15.62 4.22
N GLY A 4 -17.14 14.85 3.72
CA GLY A 4 -17.44 13.88 2.67
C GLY A 4 -16.56 14.05 1.45
N SER A 5 -15.48 13.26 1.39
CA SER A 5 -14.55 13.32 0.28
C SER A 5 -14.18 11.92 -0.20
N SER A 6 -13.93 11.80 -1.51
CA SER A 6 -13.57 10.51 -2.09
C SER A 6 -12.20 10.05 -1.60
N GLY A 7 -12.02 8.73 -1.53
CA GLY A 7 -10.76 8.19 -1.06
C GLY A 7 -10.94 7.18 0.05
N MET A 8 -9.89 6.41 0.31
CA MET A 8 -9.94 5.39 1.36
C MET A 8 -8.64 5.41 2.19
N GLN A 9 -8.75 4.94 3.43
CA GLN A 9 -7.59 4.90 4.33
C GLN A 9 -6.98 3.50 4.35
N LEU A 10 -5.66 3.44 4.22
CA LEU A 10 -4.95 2.16 4.24
C LEU A 10 -3.85 2.16 5.31
N THR A 11 -3.73 1.04 6.01
CA THR A 11 -2.72 0.91 7.05
C THR A 11 -1.74 -0.21 6.74
N VAL A 12 -0.52 0.16 6.36
CA VAL A 12 0.51 -0.83 6.02
C VAL A 12 1.23 -1.30 7.28
N LYS A 13 1.10 -2.60 7.57
CA LYS A 13 1.74 -3.18 8.75
C LYS A 13 2.80 -4.19 8.33
N ALA A 14 4.02 -4.01 8.85
CA ALA A 14 5.12 -4.91 8.54
C ALA A 14 5.21 -6.04 9.55
N LEU A 15 5.18 -7.27 9.05
CA LEU A 15 5.26 -8.45 9.91
C LEU A 15 6.23 -8.22 11.07
N GLN A 16 5.69 -8.13 12.27
CA GLN A 16 6.50 -7.91 13.46
C GLN A 16 7.53 -6.80 13.23
N GLY A 17 7.07 -5.70 12.66
CA GLY A 17 7.96 -4.58 12.38
C GLY A 17 7.29 -3.24 12.63
N ARG A 18 7.35 -2.37 11.62
CA ARG A 18 6.76 -1.04 11.73
C ARG A 18 5.47 -0.95 10.92
N GLU A 19 4.87 0.23 10.89
CA GLU A 19 3.63 0.45 10.15
C GLU A 19 3.42 1.93 9.85
N CYS A 20 2.42 2.23 9.03
CA CYS A 20 2.13 3.61 8.67
C CYS A 20 0.81 3.69 7.90
N SER A 21 0.02 4.71 8.19
CA SER A 21 -1.27 4.90 7.52
C SER A 21 -1.16 5.95 6.42
N LEU A 22 -2.01 5.81 5.40
CA LEU A 22 -2.01 6.75 4.28
C LEU A 22 -3.41 6.90 3.71
N GLN A 23 -3.62 7.97 2.95
CA GLN A 23 -4.92 8.23 2.34
C GLN A 23 -4.83 8.13 0.82
N VAL A 24 -5.44 7.09 0.27
CA VAL A 24 -5.44 6.87 -1.17
C VAL A 24 -6.74 6.23 -1.63
N PRO A 25 -7.14 6.53 -2.88
CA PRO A 25 -8.37 6.00 -3.47
C PRO A 25 -8.28 4.50 -3.75
N GLU A 26 -9.32 3.95 -4.36
CA GLU A 26 -9.36 2.52 -4.69
C GLU A 26 -8.78 2.27 -6.08
N ASP A 27 -9.00 3.23 -6.98
CA ASP A 27 -8.50 3.10 -8.35
C ASP A 27 -7.05 3.58 -8.45
N GLU A 28 -6.36 3.58 -7.31
CA GLU A 28 -4.97 4.03 -7.28
C GLU A 28 -4.04 2.94 -7.83
N LEU A 29 -2.97 3.36 -8.50
CA LEU A 29 -2.01 2.43 -9.08
C LEU A 29 -1.08 1.88 -8.00
N VAL A 30 -0.96 0.56 -7.95
CA VAL A 30 -0.10 -0.09 -6.97
C VAL A 30 1.30 0.50 -6.99
N SER A 31 1.70 1.02 -8.14
CA SER A 31 3.03 1.62 -8.30
C SER A 31 3.13 2.90 -7.49
N THR A 32 2.03 3.64 -7.41
CA THR A 32 2.00 4.90 -6.67
C THR A 32 1.69 4.66 -5.21
N LEU A 33 1.02 3.55 -4.92
CA LEU A 33 0.65 3.21 -3.54
C LEU A 33 1.87 2.76 -2.76
N LYS A 34 2.88 2.26 -3.47
CA LYS A 34 4.11 1.80 -2.84
C LYS A 34 5.08 2.95 -2.61
N GLN A 35 5.32 3.73 -3.66
CA GLN A 35 6.22 4.87 -3.57
C GLN A 35 5.86 5.77 -2.40
N LEU A 36 4.57 5.87 -2.11
CA LEU A 36 4.09 6.69 -1.00
C LEU A 36 4.60 6.16 0.34
N VAL A 37 4.44 4.86 0.54
CA VAL A 37 4.89 4.22 1.78
C VAL A 37 6.40 4.34 1.94
N SER A 38 7.12 4.34 0.83
CA SER A 38 8.57 4.45 0.85
C SER A 38 9.01 5.65 1.68
N GLU A 39 8.45 6.82 1.35
CA GLU A 39 8.79 8.05 2.07
C GLU A 39 8.25 8.02 3.49
N LYS A 40 7.12 7.33 3.67
CA LYS A 40 6.49 7.22 4.98
C LYS A 40 7.43 6.56 5.99
N LEU A 41 8.04 5.45 5.58
CA LEU A 41 8.98 4.73 6.44
C LEU A 41 10.42 4.95 5.99
N ASN A 42 10.60 5.82 5.00
CA ASN A 42 11.92 6.12 4.49
C ASN A 42 12.61 4.86 3.97
N VAL A 43 11.80 3.90 3.53
CA VAL A 43 12.32 2.64 3.00
C VAL A 43 12.11 2.55 1.49
N PRO A 44 13.14 2.04 0.78
CA PRO A 44 13.09 1.90 -0.68
C PRO A 44 12.11 0.81 -1.12
N VAL A 45 11.22 1.16 -2.04
CA VAL A 45 10.23 0.22 -2.54
C VAL A 45 10.88 -1.11 -2.93
N ARG A 46 12.15 -1.04 -3.33
CA ARG A 46 12.89 -2.24 -3.73
C ARG A 46 12.83 -3.30 -2.63
N GLN A 47 12.98 -2.87 -1.38
CA GLN A 47 12.95 -3.78 -0.24
C GLN A 47 11.51 -4.07 0.18
N GLN A 48 10.88 -3.08 0.82
CA GLN A 48 9.51 -3.23 1.28
C GLN A 48 8.62 -3.81 0.19
N ARG A 49 7.69 -4.68 0.57
CA ARG A 49 6.78 -5.30 -0.40
C ARG A 49 5.37 -5.36 0.17
N LEU A 50 4.39 -5.01 -0.67
CA LEU A 50 2.99 -5.03 -0.26
C LEU A 50 2.35 -6.38 -0.55
N LEU A 51 1.55 -6.87 0.39
CA LEU A 51 0.88 -8.15 0.23
C LEU A 51 -0.55 -8.09 0.76
N PHE A 52 -1.46 -8.75 0.05
CA PHE A 52 -2.88 -8.76 0.44
C PHE A 52 -3.42 -10.18 0.45
N LYS A 53 -3.81 -10.65 1.63
CA LYS A 53 -4.35 -12.00 1.77
C LYS A 53 -3.42 -13.04 1.14
N GLY A 54 -2.13 -12.70 1.09
CA GLY A 54 -1.16 -13.62 0.51
C GLY A 54 -1.02 -13.44 -0.99
N LYS A 55 -1.47 -12.30 -1.49
CA LYS A 55 -1.40 -12.01 -2.92
C LYS A 55 -0.32 -10.97 -3.22
N ALA A 56 0.56 -11.28 -4.17
CA ALA A 56 1.63 -10.37 -4.54
C ALA A 56 1.16 -9.35 -5.56
N LEU A 57 1.18 -8.08 -5.17
CA LEU A 57 0.76 -7.01 -6.06
C LEU A 57 1.82 -6.69 -7.10
N ALA A 58 1.40 -6.15 -8.23
CA ALA A 58 2.32 -5.80 -9.30
C ALA A 58 2.22 -4.32 -9.65
N ASP A 59 3.37 -3.64 -9.66
CA ASP A 59 3.42 -2.22 -9.96
C ASP A 59 2.78 -1.94 -11.33
N GLY A 60 1.57 -1.39 -11.31
CA GLY A 60 0.88 -1.08 -12.55
C GLY A 60 -0.62 -1.26 -12.43
N LYS A 61 -1.05 -2.29 -11.70
CA LYS A 61 -2.46 -2.57 -11.51
C LYS A 61 -3.07 -1.60 -10.49
N ARG A 62 -4.34 -1.82 -10.18
CA ARG A 62 -5.05 -0.96 -9.22
C ARG A 62 -5.69 -1.80 -8.12
N LEU A 63 -5.53 -1.36 -6.88
CA LEU A 63 -6.10 -2.05 -5.73
C LEU A 63 -7.52 -2.48 -6.01
N SER A 64 -8.29 -1.61 -6.67
CA SER A 64 -9.67 -1.89 -6.99
C SER A 64 -9.81 -3.26 -7.67
N ASP A 65 -8.88 -3.55 -8.58
CA ASP A 65 -8.89 -4.82 -9.29
C ASP A 65 -8.71 -5.99 -8.34
N TYR A 66 -7.93 -5.76 -7.28
CA TYR A 66 -7.66 -6.79 -6.29
C TYR A 66 -8.82 -6.91 -5.30
N SER A 67 -9.93 -6.25 -5.62
CA SER A 67 -11.10 -6.28 -4.75
C SER A 67 -10.77 -5.76 -3.35
N ILE A 68 -9.82 -4.83 -3.28
CA ILE A 68 -9.41 -4.25 -2.01
C ILE A 68 -10.09 -2.91 -1.77
N GLY A 69 -11.16 -2.94 -0.99
CA GLY A 69 -11.89 -1.72 -0.68
C GLY A 69 -11.25 -0.93 0.45
N PRO A 70 -12.04 -0.04 1.07
CA PRO A 70 -11.57 0.79 2.17
C PRO A 70 -11.31 -0.01 3.44
N ASN A 71 -10.72 0.64 4.45
CA ASN A 71 -10.42 -0.02 5.71
C ASN A 71 -9.76 -1.37 5.47
N SER A 72 -8.76 -1.39 4.58
CA SER A 72 -8.05 -2.61 4.26
C SER A 72 -6.64 -2.59 4.84
N LYS A 73 -6.25 -3.67 5.51
CA LYS A 73 -4.92 -3.76 6.12
C LYS A 73 -3.96 -4.48 5.18
N LEU A 74 -2.91 -3.78 4.78
CA LEU A 74 -1.91 -4.35 3.88
C LEU A 74 -0.70 -4.87 4.67
N ASN A 75 -0.06 -5.90 4.14
CA ASN A 75 1.10 -6.49 4.80
C ASN A 75 2.39 -6.05 4.12
N LEU A 76 3.36 -5.61 4.92
CA LEU A 76 4.64 -5.15 4.40
C LEU A 76 5.74 -6.17 4.68
N VAL A 77 6.48 -6.53 3.64
CA VAL A 77 7.56 -7.51 3.77
C VAL A 77 8.91 -6.87 3.47
N VAL A 78 9.93 -7.25 4.22
CA VAL A 78 11.27 -6.71 4.03
C VAL A 78 12.21 -7.77 3.47
N LYS A 79 12.60 -7.63 2.21
CA LYS A 79 13.50 -8.57 1.58
C LYS A 79 14.91 -8.46 2.15
N PRO A 80 15.59 -9.62 2.27
CA PRO A 80 16.95 -9.67 2.80
C PRO A 80 17.97 -9.04 1.86
N LEU A 81 19.06 -8.53 2.42
CA LEU A 81 20.11 -7.91 1.62
C LEU A 81 21.09 -8.95 1.10
N GLY A 1 -16.53 9.46 -7.14
CA GLY A 1 -16.12 9.52 -8.52
C GLY A 1 -16.61 10.76 -9.22
N SER A 2 -17.84 10.72 -9.73
CA SER A 2 -18.43 11.86 -10.42
C SER A 2 -18.58 13.05 -9.49
N SER A 3 -17.83 14.12 -9.76
CA SER A 3 -17.87 15.32 -8.94
C SER A 3 -17.71 14.99 -7.46
N GLY A 4 -16.73 14.14 -7.17
CA GLY A 4 -16.47 13.74 -5.79
C GLY A 4 -15.00 13.55 -5.51
N SER A 5 -14.46 14.40 -4.64
CA SER A 5 -13.04 14.32 -4.28
C SER A 5 -12.86 13.61 -2.95
N SER A 6 -12.50 12.33 -3.01
CA SER A 6 -12.29 11.54 -1.81
C SER A 6 -11.69 10.17 -2.15
N GLY A 7 -11.16 9.49 -1.15
CA GLY A 7 -10.56 8.19 -1.36
C GLY A 7 -10.76 7.25 -0.18
N MET A 8 -9.70 6.56 0.20
CA MET A 8 -9.76 5.63 1.33
C MET A 8 -8.45 5.62 2.10
N GLN A 9 -8.50 5.12 3.34
CA GLN A 9 -7.32 5.06 4.18
C GLN A 9 -6.75 3.64 4.22
N LEU A 10 -5.45 3.52 3.94
CA LEU A 10 -4.78 2.22 3.95
C LEU A 10 -3.82 2.11 5.13
N THR A 11 -3.83 0.96 5.79
CA THR A 11 -2.96 0.73 6.93
C THR A 11 -1.94 -0.38 6.63
N VAL A 12 -0.72 0.03 6.32
CA VAL A 12 0.35 -0.93 6.02
C VAL A 12 1.13 -1.29 7.28
N LYS A 13 0.93 -2.51 7.76
CA LYS A 13 1.62 -2.98 8.95
C LYS A 13 2.82 -3.85 8.58
N ALA A 14 3.95 -3.60 9.21
CA ALA A 14 5.17 -4.36 8.94
C ALA A 14 5.21 -5.63 9.79
N LEU A 15 5.21 -6.78 9.12
CA LEU A 15 5.25 -8.07 9.82
C LEU A 15 6.08 -7.97 11.11
N GLN A 16 7.39 -7.82 10.94
CA GLN A 16 8.29 -7.72 12.09
C GLN A 16 8.93 -6.34 12.15
N GLY A 17 8.15 -5.30 11.83
CA GLY A 17 8.66 -3.95 11.86
C GLY A 17 7.68 -2.96 12.45
N ARG A 18 7.43 -1.87 11.73
CA ARG A 18 6.50 -0.85 12.19
C ARG A 18 5.28 -0.76 11.27
N GLU A 19 4.32 0.08 11.65
CA GLU A 19 3.12 0.26 10.86
C GLU A 19 2.99 1.70 10.35
N CYS A 20 2.20 1.88 9.31
CA CYS A 20 1.99 3.21 8.73
C CYS A 20 0.67 3.29 7.99
N SER A 21 -0.01 4.43 8.12
CA SER A 21 -1.30 4.62 7.46
C SER A 21 -1.23 5.77 6.45
N LEU A 22 -1.78 5.54 5.26
CA LEU A 22 -1.77 6.54 4.21
C LEU A 22 -3.19 6.76 3.66
N GLN A 23 -3.37 7.87 2.96
CA GLN A 23 -4.67 8.19 2.37
C GLN A 23 -4.62 8.08 0.85
N VAL A 24 -5.29 7.06 0.31
CA VAL A 24 -5.33 6.85 -1.13
C VAL A 24 -6.69 6.34 -1.58
N PRO A 25 -7.04 6.61 -2.85
CA PRO A 25 -8.32 6.18 -3.43
C PRO A 25 -8.39 4.68 -3.63
N GLU A 26 -9.54 4.19 -4.05
CA GLU A 26 -9.74 2.77 -4.28
C GLU A 26 -9.08 2.33 -5.58
N ASP A 27 -9.30 3.10 -6.64
CA ASP A 27 -8.72 2.78 -7.94
C ASP A 27 -7.31 3.34 -8.05
N GLU A 28 -6.61 3.40 -6.92
CA GLU A 28 -5.24 3.91 -6.89
C GLU A 28 -4.29 2.95 -7.59
N LEU A 29 -3.23 3.50 -8.17
CA LEU A 29 -2.23 2.69 -8.87
C LEU A 29 -1.19 2.14 -7.90
N VAL A 30 -0.99 0.83 -7.94
CA VAL A 30 -0.02 0.18 -7.07
C VAL A 30 1.34 0.85 -7.15
N SER A 31 1.61 1.47 -8.31
CA SER A 31 2.88 2.14 -8.53
C SER A 31 3.04 3.33 -7.58
N THR A 32 1.94 4.01 -7.31
CA THR A 32 1.94 5.17 -6.42
C THR A 32 1.71 4.75 -4.97
N LEU A 33 1.04 3.62 -4.78
CA LEU A 33 0.76 3.10 -3.45
C LEU A 33 2.04 2.61 -2.78
N LYS A 34 3.05 2.32 -3.59
CA LYS A 34 4.32 1.84 -3.08
C LYS A 34 5.28 3.00 -2.82
N GLN A 35 5.25 4.00 -3.70
CA GLN A 35 6.11 5.17 -3.58
C GLN A 35 5.68 6.03 -2.40
N LEU A 36 4.40 5.95 -2.06
CA LEU A 36 3.86 6.74 -0.95
C LEU A 36 4.38 6.21 0.40
N VAL A 37 4.42 4.89 0.53
CA VAL A 37 4.90 4.27 1.76
C VAL A 37 6.42 4.31 1.85
N SER A 38 7.07 4.34 0.68
CA SER A 38 8.52 4.39 0.63
C SER A 38 9.08 5.42 1.61
N GLU A 39 8.58 6.65 1.51
CA GLU A 39 9.02 7.73 2.39
C GLU A 39 8.54 7.50 3.81
N LYS A 40 7.28 7.08 3.94
CA LYS A 40 6.70 6.83 5.25
C LYS A 40 7.68 6.08 6.15
N LEU A 41 8.11 4.91 5.71
CA LEU A 41 9.04 4.09 6.47
C LEU A 41 10.48 4.33 6.00
N ASN A 42 10.62 5.06 4.90
CA ASN A 42 11.93 5.36 4.34
C ASN A 42 12.54 4.13 3.68
N VAL A 43 11.67 3.28 3.12
CA VAL A 43 12.12 2.07 2.44
C VAL A 43 11.95 2.18 0.94
N PRO A 44 12.94 1.69 0.19
CA PRO A 44 12.92 1.72 -1.28
C PRO A 44 11.88 0.77 -1.87
N VAL A 45 11.20 1.22 -2.91
CA VAL A 45 10.18 0.41 -3.57
C VAL A 45 10.75 -0.93 -4.03
N ARG A 46 12.07 -0.98 -4.19
CA ARG A 46 12.74 -2.20 -4.62
C ARG A 46 12.82 -3.21 -3.48
N GLN A 47 12.66 -2.73 -2.26
CA GLN A 47 12.71 -3.58 -1.08
C GLN A 47 11.32 -3.89 -0.56
N GLN A 48 10.68 -2.88 0.03
CA GLN A 48 9.33 -3.04 0.57
C GLN A 48 8.49 -3.95 -0.32
N ARG A 49 7.68 -4.80 0.30
CA ARG A 49 6.82 -5.72 -0.44
C ARG A 49 5.38 -5.62 0.04
N LEU A 50 4.48 -5.37 -0.89
CA LEU A 50 3.06 -5.25 -0.57
C LEU A 50 2.36 -6.61 -0.64
N LEU A 51 1.53 -6.90 0.35
CA LEU A 51 0.81 -8.17 0.40
C LEU A 51 -0.61 -7.97 0.97
N PHE A 52 -1.57 -8.64 0.37
CA PHE A 52 -2.96 -8.55 0.82
C PHE A 52 -3.56 -9.93 1.05
N LYS A 53 -3.85 -10.24 2.30
CA LYS A 53 -4.44 -11.53 2.66
C LYS A 53 -3.68 -12.67 1.98
N GLY A 54 -2.39 -12.44 1.70
CA GLY A 54 -1.59 -13.45 1.06
C GLY A 54 -1.59 -13.33 -0.45
N LYS A 55 -1.88 -12.13 -0.94
CA LYS A 55 -1.92 -11.88 -2.38
C LYS A 55 -0.78 -10.95 -2.80
N ALA A 56 0.02 -11.39 -3.75
CA ALA A 56 1.14 -10.60 -4.24
C ALA A 56 0.68 -9.59 -5.29
N LEU A 57 0.77 -8.31 -4.95
CA LEU A 57 0.36 -7.24 -5.85
C LEU A 57 1.46 -6.95 -6.87
N ALA A 58 1.07 -6.37 -8.01
CA ALA A 58 2.01 -6.03 -9.07
C ALA A 58 1.86 -4.58 -9.49
N ASP A 59 2.99 -3.89 -9.64
CA ASP A 59 2.98 -2.49 -10.05
C ASP A 59 2.16 -2.30 -11.32
N GLY A 60 1.46 -1.17 -11.41
CA GLY A 60 0.65 -0.89 -12.57
C GLY A 60 -0.83 -1.17 -12.33
N LYS A 61 -1.12 -2.29 -11.68
CA LYS A 61 -2.49 -2.67 -11.38
C LYS A 61 -3.10 -1.75 -10.32
N ARG A 62 -4.39 -1.91 -10.08
CA ARG A 62 -5.09 -1.11 -9.08
C ARG A 62 -5.66 -1.98 -7.97
N LEU A 63 -5.48 -1.55 -6.73
CA LEU A 63 -5.98 -2.29 -5.58
C LEU A 63 -7.41 -2.77 -5.81
N SER A 64 -8.22 -1.91 -6.42
CA SER A 64 -9.61 -2.24 -6.70
C SER A 64 -9.72 -3.58 -7.42
N ASP A 65 -8.76 -3.85 -8.31
CA ASP A 65 -8.74 -5.10 -9.06
C ASP A 65 -8.43 -6.28 -8.15
N TYR A 66 -7.78 -5.99 -7.02
CA TYR A 66 -7.43 -7.03 -6.06
C TYR A 66 -8.52 -7.19 -5.01
N SER A 67 -9.70 -6.68 -5.31
CA SER A 67 -10.83 -6.76 -4.38
C SER A 67 -10.47 -6.13 -3.04
N ILE A 68 -9.76 -5.02 -3.08
CA ILE A 68 -9.35 -4.31 -1.87
C ILE A 68 -10.09 -2.99 -1.72
N GLY A 69 -11.10 -2.98 -0.85
CA GLY A 69 -11.87 -1.77 -0.64
C GLY A 69 -11.25 -0.86 0.40
N PRO A 70 -12.06 0.06 0.95
CA PRO A 70 -11.60 1.01 1.96
C PRO A 70 -11.29 0.33 3.30
N ASN A 71 -10.66 1.07 4.21
CA ASN A 71 -10.32 0.55 5.52
C ASN A 71 -9.70 -0.85 5.40
N SER A 72 -8.71 -0.97 4.52
CA SER A 72 -8.04 -2.25 4.30
C SER A 72 -6.65 -2.24 4.94
N LYS A 73 -6.27 -3.38 5.50
CA LYS A 73 -4.96 -3.51 6.14
C LYS A 73 -4.00 -4.29 5.26
N LEU A 74 -3.00 -3.61 4.72
CA LEU A 74 -2.01 -4.25 3.86
C LEU A 74 -0.79 -4.69 4.67
N ASN A 75 -0.17 -5.79 4.24
CA ASN A 75 1.00 -6.32 4.93
C ASN A 75 2.28 -5.97 4.17
N LEU A 76 3.28 -5.49 4.90
CA LEU A 76 4.55 -5.11 4.30
C LEU A 76 5.65 -6.12 4.67
N VAL A 77 6.46 -6.50 3.68
CA VAL A 77 7.54 -7.45 3.91
C VAL A 77 8.85 -6.92 3.32
N VAL A 78 9.94 -7.12 4.07
CA VAL A 78 11.25 -6.67 3.62
C VAL A 78 12.00 -7.79 2.89
N LYS A 79 12.48 -7.50 1.69
CA LYS A 79 13.22 -8.47 0.90
C LYS A 79 14.72 -8.33 1.11
N PRO A 80 15.44 -9.45 1.08
CA PRO A 80 16.89 -9.47 1.26
C PRO A 80 17.63 -8.86 0.08
N LEU A 81 18.66 -8.07 0.37
CA LEU A 81 19.44 -7.42 -0.67
C LEU A 81 19.82 -8.41 -1.78
N GLY A 1 -15.43 16.75 -6.18
CA GLY A 1 -14.81 18.03 -6.49
C GLY A 1 -13.34 18.07 -6.13
N SER A 2 -12.72 19.21 -6.34
CA SER A 2 -11.30 19.38 -6.05
C SER A 2 -11.02 19.05 -4.58
N SER A 3 -11.61 19.81 -3.68
CA SER A 3 -11.42 19.61 -2.25
C SER A 3 -11.92 18.23 -1.82
N GLY A 4 -11.38 17.71 -0.73
CA GLY A 4 -11.78 16.41 -0.24
C GLY A 4 -10.94 15.29 -0.80
N SER A 5 -11.51 14.52 -1.73
CA SER A 5 -10.80 13.41 -2.35
C SER A 5 -10.16 12.52 -1.28
N SER A 6 -10.93 12.18 -0.25
CA SER A 6 -10.44 11.34 0.83
C SER A 6 -10.24 9.90 0.36
N GLY A 7 -11.10 9.47 -0.56
CA GLY A 7 -11.01 8.12 -1.08
C GLY A 7 -11.10 7.07 0.02
N MET A 8 -9.97 6.44 0.33
CA MET A 8 -9.93 5.42 1.36
C MET A 8 -8.60 5.43 2.09
N GLN A 9 -8.59 4.91 3.31
CA GLN A 9 -7.36 4.86 4.11
C GLN A 9 -6.79 3.45 4.15
N LEU A 10 -5.46 3.35 4.22
CA LEU A 10 -4.79 2.06 4.26
C LEU A 10 -3.71 2.04 5.34
N THR A 11 -3.69 0.98 6.13
CA THR A 11 -2.71 0.84 7.20
C THR A 11 -1.71 -0.25 6.89
N VAL A 12 -0.52 0.14 6.44
CA VAL A 12 0.53 -0.82 6.11
C VAL A 12 1.34 -1.19 7.35
N LYS A 13 1.28 -2.47 7.72
CA LYS A 13 2.02 -2.96 8.88
C LYS A 13 3.18 -3.84 8.45
N ALA A 14 4.35 -3.59 9.02
CA ALA A 14 5.55 -4.37 8.71
C ALA A 14 5.71 -5.55 9.66
N LEU A 15 6.52 -6.52 9.25
CA LEU A 15 6.75 -7.71 10.07
C LEU A 15 7.21 -7.32 11.47
N GLN A 16 8.35 -6.65 11.56
CA GLN A 16 8.90 -6.23 12.84
C GLN A 16 7.80 -5.61 13.72
N GLY A 17 7.02 -4.72 13.14
CA GLY A 17 5.95 -4.07 13.87
C GLY A 17 5.66 -2.67 13.37
N ARG A 18 6.70 -1.99 12.88
CA ARG A 18 6.55 -0.63 12.37
C ARG A 18 5.42 -0.56 11.34
N GLU A 19 4.49 0.36 11.54
CA GLU A 19 3.37 0.52 10.62
C GLU A 19 3.26 1.98 10.16
N CYS A 20 2.36 2.22 9.20
CA CYS A 20 2.16 3.56 8.67
C CYS A 20 0.86 3.63 7.87
N SER A 21 0.03 4.62 8.19
CA SER A 21 -1.25 4.80 7.50
C SER A 21 -1.15 5.92 6.47
N LEU A 22 -1.95 5.81 5.42
CA LEU A 22 -1.97 6.81 4.35
C LEU A 22 -3.35 6.92 3.72
N GLN A 23 -3.56 8.00 2.97
CA GLN A 23 -4.84 8.22 2.31
C GLN A 23 -4.70 8.10 0.80
N VAL A 24 -5.54 7.26 0.19
CA VAL A 24 -5.51 7.06 -1.25
C VAL A 24 -6.81 6.41 -1.74
N PRO A 25 -7.15 6.67 -3.01
CA PRO A 25 -8.36 6.12 -3.63
C PRO A 25 -8.27 4.62 -3.86
N GLU A 26 -9.40 4.01 -4.21
CA GLU A 26 -9.44 2.57 -4.45
C GLU A 26 -8.90 2.25 -5.84
N ASP A 27 -9.12 3.16 -6.78
CA ASP A 27 -8.66 2.97 -8.16
C ASP A 27 -7.22 3.42 -8.31
N GLU A 28 -6.52 3.58 -7.19
CA GLU A 28 -5.13 4.01 -7.20
C GLU A 28 -4.23 2.93 -7.78
N LEU A 29 -3.06 3.34 -8.28
CA LEU A 29 -2.11 2.41 -8.87
C LEU A 29 -1.19 1.82 -7.79
N VAL A 30 -0.88 0.53 -7.94
CA VAL A 30 -0.01 -0.15 -6.99
C VAL A 30 1.41 0.41 -7.03
N SER A 31 1.78 0.99 -8.17
CA SER A 31 3.11 1.56 -8.34
C SER A 31 3.24 2.86 -7.54
N THR A 32 2.13 3.61 -7.45
CA THR A 32 2.13 4.87 -6.72
C THR A 32 1.80 4.65 -5.25
N LEU A 33 0.99 3.64 -4.97
CA LEU A 33 0.60 3.32 -3.59
C LEU A 33 1.82 2.88 -2.77
N LYS A 34 2.77 2.23 -3.44
CA LYS A 34 3.97 1.75 -2.77
C LYS A 34 4.96 2.90 -2.56
N GLN A 35 5.04 3.80 -3.53
CA GLN A 35 5.94 4.94 -3.45
C GLN A 35 5.61 5.81 -2.25
N LEU A 36 4.32 5.91 -1.93
CA LEU A 36 3.87 6.71 -0.81
C LEU A 36 4.41 6.17 0.51
N VAL A 37 4.45 4.84 0.62
CA VAL A 37 4.94 4.18 1.83
C VAL A 37 6.46 4.26 1.90
N SER A 38 7.11 4.20 0.74
CA SER A 38 8.57 4.25 0.68
C SER A 38 9.10 5.44 1.46
N GLU A 39 8.55 6.62 1.20
CA GLU A 39 8.98 7.84 1.87
C GLU A 39 8.65 7.77 3.36
N LYS A 40 7.46 7.25 3.68
CA LYS A 40 7.02 7.12 5.05
C LYS A 40 8.08 6.45 5.91
N LEU A 41 8.32 5.18 5.64
CA LEU A 41 9.32 4.41 6.39
C LEU A 41 10.69 4.56 5.76
N ASN A 42 10.77 5.34 4.67
CA ASN A 42 12.04 5.57 4.00
C ASN A 42 12.60 4.27 3.43
N VAL A 43 11.71 3.43 2.90
CA VAL A 43 12.12 2.15 2.33
C VAL A 43 11.89 2.12 0.82
N PRO A 44 12.86 1.56 0.08
CA PRO A 44 12.78 1.47 -1.38
C PRO A 44 11.73 0.46 -1.83
N VAL A 45 10.82 0.91 -2.68
CA VAL A 45 9.76 0.04 -3.20
C VAL A 45 10.31 -1.31 -3.62
N ARG A 46 11.60 -1.35 -3.93
CA ARG A 46 12.25 -2.59 -4.35
C ARG A 46 12.25 -3.61 -3.21
N GLN A 47 12.50 -3.13 -1.99
CA GLN A 47 12.53 -4.01 -0.83
C GLN A 47 11.12 -4.26 -0.30
N GLN A 48 10.51 -3.22 0.27
CA GLN A 48 9.17 -3.33 0.81
C GLN A 48 8.24 -4.04 -0.16
N ARG A 49 7.31 -4.83 0.37
CA ARG A 49 6.37 -5.57 -0.46
C ARG A 49 4.98 -5.58 0.18
N LEU A 50 3.98 -5.15 -0.57
CA LEU A 50 2.61 -5.11 -0.08
C LEU A 50 1.90 -6.45 -0.32
N LEU A 51 1.17 -6.91 0.69
CA LEU A 51 0.44 -8.17 0.58
C LEU A 51 -0.97 -8.02 1.11
N PHE A 52 -1.92 -8.69 0.45
CA PHE A 52 -3.31 -8.64 0.86
C PHE A 52 -3.90 -10.05 1.01
N LYS A 53 -4.22 -10.41 2.24
CA LYS A 53 -4.78 -11.73 2.52
C LYS A 53 -3.95 -12.83 1.88
N GLY A 54 -2.64 -12.58 1.75
CA GLY A 54 -1.75 -13.56 1.15
C GLY A 54 -1.69 -13.44 -0.36
N LYS A 55 -1.96 -12.24 -0.86
CA LYS A 55 -1.93 -11.99 -2.29
C LYS A 55 -0.82 -11.02 -2.66
N ALA A 56 -0.04 -11.37 -3.67
CA ALA A 56 1.06 -10.52 -4.12
C ALA A 56 0.59 -9.52 -5.17
N LEU A 57 0.63 -8.24 -4.83
CA LEU A 57 0.20 -7.19 -5.74
C LEU A 57 1.33 -6.80 -6.69
N ALA A 58 0.99 -6.56 -7.94
CA ALA A 58 1.97 -6.18 -8.95
C ALA A 58 1.87 -4.69 -9.29
N ASP A 59 3.02 -4.03 -9.37
CA ASP A 59 3.06 -2.61 -9.67
C ASP A 59 2.42 -2.32 -11.03
N GLY A 60 1.74 -1.19 -11.13
CA GLY A 60 1.09 -0.83 -12.38
C GLY A 60 -0.41 -1.07 -12.34
N LYS A 61 -0.83 -2.16 -11.71
CA LYS A 61 -2.24 -2.50 -11.60
C LYS A 61 -2.94 -1.57 -10.61
N ARG A 62 -4.25 -1.78 -10.44
CA ARG A 62 -5.04 -0.97 -9.51
C ARG A 62 -5.57 -1.82 -8.37
N LEU A 63 -5.56 -1.25 -7.16
CA LEU A 63 -6.04 -1.95 -5.98
C LEU A 63 -7.48 -2.39 -6.16
N SER A 64 -8.27 -1.56 -6.82
CA SER A 64 -9.68 -1.86 -7.05
C SER A 64 -9.83 -3.13 -7.88
N ASP A 65 -8.75 -3.53 -8.54
CA ASP A 65 -8.76 -4.73 -9.36
C ASP A 65 -8.55 -5.98 -8.51
N TYR A 66 -7.87 -5.82 -7.39
CA TYR A 66 -7.60 -6.92 -6.48
C TYR A 66 -8.78 -7.16 -5.54
N SER A 67 -9.79 -6.31 -5.65
CA SER A 67 -10.98 -6.43 -4.81
C SER A 67 -10.67 -5.98 -3.37
N ILE A 68 -9.89 -4.91 -3.25
CA ILE A 68 -9.52 -4.39 -1.94
C ILE A 68 -10.16 -3.02 -1.70
N GLY A 69 -11.16 -2.99 -0.84
CA GLY A 69 -11.85 -1.74 -0.53
C GLY A 69 -11.17 -0.97 0.58
N PRO A 70 -11.91 -0.07 1.23
CA PRO A 70 -11.41 0.75 2.33
C PRO A 70 -11.12 -0.07 3.58
N ASN A 71 -10.67 0.60 4.63
CA ASN A 71 -10.36 -0.07 5.89
C ASN A 71 -9.65 -1.40 5.66
N SER A 72 -8.75 -1.41 4.67
CA SER A 72 -8.01 -2.61 4.33
C SER A 72 -6.62 -2.60 4.96
N LYS A 73 -6.20 -3.74 5.50
CA LYS A 73 -4.89 -3.84 6.13
C LYS A 73 -3.92 -4.60 5.22
N LEU A 74 -2.84 -3.92 4.82
CA LEU A 74 -1.83 -4.52 3.96
C LEU A 74 -0.57 -4.88 4.75
N ASN A 75 0.13 -5.91 4.31
CA ASN A 75 1.35 -6.35 4.97
C ASN A 75 2.58 -5.84 4.24
N LEU A 76 3.60 -5.44 5.00
CA LEU A 76 4.84 -4.94 4.42
C LEU A 76 6.00 -5.88 4.69
N VAL A 77 6.60 -6.38 3.63
CA VAL A 77 7.74 -7.30 3.76
C VAL A 77 9.00 -6.70 3.18
N VAL A 78 10.12 -6.90 3.86
CA VAL A 78 11.41 -6.38 3.41
C VAL A 78 12.22 -7.46 2.71
N LYS A 79 12.31 -7.34 1.38
CA LYS A 79 13.07 -8.31 0.58
C LYS A 79 14.56 -8.02 0.65
N PRO A 80 15.37 -9.08 0.53
CA PRO A 80 16.84 -8.96 0.57
C PRO A 80 17.41 -8.26 -0.66
N LEU A 81 18.69 -7.93 -0.62
CA LEU A 81 19.34 -7.27 -1.74
C LEU A 81 20.28 -8.22 -2.47
N GLY A 1 -0.56 13.01 -7.04
CA GLY A 1 -1.73 13.21 -6.19
C GLY A 1 -2.85 13.95 -6.90
N SER A 2 -4.09 13.63 -6.52
CA SER A 2 -5.25 14.25 -7.13
C SER A 2 -6.27 14.65 -6.07
N SER A 3 -6.39 15.96 -5.84
CA SER A 3 -7.34 16.46 -4.86
C SER A 3 -8.77 16.38 -5.36
N GLY A 4 -9.48 15.33 -4.96
CA GLY A 4 -10.85 15.16 -5.39
C GLY A 4 -11.77 14.72 -4.26
N SER A 5 -12.35 13.54 -4.38
CA SER A 5 -13.25 13.01 -3.37
C SER A 5 -12.52 12.06 -2.42
N SER A 6 -12.72 12.25 -1.13
CA SER A 6 -12.08 11.42 -0.12
C SER A 6 -12.09 9.95 -0.54
N GLY A 7 -10.94 9.45 -0.98
CA GLY A 7 -10.85 8.07 -1.41
C GLY A 7 -11.02 7.09 -0.25
N MET A 8 -9.94 6.40 0.10
CA MET A 8 -9.98 5.43 1.19
C MET A 8 -8.70 5.50 2.02
N GLN A 9 -8.74 4.92 3.21
CA GLN A 9 -7.59 4.91 4.10
C GLN A 9 -6.96 3.52 4.18
N LEU A 10 -5.64 3.47 4.02
CA LEU A 10 -4.93 2.20 4.06
C LEU A 10 -3.89 2.20 5.19
N THR A 11 -3.72 1.05 5.83
CA THR A 11 -2.77 0.91 6.93
C THR A 11 -1.78 -0.23 6.66
N VAL A 12 -0.58 0.13 6.23
CA VAL A 12 0.45 -0.86 5.95
C VAL A 12 1.16 -1.30 7.22
N LYS A 13 1.07 -2.59 7.53
CA LYS A 13 1.70 -3.15 8.72
C LYS A 13 2.85 -4.08 8.34
N ALA A 14 4.04 -3.77 8.84
CA ALA A 14 5.22 -4.57 8.56
C ALA A 14 5.34 -5.73 9.54
N LEU A 15 5.66 -6.91 9.02
CA LEU A 15 5.81 -8.10 9.86
C LEU A 15 6.55 -7.77 11.15
N GLN A 16 5.82 -7.80 12.27
CA GLN A 16 6.41 -7.50 13.57
C GLN A 16 7.45 -6.39 13.46
N GLY A 17 7.14 -5.39 12.64
CA GLY A 17 8.06 -4.27 12.46
C GLY A 17 7.36 -2.93 12.59
N ARG A 18 7.55 -2.07 11.59
CA ARG A 18 6.94 -0.75 11.59
C ARG A 18 5.65 -0.74 10.78
N GLU A 19 4.87 0.33 10.92
CA GLU A 19 3.61 0.46 10.20
C GLU A 19 3.36 1.92 9.82
N CYS A 20 2.51 2.12 8.82
CA CYS A 20 2.17 3.46 8.37
C CYS A 20 0.82 3.48 7.66
N SER A 21 0.07 4.56 7.86
CA SER A 21 -1.25 4.69 7.26
C SER A 21 -1.36 5.99 6.46
N LEU A 22 -2.08 5.94 5.35
CA LEU A 22 -2.26 7.12 4.51
C LEU A 22 -3.62 7.09 3.82
N GLN A 23 -3.95 8.17 3.11
CA GLN A 23 -5.22 8.27 2.40
C GLN A 23 -5.00 8.18 0.90
N VAL A 24 -5.61 7.17 0.27
CA VAL A 24 -5.49 6.98 -1.17
C VAL A 24 -6.75 6.36 -1.75
N PRO A 25 -7.00 6.63 -3.04
CA PRO A 25 -8.18 6.09 -3.73
C PRO A 25 -8.09 4.60 -3.97
N GLU A 26 -9.24 3.91 -3.88
CA GLU A 26 -9.28 2.47 -4.08
C GLU A 26 -8.81 2.10 -5.48
N ASP A 27 -8.69 3.10 -6.34
CA ASP A 27 -8.25 2.88 -7.72
C ASP A 27 -6.80 3.33 -7.90
N GLU A 28 -6.10 3.49 -6.78
CA GLU A 28 -4.70 3.92 -6.81
C GLU A 28 -3.81 2.81 -7.36
N LEU A 29 -2.80 3.20 -8.15
CA LEU A 29 -1.88 2.24 -8.74
C LEU A 29 -0.93 1.68 -7.68
N VAL A 30 -0.70 0.37 -7.72
CA VAL A 30 0.19 -0.27 -6.77
C VAL A 30 1.57 0.37 -6.78
N SER A 31 1.94 0.93 -7.93
CA SER A 31 3.25 1.58 -8.08
C SER A 31 3.31 2.85 -7.26
N THR A 32 2.18 3.55 -7.14
CA THR A 32 2.11 4.78 -6.38
C THR A 32 1.71 4.52 -4.94
N LEU A 33 1.13 3.36 -4.68
CA LEU A 33 0.71 2.99 -3.34
C LEU A 33 1.91 2.59 -2.48
N LYS A 34 3.00 2.21 -3.15
CA LYS A 34 4.22 1.81 -2.45
C LYS A 34 5.13 3.00 -2.22
N GLN A 35 5.27 3.84 -3.25
CA GLN A 35 6.12 5.02 -3.16
C GLN A 35 5.71 5.90 -1.99
N LEU A 36 4.42 5.93 -1.69
CA LEU A 36 3.90 6.73 -0.60
C LEU A 36 4.52 6.30 0.74
N VAL A 37 4.67 4.98 0.91
CA VAL A 37 5.24 4.44 2.13
C VAL A 37 6.76 4.38 2.04
N SER A 38 7.28 4.34 0.81
CA SER A 38 8.71 4.29 0.59
C SER A 38 9.42 5.45 1.28
N GLU A 39 8.90 6.65 1.08
CA GLU A 39 9.48 7.85 1.68
C GLU A 39 9.23 7.87 3.19
N LYS A 40 7.99 7.61 3.58
CA LYS A 40 7.62 7.60 4.99
C LYS A 40 8.62 6.80 5.81
N LEU A 41 8.68 5.50 5.55
CA LEU A 41 9.60 4.61 6.26
C LEU A 41 11.02 4.76 5.73
N ASN A 42 11.19 5.60 4.71
CA ASN A 42 12.50 5.83 4.11
C ASN A 42 13.06 4.54 3.52
N VAL A 43 12.16 3.67 3.06
CA VAL A 43 12.57 2.40 2.47
C VAL A 43 12.28 2.38 0.97
N PRO A 44 13.24 1.86 0.19
CA PRO A 44 13.11 1.76 -1.27
C PRO A 44 12.08 0.73 -1.69
N VAL A 45 11.19 1.14 -2.60
CA VAL A 45 10.14 0.24 -3.10
C VAL A 45 10.74 -1.03 -3.70
N ARG A 46 11.99 -0.93 -4.15
CA ARG A 46 12.67 -2.07 -4.74
C ARG A 46 12.80 -3.22 -3.74
N GLN A 47 12.53 -2.92 -2.48
CA GLN A 47 12.62 -3.92 -1.42
C GLN A 47 11.24 -4.21 -0.83
N GLN A 48 10.74 -3.28 -0.02
CA GLN A 48 9.43 -3.45 0.61
C GLN A 48 8.40 -3.93 -0.41
N ARG A 49 7.47 -4.77 0.05
CA ARG A 49 6.44 -5.31 -0.80
C ARG A 49 5.08 -5.29 -0.11
N LEU A 50 4.03 -4.98 -0.86
CA LEU A 50 2.68 -4.93 -0.31
C LEU A 50 1.98 -6.27 -0.46
N LEU A 51 1.19 -6.63 0.54
CA LEU A 51 0.45 -7.90 0.51
C LEU A 51 -0.98 -7.70 1.01
N PHE A 52 -1.91 -8.45 0.41
CA PHE A 52 -3.31 -8.37 0.80
C PHE A 52 -3.90 -9.75 1.04
N LYS A 53 -4.06 -10.10 2.31
CA LYS A 53 -4.62 -11.40 2.68
C LYS A 53 -3.72 -12.52 2.19
N GLY A 54 -2.43 -12.24 2.05
CA GLY A 54 -1.49 -13.24 1.59
C GLY A 54 -1.38 -13.28 0.08
N LYS A 55 -1.90 -12.24 -0.58
CA LYS A 55 -1.85 -12.16 -2.03
C LYS A 55 -0.83 -11.10 -2.48
N ALA A 56 0.13 -11.54 -3.31
CA ALA A 56 1.16 -10.63 -3.80
C ALA A 56 0.58 -9.67 -4.85
N LEU A 57 0.79 -8.38 -4.62
CA LEU A 57 0.28 -7.36 -5.54
C LEU A 57 1.38 -6.94 -6.52
N ALA A 58 1.01 -6.84 -7.79
CA ALA A 58 1.95 -6.43 -8.82
C ALA A 58 2.03 -4.91 -8.93
N ASP A 59 3.19 -4.42 -9.38
CA ASP A 59 3.39 -2.98 -9.53
C ASP A 59 2.87 -2.49 -10.88
N GLY A 60 1.61 -2.77 -11.16
CA GLY A 60 1.01 -2.36 -12.42
C GLY A 60 -0.50 -2.25 -12.34
N LYS A 61 -1.12 -3.21 -11.67
CA LYS A 61 -2.57 -3.22 -11.52
C LYS A 61 -3.01 -2.27 -10.42
N ARG A 62 -4.33 -2.17 -10.21
CA ARG A 62 -4.88 -1.29 -9.19
C ARG A 62 -5.56 -2.11 -8.09
N LEU A 63 -5.49 -1.60 -6.86
CA LEU A 63 -6.10 -2.28 -5.72
C LEU A 63 -7.54 -2.66 -6.02
N SER A 64 -8.27 -1.73 -6.64
CA SER A 64 -9.68 -1.97 -6.98
C SER A 64 -9.83 -3.31 -7.71
N ASP A 65 -8.83 -3.66 -8.50
CA ASP A 65 -8.86 -4.91 -9.26
C ASP A 65 -8.73 -6.12 -8.32
N TYR A 66 -7.96 -5.95 -7.25
CA TYR A 66 -7.75 -7.02 -6.29
C TYR A 66 -8.93 -7.13 -5.33
N SER A 67 -9.94 -6.30 -5.55
CA SER A 67 -11.14 -6.30 -4.71
C SER A 67 -10.82 -5.77 -3.31
N ILE A 68 -9.84 -4.88 -3.24
CA ILE A 68 -9.44 -4.29 -1.96
C ILE A 68 -10.18 -3.01 -1.69
N GLY A 69 -11.22 -3.08 -0.85
CA GLY A 69 -12.01 -1.91 -0.52
C GLY A 69 -11.31 -1.01 0.49
N PRO A 70 -12.07 -0.07 1.06
CA PRO A 70 -11.54 0.87 2.06
C PRO A 70 -11.21 0.19 3.39
N ASN A 71 -10.54 0.93 4.27
CA ASN A 71 -10.16 0.39 5.57
C ASN A 71 -9.54 -1.00 5.44
N SER A 72 -8.61 -1.13 4.50
CA SER A 72 -7.93 -2.40 4.26
C SER A 72 -6.53 -2.39 4.87
N LYS A 73 -6.23 -3.44 5.64
CA LYS A 73 -4.92 -3.56 6.27
C LYS A 73 -3.99 -4.44 5.45
N LEU A 74 -2.97 -3.83 4.84
CA LEU A 74 -2.02 -4.56 4.03
C LEU A 74 -0.77 -4.90 4.83
N ASN A 75 0.05 -5.81 4.31
CA ASN A 75 1.28 -6.21 4.97
C ASN A 75 2.50 -5.74 4.20
N LEU A 76 3.59 -5.48 4.92
CA LEU A 76 4.82 -5.02 4.30
C LEU A 76 5.95 -6.02 4.52
N VAL A 77 6.56 -6.47 3.43
CA VAL A 77 7.65 -7.43 3.51
C VAL A 77 8.94 -6.84 2.95
N VAL A 78 10.03 -6.98 3.69
CA VAL A 78 11.33 -6.47 3.27
C VAL A 78 12.13 -7.53 2.53
N LYS A 79 12.07 -7.51 1.21
CA LYS A 79 12.80 -8.47 0.39
C LYS A 79 14.31 -8.32 0.58
N PRO A 80 15.02 -9.45 0.55
CA PRO A 80 16.48 -9.47 0.71
C PRO A 80 17.20 -8.86 -0.49
N LEU A 81 18.26 -8.10 -0.21
CA LEU A 81 19.04 -7.46 -1.27
C LEU A 81 19.62 -8.51 -2.23
N GLY A 1 -23.94 18.87 -4.61
CA GLY A 1 -23.52 18.81 -3.23
C GLY A 1 -22.05 18.48 -3.09
N SER A 2 -21.76 17.38 -2.40
CA SER A 2 -20.37 16.94 -2.20
C SER A 2 -20.19 15.49 -2.60
N SER A 3 -20.78 15.12 -3.74
CA SER A 3 -20.69 13.76 -4.24
C SER A 3 -19.48 13.59 -5.16
N GLY A 4 -18.57 12.70 -4.77
CA GLY A 4 -17.38 12.47 -5.56
C GLY A 4 -16.49 11.40 -4.97
N SER A 5 -15.22 11.42 -5.34
CA SER A 5 -14.26 10.43 -4.85
C SER A 5 -13.48 10.99 -3.65
N SER A 6 -13.83 10.52 -2.46
CA SER A 6 -13.18 10.96 -1.24
C SER A 6 -11.87 10.20 -1.02
N GLY A 7 -11.92 8.89 -1.18
CA GLY A 7 -10.73 8.07 -0.99
C GLY A 7 -10.89 7.06 0.12
N MET A 8 -9.83 6.31 0.40
CA MET A 8 -9.86 5.30 1.45
C MET A 8 -8.56 5.30 2.24
N GLN A 9 -8.64 4.94 3.51
CA GLN A 9 -7.47 4.89 4.38
C GLN A 9 -6.87 3.49 4.41
N LEU A 10 -5.57 3.41 4.17
CA LEU A 10 -4.87 2.12 4.17
C LEU A 10 -3.84 2.07 5.28
N THR A 11 -3.92 1.02 6.11
CA THR A 11 -2.98 0.85 7.21
C THR A 11 -2.01 -0.29 6.93
N VAL A 12 -0.80 0.07 6.50
CA VAL A 12 0.23 -0.92 6.20
C VAL A 12 0.94 -1.38 7.48
N LYS A 13 0.76 -2.66 7.81
CA LYS A 13 1.39 -3.23 9.00
C LYS A 13 2.68 -3.96 8.65
N ALA A 14 3.78 -3.57 9.27
CA ALA A 14 5.06 -4.19 9.03
C ALA A 14 5.33 -5.32 10.02
N LEU A 15 6.00 -6.37 9.55
CA LEU A 15 6.32 -7.52 10.39
C LEU A 15 7.22 -7.10 11.54
N GLN A 16 8.26 -6.34 11.23
CA GLN A 16 9.21 -5.87 12.24
C GLN A 16 8.49 -5.20 13.39
N GLY A 17 7.25 -4.78 13.15
CA GLY A 17 6.47 -4.12 14.19
C GLY A 17 6.03 -2.74 13.79
N ARG A 18 6.84 -2.07 12.96
CA ARG A 18 6.53 -0.73 12.51
C ARG A 18 5.29 -0.73 11.61
N GLU A 19 4.56 0.39 11.61
CA GLU A 19 3.36 0.51 10.79
C GLU A 19 3.22 1.93 10.25
N CYS A 20 2.35 2.09 9.25
CA CYS A 20 2.12 3.39 8.64
C CYS A 20 0.80 3.42 7.89
N SER A 21 0.10 4.55 7.97
CA SER A 21 -1.19 4.70 7.30
C SER A 21 -1.15 5.83 6.29
N LEU A 22 -1.91 5.68 5.21
CA LEU A 22 -1.95 6.70 4.15
C LEU A 22 -3.36 6.83 3.59
N GLN A 23 -3.64 7.96 2.96
CA GLN A 23 -4.95 8.21 2.37
C GLN A 23 -4.89 8.11 0.85
N VAL A 24 -5.44 7.04 0.30
CA VAL A 24 -5.46 6.82 -1.14
C VAL A 24 -6.78 6.22 -1.59
N PRO A 25 -7.16 6.49 -2.85
CA PRO A 25 -8.40 5.99 -3.43
C PRO A 25 -8.35 4.48 -3.68
N GLU A 26 -9.52 3.90 -3.96
CA GLU A 26 -9.62 2.47 -4.21
C GLU A 26 -9.04 2.12 -5.58
N ASP A 27 -9.19 3.03 -6.53
CA ASP A 27 -8.69 2.82 -7.88
C ASP A 27 -7.25 3.32 -8.02
N GLU A 28 -6.53 3.35 -6.89
CA GLU A 28 -5.15 3.81 -6.88
C GLU A 28 -4.22 2.74 -7.44
N LEU A 29 -3.18 3.19 -8.15
CA LEU A 29 -2.23 2.27 -8.75
C LEU A 29 -1.22 1.77 -7.70
N VAL A 30 -0.84 0.51 -7.81
CA VAL A 30 0.11 -0.08 -6.88
C VAL A 30 1.48 0.59 -6.99
N SER A 31 1.78 1.12 -8.17
CA SER A 31 3.06 1.79 -8.40
C SER A 31 3.22 2.98 -7.45
N THR A 32 2.15 3.75 -7.28
CA THR A 32 2.18 4.91 -6.40
C THR A 32 1.98 4.50 -4.94
N LEU A 33 1.05 3.59 -4.71
CA LEU A 33 0.77 3.10 -3.36
C LEU A 33 2.03 2.66 -2.66
N LYS A 34 3.04 2.29 -3.45
CA LYS A 34 4.32 1.84 -2.91
C LYS A 34 5.28 3.01 -2.73
N GLN A 35 5.32 3.90 -3.72
CA GLN A 35 6.19 5.06 -3.66
C GLN A 35 5.89 5.91 -2.43
N LEU A 36 4.60 6.07 -2.13
CA LEU A 36 4.19 6.87 -0.97
C LEU A 36 4.77 6.30 0.31
N VAL A 37 4.46 5.03 0.59
CA VAL A 37 4.96 4.37 1.79
C VAL A 37 6.48 4.44 1.87
N SER A 38 7.13 4.22 0.73
CA SER A 38 8.59 4.27 0.67
C SER A 38 9.14 5.48 1.40
N GLU A 39 8.55 6.64 1.13
CA GLU A 39 8.97 7.89 1.76
C GLU A 39 8.74 7.83 3.27
N LYS A 40 7.61 7.25 3.66
CA LYS A 40 7.27 7.14 5.08
C LYS A 40 8.31 6.32 5.83
N LEU A 41 8.34 5.01 5.58
CA LEU A 41 9.28 4.12 6.22
C LEU A 41 10.68 4.30 5.65
N ASN A 42 10.79 5.15 4.63
CA ASN A 42 12.07 5.40 3.98
C ASN A 42 12.64 4.13 3.35
N VAL A 43 11.76 3.32 2.79
CA VAL A 43 12.16 2.08 2.15
C VAL A 43 11.91 2.11 0.65
N PRO A 44 12.88 1.62 -0.13
CA PRO A 44 12.78 1.58 -1.59
C PRO A 44 11.74 0.57 -2.08
N VAL A 45 10.84 1.03 -2.95
CA VAL A 45 9.79 0.18 -3.50
C VAL A 45 10.34 -1.21 -3.84
N ARG A 46 11.55 -1.24 -4.40
CA ARG A 46 12.19 -2.50 -4.77
C ARG A 46 12.23 -3.46 -3.59
N GLN A 47 12.57 -2.94 -2.41
CA GLN A 47 12.65 -3.75 -1.21
C GLN A 47 11.26 -4.02 -0.64
N GLN A 48 10.67 -3.00 -0.02
CA GLN A 48 9.35 -3.13 0.57
C GLN A 48 8.39 -3.83 -0.40
N ARG A 49 7.55 -4.70 0.15
CA ARG A 49 6.59 -5.45 -0.66
C ARG A 49 5.22 -5.47 0.01
N LEU A 50 4.19 -5.03 -0.72
CA LEU A 50 2.84 -5.00 -0.19
C LEU A 50 2.13 -6.32 -0.46
N LEU A 51 1.36 -6.78 0.53
CA LEU A 51 0.62 -8.03 0.40
C LEU A 51 -0.78 -7.90 0.98
N PHE A 52 -1.76 -8.47 0.29
CA PHE A 52 -3.15 -8.42 0.73
C PHE A 52 -3.76 -9.81 0.76
N LYS A 53 -4.26 -10.20 1.93
CA LYS A 53 -4.88 -11.51 2.10
C LYS A 53 -4.05 -12.60 1.42
N GLY A 54 -2.73 -12.42 1.42
CA GLY A 54 -1.85 -13.39 0.80
C GLY A 54 -1.79 -13.24 -0.71
N LYS A 55 -2.00 -12.01 -1.19
CA LYS A 55 -1.98 -11.73 -2.62
C LYS A 55 -0.86 -10.74 -2.96
N ALA A 56 -0.11 -11.04 -4.00
CA ALA A 56 0.98 -10.18 -4.43
C ALA A 56 0.48 -9.07 -5.35
N LEU A 57 0.71 -7.82 -4.96
CA LEU A 57 0.28 -6.68 -5.74
C LEU A 57 1.33 -6.30 -6.79
N ALA A 58 0.88 -5.92 -7.97
CA ALA A 58 1.77 -5.53 -9.05
C ALA A 58 1.74 -4.03 -9.29
N ASP A 59 2.91 -3.39 -9.23
CA ASP A 59 3.01 -1.95 -9.44
C ASP A 59 2.03 -1.48 -10.51
N GLY A 60 1.79 -2.35 -11.50
CA GLY A 60 0.87 -2.01 -12.58
C GLY A 60 -0.58 -2.22 -12.19
N LYS A 61 -0.85 -3.33 -11.52
CA LYS A 61 -2.21 -3.64 -11.09
C LYS A 61 -2.78 -2.54 -10.22
N ARG A 62 -4.05 -2.67 -9.85
CA ARG A 62 -4.71 -1.68 -9.01
C ARG A 62 -5.45 -2.35 -7.86
N LEU A 63 -5.37 -1.73 -6.68
CA LEU A 63 -6.03 -2.26 -5.50
C LEU A 63 -7.49 -2.58 -5.78
N SER A 64 -8.09 -1.81 -6.69
CA SER A 64 -9.49 -2.00 -7.06
C SER A 64 -9.68 -3.30 -7.83
N ASP A 65 -8.64 -3.71 -8.55
CA ASP A 65 -8.69 -4.93 -9.34
C ASP A 65 -8.61 -6.16 -8.45
N TYR A 66 -8.04 -5.99 -7.26
CA TYR A 66 -7.90 -7.08 -6.31
C TYR A 66 -9.11 -7.17 -5.38
N SER A 67 -10.14 -6.38 -5.70
CA SER A 67 -11.35 -6.34 -4.90
C SER A 67 -11.04 -5.96 -3.45
N ILE A 68 -10.26 -4.91 -3.28
CA ILE A 68 -9.89 -4.44 -1.96
C ILE A 68 -10.61 -3.14 -1.61
N GLY A 69 -11.57 -3.23 -0.70
CA GLY A 69 -12.32 -2.06 -0.28
C GLY A 69 -11.54 -1.16 0.65
N PRO A 70 -12.22 -0.17 1.23
CA PRO A 70 -11.60 0.78 2.15
C PRO A 70 -11.22 0.15 3.48
N ASN A 71 -10.65 0.94 4.38
CA ASN A 71 -10.24 0.45 5.68
C ASN A 71 -9.59 -0.92 5.57
N SER A 72 -8.72 -1.08 4.58
CA SER A 72 -8.03 -2.35 4.36
C SER A 72 -6.62 -2.31 4.95
N LYS A 73 -6.20 -3.42 5.54
CA LYS A 73 -4.87 -3.53 6.13
C LYS A 73 -3.91 -4.27 5.21
N LEU A 74 -2.85 -3.59 4.79
CA LEU A 74 -1.87 -4.20 3.91
C LEU A 74 -0.67 -4.73 4.69
N ASN A 75 -0.01 -5.74 4.17
CA ASN A 75 1.14 -6.34 4.83
C ASN A 75 2.44 -5.91 4.13
N LEU A 76 3.40 -5.45 4.93
CA LEU A 76 4.69 -5.02 4.40
C LEU A 76 5.74 -6.12 4.53
N VAL A 77 6.45 -6.39 3.44
CA VAL A 77 7.48 -7.41 3.44
C VAL A 77 8.82 -6.84 3.00
N VAL A 78 9.91 -7.45 3.48
CA VAL A 78 11.25 -6.99 3.13
C VAL A 78 11.94 -7.98 2.20
N LYS A 79 12.34 -7.50 1.03
CA LYS A 79 13.01 -8.33 0.04
C LYS A 79 14.53 -8.19 0.16
N PRO A 80 15.24 -9.31 -0.09
CA PRO A 80 16.71 -9.34 -0.02
C PRO A 80 17.35 -8.55 -1.15
N LEU A 81 18.65 -8.29 -1.02
CA LEU A 81 19.39 -7.54 -2.04
C LEU A 81 19.84 -8.46 -3.17
N GLY A 1 -18.15 23.13 -8.85
CA GLY A 1 -16.82 23.35 -8.31
C GLY A 1 -15.96 22.11 -8.34
N SER A 2 -15.42 21.73 -7.20
CA SER A 2 -14.56 20.55 -7.10
C SER A 2 -15.30 19.40 -6.41
N SER A 3 -16.57 19.22 -6.77
CA SER A 3 -17.38 18.16 -6.20
C SER A 3 -17.00 16.80 -6.78
N GLY A 4 -17.63 15.74 -6.26
CA GLY A 4 -17.35 14.41 -6.74
C GLY A 4 -16.02 13.89 -6.25
N SER A 5 -15.77 14.03 -4.94
CA SER A 5 -14.52 13.57 -4.35
C SER A 5 -14.64 12.12 -3.88
N SER A 6 -13.49 11.49 -3.68
CA SER A 6 -13.47 10.10 -3.23
C SER A 6 -12.07 9.70 -2.75
N GLY A 7 -12.02 8.75 -1.83
CA GLY A 7 -10.74 8.30 -1.29
C GLY A 7 -10.90 7.37 -0.11
N MET A 8 -9.90 6.52 0.12
CA MET A 8 -9.93 5.57 1.22
C MET A 8 -8.66 5.65 2.04
N GLN A 9 -8.64 4.95 3.17
CA GLN A 9 -7.47 4.94 4.05
C GLN A 9 -6.91 3.53 4.19
N LEU A 10 -5.59 3.41 4.04
CA LEU A 10 -4.92 2.11 4.16
C LEU A 10 -3.87 2.13 5.26
N THR A 11 -3.73 1.02 5.96
CA THR A 11 -2.74 0.91 7.04
C THR A 11 -1.76 -0.22 6.78
N VAL A 12 -0.53 0.14 6.45
CA VAL A 12 0.51 -0.85 6.17
C VAL A 12 1.24 -1.24 7.44
N LYS A 13 1.13 -2.52 7.82
CA LYS A 13 1.78 -3.03 9.01
C LYS A 13 2.91 -4.00 8.65
N ALA A 14 4.10 -3.72 9.15
CA ALA A 14 5.26 -4.58 8.88
C ALA A 14 5.45 -5.59 9.99
N LEU A 15 6.02 -6.75 9.64
CA LEU A 15 6.26 -7.82 10.61
C LEU A 15 6.98 -7.28 11.84
N GLN A 16 8.16 -6.72 11.62
CA GLN A 16 8.96 -6.16 12.71
C GLN A 16 8.08 -5.38 13.68
N GLY A 17 7.09 -4.67 13.15
CA GLY A 17 6.20 -3.91 13.99
C GLY A 17 5.90 -2.53 13.41
N ARG A 18 6.89 -1.94 12.74
CA ARG A 18 6.72 -0.63 12.14
C ARG A 18 5.55 -0.62 11.18
N GLU A 19 4.67 0.38 11.33
CA GLU A 19 3.50 0.50 10.47
C GLU A 19 3.28 1.97 10.07
N CYS A 20 2.38 2.17 9.11
CA CYS A 20 2.08 3.51 8.64
C CYS A 20 0.86 3.51 7.72
N SER A 21 -0.05 4.45 7.94
CA SER A 21 -1.27 4.54 7.15
C SER A 21 -1.25 5.79 6.27
N LEU A 22 -2.06 5.79 5.22
CA LEU A 22 -2.14 6.93 4.31
C LEU A 22 -3.51 7.00 3.66
N GLN A 23 -3.74 8.06 2.88
CA GLN A 23 -5.02 8.25 2.19
C GLN A 23 -4.84 8.14 0.68
N VAL A 24 -5.55 7.20 0.08
CA VAL A 24 -5.49 6.99 -1.36
C VAL A 24 -6.80 6.43 -1.90
N PRO A 25 -7.07 6.71 -3.18
CA PRO A 25 -8.31 6.25 -3.85
C PRO A 25 -8.29 4.74 -4.09
N GLU A 26 -9.35 4.24 -4.71
CA GLU A 26 -9.47 2.81 -4.99
C GLU A 26 -8.81 2.47 -6.33
N ASP A 27 -8.88 3.40 -7.27
CA ASP A 27 -8.29 3.20 -8.59
C ASP A 27 -6.83 3.63 -8.60
N GLU A 28 -6.21 3.64 -7.43
CA GLU A 28 -4.82 4.03 -7.30
C GLU A 28 -3.89 2.92 -7.81
N LEU A 29 -2.84 3.31 -8.52
CA LEU A 29 -1.88 2.36 -9.06
C LEU A 29 -0.98 1.81 -7.96
N VAL A 30 -0.79 0.49 -7.95
CA VAL A 30 0.06 -0.14 -6.95
C VAL A 30 1.45 0.47 -6.94
N SER A 31 1.87 1.01 -8.09
CA SER A 31 3.19 1.62 -8.19
C SER A 31 3.28 2.87 -7.33
N THR A 32 2.23 3.68 -7.35
CA THR A 32 2.19 4.90 -6.55
C THR A 32 1.85 4.61 -5.10
N LEU A 33 0.99 3.62 -4.89
CA LEU A 33 0.58 3.24 -3.53
C LEU A 33 1.79 2.84 -2.69
N LYS A 34 2.81 2.29 -3.35
CA LYS A 34 4.03 1.88 -2.67
C LYS A 34 4.97 3.06 -2.46
N GLN A 35 5.23 3.80 -3.53
CA GLN A 35 6.12 4.96 -3.47
C GLN A 35 5.77 5.83 -2.27
N LEU A 36 4.49 5.95 -1.97
CA LEU A 36 4.02 6.75 -0.85
C LEU A 36 4.62 6.26 0.45
N VAL A 37 4.40 4.98 0.75
CA VAL A 37 4.92 4.37 1.98
C VAL A 37 6.43 4.50 2.05
N SER A 38 7.09 4.36 0.91
CA SER A 38 8.55 4.46 0.85
C SER A 38 9.04 5.72 1.54
N GLU A 39 8.39 6.84 1.25
CA GLU A 39 8.75 8.13 1.84
C GLU A 39 8.46 8.13 3.35
N LYS A 40 7.40 7.42 3.74
CA LYS A 40 7.01 7.35 5.14
C LYS A 40 8.07 6.62 5.96
N LEU A 41 8.23 5.32 5.70
CA LEU A 41 9.22 4.52 6.41
C LEU A 41 10.62 4.76 5.86
N ASN A 42 10.71 5.57 4.81
CA ASN A 42 11.99 5.88 4.19
C ASN A 42 12.63 4.63 3.60
N VAL A 43 11.82 3.79 2.98
CA VAL A 43 12.31 2.56 2.37
C VAL A 43 11.97 2.51 0.88
N PRO A 44 12.93 2.03 0.07
CA PRO A 44 12.76 1.93 -1.38
C PRO A 44 11.76 0.83 -1.76
N VAL A 45 10.84 1.17 -2.65
CA VAL A 45 9.83 0.22 -3.11
C VAL A 45 10.47 -1.07 -3.61
N ARG A 46 11.69 -0.95 -4.12
CA ARG A 46 12.42 -2.11 -4.63
C ARG A 46 12.57 -3.18 -3.56
N GLN A 47 12.49 -2.77 -2.30
CA GLN A 47 12.62 -3.69 -1.18
C GLN A 47 11.26 -4.02 -0.59
N GLN A 48 10.68 -3.07 0.14
CA GLN A 48 9.37 -3.28 0.77
C GLN A 48 8.39 -3.86 -0.24
N ARG A 49 7.52 -4.75 0.24
CA ARG A 49 6.52 -5.39 -0.61
C ARG A 49 5.18 -5.47 0.10
N LEU A 50 4.11 -5.15 -0.62
CA LEU A 50 2.76 -5.19 -0.05
C LEU A 50 2.14 -6.55 -0.26
N LEU A 51 1.26 -6.94 0.67
CA LEU A 51 0.58 -8.23 0.59
C LEU A 51 -0.86 -8.12 1.05
N PHE A 52 -1.76 -8.84 0.37
CA PHE A 52 -3.17 -8.81 0.72
C PHE A 52 -3.72 -10.22 0.85
N LYS A 53 -4.01 -10.63 2.08
CA LYS A 53 -4.55 -11.96 2.34
C LYS A 53 -3.64 -13.04 1.76
N GLY A 54 -2.34 -12.75 1.71
CA GLY A 54 -1.39 -13.70 1.17
C GLY A 54 -1.27 -13.62 -0.34
N LYS A 55 -1.72 -12.49 -0.90
CA LYS A 55 -1.66 -12.29 -2.34
C LYS A 55 -0.61 -11.23 -2.70
N ALA A 56 0.26 -11.56 -3.64
CA ALA A 56 1.31 -10.63 -4.07
C ALA A 56 0.75 -9.61 -5.06
N LEU A 57 0.92 -8.34 -4.74
CA LEU A 57 0.44 -7.26 -5.60
C LEU A 57 1.47 -6.91 -6.66
N ALA A 58 1.03 -6.85 -7.92
CA ALA A 58 1.91 -6.53 -9.03
C ALA A 58 1.89 -5.04 -9.32
N ASP A 59 3.07 -4.47 -9.54
CA ASP A 59 3.20 -3.04 -9.83
C ASP A 59 2.48 -2.70 -11.14
N GLY A 60 1.60 -1.71 -11.08
CA GLY A 60 0.87 -1.29 -12.26
C GLY A 60 -0.63 -1.45 -12.08
N LYS A 61 -1.06 -2.63 -11.65
CA LYS A 61 -2.48 -2.90 -11.44
C LYS A 61 -3.07 -1.96 -10.39
N ARG A 62 -4.40 -1.90 -10.35
CA ARG A 62 -5.08 -1.04 -9.39
C ARG A 62 -5.72 -1.86 -8.28
N LEU A 63 -5.63 -1.35 -7.05
CA LEU A 63 -6.20 -2.05 -5.90
C LEU A 63 -7.66 -2.42 -6.15
N SER A 64 -8.38 -1.53 -6.82
CA SER A 64 -9.79 -1.77 -7.12
C SER A 64 -9.98 -3.12 -7.80
N ASP A 65 -8.96 -3.57 -8.52
CA ASP A 65 -9.01 -4.85 -9.22
C ASP A 65 -8.74 -6.00 -8.25
N TYR A 66 -7.93 -5.74 -7.23
CA TYR A 66 -7.58 -6.75 -6.24
C TYR A 66 -8.69 -6.89 -5.20
N SER A 67 -9.80 -6.20 -5.43
CA SER A 67 -10.94 -6.25 -4.52
C SER A 67 -10.54 -5.76 -3.13
N ILE A 68 -9.82 -4.64 -3.09
CA ILE A 68 -9.36 -4.06 -1.83
C ILE A 68 -10.01 -2.72 -1.58
N GLY A 69 -11.04 -2.70 -0.73
CA GLY A 69 -11.72 -1.46 -0.42
C GLY A 69 -11.09 -0.72 0.73
N PRO A 70 -11.87 0.17 1.38
CA PRO A 70 -11.39 0.96 2.51
C PRO A 70 -11.15 0.12 3.76
N ASN A 71 -10.49 0.71 4.75
CA ASN A 71 -10.20 0.01 5.99
C ASN A 71 -9.52 -1.33 5.72
N SER A 72 -8.59 -1.31 4.78
CA SER A 72 -7.85 -2.53 4.42
C SER A 72 -6.46 -2.54 5.05
N LYS A 73 -6.09 -3.68 5.64
CA LYS A 73 -4.80 -3.82 6.27
C LYS A 73 -3.85 -4.66 5.42
N LEU A 74 -2.84 -4.01 4.85
CA LEU A 74 -1.87 -4.69 4.00
C LEU A 74 -0.61 -5.05 4.79
N ASN A 75 0.07 -6.11 4.38
CA ASN A 75 1.29 -6.56 5.04
C ASN A 75 2.52 -6.11 4.28
N LEU A 76 3.57 -5.75 5.01
CA LEU A 76 4.83 -5.32 4.39
C LEU A 76 5.92 -6.36 4.55
N VAL A 77 6.72 -6.55 3.51
CA VAL A 77 7.80 -7.51 3.55
C VAL A 77 9.09 -6.93 2.98
N VAL A 78 10.22 -7.26 3.61
CA VAL A 78 11.51 -6.77 3.17
C VAL A 78 12.20 -7.77 2.25
N LYS A 79 12.56 -7.33 1.05
CA LYS A 79 13.22 -8.19 0.08
C LYS A 79 14.68 -7.78 -0.08
N PRO A 80 15.56 -8.78 -0.28
CA PRO A 80 17.00 -8.55 -0.46
C PRO A 80 17.32 -7.88 -1.80
N LEU A 81 18.42 -7.15 -1.84
CA LEU A 81 18.84 -6.46 -3.05
C LEU A 81 19.23 -7.45 -4.13
N GLY A 1 -8.44 14.95 7.33
CA GLY A 1 -9.87 15.20 7.22
C GLY A 1 -10.19 16.38 6.33
N SER A 2 -10.20 16.14 5.02
CA SER A 2 -10.49 17.20 4.05
C SER A 2 -11.80 16.92 3.32
N SER A 3 -12.46 17.99 2.88
CA SER A 3 -13.72 17.86 2.16
C SER A 3 -13.56 18.23 0.70
N GLY A 4 -14.04 17.36 -0.19
CA GLY A 4 -13.94 17.62 -1.61
C GLY A 4 -13.63 16.36 -2.40
N SER A 5 -12.39 15.91 -2.34
CA SER A 5 -11.97 14.71 -3.05
C SER A 5 -12.30 13.46 -2.26
N SER A 6 -12.56 12.36 -2.98
CA SER A 6 -12.90 11.10 -2.34
C SER A 6 -11.69 10.17 -2.30
N GLY A 7 -11.74 9.17 -1.42
CA GLY A 7 -10.64 8.22 -1.30
C GLY A 7 -10.89 7.21 -0.21
N MET A 8 -9.82 6.53 0.21
CA MET A 8 -9.92 5.52 1.25
C MET A 8 -8.64 5.49 2.10
N GLN A 9 -8.79 5.14 3.38
CA GLN A 9 -7.65 5.07 4.29
C GLN A 9 -7.04 3.68 4.28
N LEU A 10 -5.71 3.62 4.24
CA LEU A 10 -4.99 2.35 4.24
C LEU A 10 -3.97 2.30 5.36
N THR A 11 -3.66 1.09 5.82
CA THR A 11 -2.69 0.90 6.90
C THR A 11 -1.73 -0.24 6.58
N VAL A 12 -0.48 0.11 6.32
CA VAL A 12 0.55 -0.89 6.01
C VAL A 12 1.30 -1.32 7.26
N LYS A 13 1.14 -2.58 7.64
CA LYS A 13 1.82 -3.11 8.82
C LYS A 13 2.87 -4.15 8.42
N ALA A 14 4.05 -4.06 9.05
CA ALA A 14 5.12 -5.00 8.76
C ALA A 14 5.12 -6.16 9.74
N LEU A 15 5.70 -7.28 9.33
CA LEU A 15 5.77 -8.47 10.18
C LEU A 15 6.29 -8.12 11.58
N GLN A 16 5.37 -8.00 12.52
CA GLN A 16 5.74 -7.67 13.90
C GLN A 16 6.81 -6.58 13.93
N GLY A 17 6.72 -5.65 12.99
CA GLY A 17 7.69 -4.57 12.92
C GLY A 17 7.04 -3.20 13.05
N ARG A 18 7.14 -2.39 12.01
CA ARG A 18 6.56 -1.05 12.02
C ARG A 18 5.37 -0.97 11.08
N GLU A 19 4.71 0.19 11.08
CA GLU A 19 3.54 0.39 10.22
C GLU A 19 3.35 1.87 9.91
N CYS A 20 2.38 2.17 9.06
CA CYS A 20 2.09 3.55 8.68
C CYS A 20 0.81 3.63 7.85
N SER A 21 -0.01 4.64 8.14
CA SER A 21 -1.27 4.82 7.41
C SER A 21 -1.14 5.94 6.38
N LEU A 22 -1.97 5.88 5.35
CA LEU A 22 -1.96 6.89 4.29
C LEU A 22 -3.34 7.02 3.65
N GLN A 23 -3.55 8.14 2.96
CA GLN A 23 -4.82 8.38 2.29
C GLN A 23 -4.68 8.25 0.77
N VAL A 24 -5.37 7.25 0.22
CA VAL A 24 -5.32 7.02 -1.22
C VAL A 24 -6.67 6.51 -1.74
N PRO A 25 -6.93 6.75 -3.03
CA PRO A 25 -8.17 6.32 -3.67
C PRO A 25 -8.27 4.81 -3.82
N GLU A 26 -9.40 4.34 -4.33
CA GLU A 26 -9.62 2.91 -4.54
C GLU A 26 -9.07 2.45 -5.88
N ASP A 27 -8.93 3.40 -6.81
CA ASP A 27 -8.42 3.10 -8.14
C ASP A 27 -6.97 3.53 -8.27
N GLU A 28 -6.25 3.52 -7.16
CA GLU A 28 -4.85 3.92 -7.15
C GLU A 28 -3.96 2.83 -7.77
N LEU A 29 -2.79 3.23 -8.24
CA LEU A 29 -1.85 2.29 -8.86
C LEU A 29 -0.85 1.76 -7.83
N VAL A 30 -0.76 0.44 -7.74
CA VAL A 30 0.15 -0.20 -6.79
C VAL A 30 1.51 0.50 -6.80
N SER A 31 1.88 1.06 -7.94
CA SER A 31 3.16 1.76 -8.09
C SER A 31 3.19 3.02 -7.23
N THR A 32 2.08 3.73 -7.21
CA THR A 32 1.98 4.97 -6.44
C THR A 32 1.61 4.67 -4.99
N LEU A 33 0.97 3.53 -4.76
CA LEU A 33 0.56 3.13 -3.43
C LEU A 33 1.77 2.68 -2.60
N LYS A 34 2.78 2.14 -3.27
CA LYS A 34 3.99 1.68 -2.61
C LYS A 34 4.92 2.85 -2.32
N GLN A 35 5.08 3.73 -3.31
CA GLN A 35 5.95 4.88 -3.15
C GLN A 35 5.54 5.73 -1.95
N LEU A 36 4.28 6.11 -1.91
CA LEU A 36 3.76 6.92 -0.80
C LEU A 36 4.31 6.44 0.53
N VAL A 37 4.41 5.12 0.69
CA VAL A 37 4.92 4.54 1.91
C VAL A 37 6.45 4.56 1.94
N SER A 38 7.06 4.37 0.77
CA SER A 38 8.51 4.37 0.66
C SER A 38 9.12 5.53 1.45
N GLU A 39 8.45 6.68 1.41
CA GLU A 39 8.92 7.86 2.12
C GLU A 39 8.49 7.82 3.58
N LYS A 40 7.33 7.21 3.84
CA LYS A 40 6.81 7.10 5.20
C LYS A 40 7.81 6.41 6.10
N LEU A 41 8.31 5.26 5.67
CA LEU A 41 9.29 4.50 6.46
C LEU A 41 10.68 4.64 5.87
N ASN A 42 10.84 5.59 4.94
CA ASN A 42 12.13 5.82 4.31
C ASN A 42 12.71 4.54 3.74
N VAL A 43 11.83 3.65 3.29
CA VAL A 43 12.25 2.38 2.71
C VAL A 43 12.03 2.36 1.21
N PRO A 44 13.02 1.84 0.46
CA PRO A 44 12.95 1.75 -1.00
C PRO A 44 11.93 0.72 -1.47
N VAL A 45 11.13 1.10 -2.46
CA VAL A 45 10.11 0.22 -3.01
C VAL A 45 10.73 -1.06 -3.55
N ARG A 46 12.02 -1.01 -3.84
CA ARG A 46 12.74 -2.17 -4.37
C ARG A 46 12.82 -3.28 -3.33
N GLN A 47 12.70 -2.90 -2.06
CA GLN A 47 12.78 -3.86 -0.97
C GLN A 47 11.39 -4.13 -0.40
N GLN A 48 10.83 -3.15 0.30
CA GLN A 48 9.51 -3.29 0.90
C GLN A 48 8.50 -3.80 -0.12
N ARG A 49 7.81 -4.87 0.22
CA ARG A 49 6.81 -5.46 -0.67
C ARG A 49 5.42 -5.46 -0.02
N LEU A 50 4.39 -5.45 -0.84
CA LEU A 50 3.01 -5.45 -0.35
C LEU A 50 2.37 -6.83 -0.54
N LEU A 51 1.45 -7.17 0.36
CA LEU A 51 0.76 -8.45 0.28
C LEU A 51 -0.67 -8.33 0.81
N PHE A 52 -1.60 -8.97 0.12
CA PHE A 52 -3.01 -8.93 0.51
C PHE A 52 -3.56 -10.35 0.71
N LYS A 53 -3.88 -10.67 1.96
CA LYS A 53 -4.41 -11.99 2.29
C LYS A 53 -3.63 -13.09 1.57
N GLY A 54 -2.33 -12.88 1.44
CA GLY A 54 -1.49 -13.87 0.77
C GLY A 54 -1.51 -13.73 -0.73
N LYS A 55 -1.74 -12.51 -1.21
CA LYS A 55 -1.79 -12.23 -2.64
C LYS A 55 -0.70 -11.25 -3.05
N ALA A 56 0.15 -11.66 -3.98
CA ALA A 56 1.24 -10.81 -4.45
C ALA A 56 0.72 -9.74 -5.41
N LEU A 57 0.84 -8.48 -5.01
CA LEU A 57 0.38 -7.37 -5.82
C LEU A 57 1.38 -7.05 -6.92
N ALA A 58 0.87 -6.66 -8.09
CA ALA A 58 1.73 -6.32 -9.22
C ALA A 58 1.76 -4.81 -9.46
N ASP A 59 2.96 -4.26 -9.55
CA ASP A 59 3.12 -2.82 -9.78
C ASP A 59 2.46 -2.40 -11.09
N GLY A 60 1.53 -1.47 -11.00
CA GLY A 60 0.83 -0.99 -12.18
C GLY A 60 -0.66 -1.17 -12.08
N LYS A 61 -1.09 -2.31 -11.53
CA LYS A 61 -2.51 -2.61 -11.38
C LYS A 61 -3.15 -1.71 -10.31
N ARG A 62 -4.46 -1.86 -10.14
CA ARG A 62 -5.18 -1.06 -9.16
C ARG A 62 -5.73 -1.94 -8.05
N LEU A 63 -5.61 -1.48 -6.81
CA LEU A 63 -6.09 -2.24 -5.65
C LEU A 63 -7.54 -2.67 -5.85
N SER A 64 -8.30 -1.84 -6.56
CA SER A 64 -9.71 -2.13 -6.82
C SER A 64 -9.86 -3.42 -7.61
N ASP A 65 -8.85 -3.74 -8.42
CA ASP A 65 -8.86 -4.95 -9.23
C ASP A 65 -8.60 -6.18 -8.37
N TYR A 66 -7.88 -5.99 -7.27
CA TYR A 66 -7.55 -7.08 -6.36
C TYR A 66 -8.65 -7.27 -5.33
N SER A 67 -9.79 -6.63 -5.56
CA SER A 67 -10.92 -6.73 -4.63
C SER A 67 -10.55 -6.21 -3.25
N ILE A 68 -9.91 -5.03 -3.23
CA ILE A 68 -9.49 -4.41 -1.98
C ILE A 68 -10.16 -3.07 -1.78
N GLY A 69 -11.14 -3.02 -0.89
CA GLY A 69 -11.85 -1.78 -0.63
C GLY A 69 -11.17 -0.94 0.43
N PRO A 70 -11.92 -0.02 1.05
CA PRO A 70 -11.40 0.87 2.09
C PRO A 70 -11.09 0.13 3.38
N ASN A 71 -10.64 0.86 4.40
CA ASN A 71 -10.30 0.27 5.68
C ASN A 71 -9.61 -1.08 5.50
N SER A 72 -8.73 -1.16 4.50
CA SER A 72 -8.01 -2.39 4.22
C SER A 72 -6.59 -2.33 4.78
N LYS A 73 -6.15 -3.42 5.39
CA LYS A 73 -4.82 -3.51 5.97
C LYS A 73 -3.87 -4.29 5.06
N LEU A 74 -2.81 -3.63 4.61
CA LEU A 74 -1.84 -4.26 3.74
C LEU A 74 -0.65 -4.78 4.53
N ASN A 75 -0.09 -5.90 4.08
CA ASN A 75 1.05 -6.51 4.76
C ASN A 75 2.35 -6.15 4.05
N LEU A 76 3.32 -5.66 4.83
CA LEU A 76 4.62 -5.28 4.29
C LEU A 76 5.65 -6.37 4.51
N VAL A 77 6.54 -6.55 3.54
CA VAL A 77 7.58 -7.57 3.62
C VAL A 77 8.93 -7.01 3.20
N VAL A 78 9.99 -7.47 3.85
CA VAL A 78 11.34 -7.01 3.54
C VAL A 78 12.12 -8.08 2.78
N LYS A 79 12.82 -7.65 1.74
CA LYS A 79 13.61 -8.57 0.93
C LYS A 79 15.05 -8.62 1.41
N PRO A 80 15.68 -9.80 1.30
CA PRO A 80 17.07 -10.01 1.73
C PRO A 80 18.07 -9.29 0.83
N LEU A 81 18.91 -8.46 1.44
CA LEU A 81 19.91 -7.71 0.69
C LEU A 81 20.92 -8.64 0.02
N GLY A 1 -18.55 22.77 -9.23
CA GLY A 1 -18.22 21.36 -9.29
C GLY A 1 -18.68 20.59 -8.07
N SER A 2 -19.23 19.41 -8.30
CA SER A 2 -19.73 18.57 -7.21
C SER A 2 -18.96 17.26 -7.13
N SER A 3 -18.99 16.50 -8.24
CA SER A 3 -18.30 15.22 -8.29
C SER A 3 -16.86 15.35 -7.81
N GLY A 4 -16.46 14.46 -6.90
CA GLY A 4 -15.10 14.50 -6.38
C GLY A 4 -14.59 13.13 -6.03
N SER A 5 -13.40 13.07 -5.45
CA SER A 5 -12.78 11.81 -5.07
C SER A 5 -12.34 11.84 -3.61
N SER A 6 -13.16 11.27 -2.73
CA SER A 6 -12.86 11.23 -1.31
C SER A 6 -11.64 10.36 -1.03
N GLY A 7 -11.64 9.16 -1.62
CA GLY A 7 -10.52 8.25 -1.42
C GLY A 7 -10.74 7.31 -0.25
N MET A 8 -9.74 6.49 0.04
CA MET A 8 -9.82 5.54 1.14
C MET A 8 -8.52 5.51 1.94
N GLN A 9 -8.59 5.05 3.17
CA GLN A 9 -7.42 4.96 4.04
C GLN A 9 -6.87 3.54 4.08
N LEU A 10 -5.54 3.42 4.14
CA LEU A 10 -4.89 2.12 4.19
C LEU A 10 -3.76 2.12 5.19
N THR A 11 -3.72 1.09 6.04
CA THR A 11 -2.69 0.97 7.06
C THR A 11 -1.71 -0.15 6.72
N VAL A 12 -0.49 0.21 6.34
CA VAL A 12 0.53 -0.76 6.00
C VAL A 12 1.25 -1.27 7.24
N LYS A 13 1.26 -2.59 7.41
CA LYS A 13 1.92 -3.21 8.55
C LYS A 13 2.98 -4.21 8.10
N ALA A 14 4.21 -4.01 8.54
CA ALA A 14 5.30 -4.90 8.19
C ALA A 14 5.38 -6.09 9.15
N LEU A 15 5.79 -7.24 8.62
CA LEU A 15 5.90 -8.44 9.43
C LEU A 15 6.62 -8.16 10.74
N GLN A 16 7.70 -7.37 10.66
CA GLN A 16 8.47 -7.02 11.85
C GLN A 16 7.60 -6.32 12.89
N GLY A 17 6.90 -5.27 12.46
CA GLY A 17 6.04 -4.54 13.37
C GLY A 17 5.73 -3.14 12.87
N ARG A 18 6.74 -2.45 12.36
CA ARG A 18 6.57 -1.10 11.85
C ARG A 18 5.31 -1.00 10.98
N GLU A 19 4.61 0.12 11.07
CA GLU A 19 3.40 0.34 10.30
C GLU A 19 3.14 1.83 10.09
N CYS A 20 2.16 2.13 9.25
CA CYS A 20 1.81 3.53 8.97
C CYS A 20 0.56 3.60 8.09
N SER A 21 -0.24 4.64 8.31
CA SER A 21 -1.47 4.83 7.54
C SER A 21 -1.29 5.88 6.46
N LEU A 22 -2.10 5.80 5.42
CA LEU A 22 -2.03 6.75 4.31
C LEU A 22 -3.38 6.89 3.62
N GLN A 23 -3.52 7.94 2.81
CA GLN A 23 -4.76 8.17 2.08
C GLN A 23 -4.57 7.98 0.59
N VAL A 24 -5.37 7.09 0.00
CA VAL A 24 -5.28 6.80 -1.43
C VAL A 24 -6.63 6.36 -1.98
N PRO A 25 -6.88 6.69 -3.26
CA PRO A 25 -8.13 6.33 -3.93
C PRO A 25 -8.26 4.84 -4.18
N GLU A 26 -9.49 4.34 -4.18
CA GLU A 26 -9.75 2.92 -4.40
C GLU A 26 -9.16 2.47 -5.74
N ASP A 27 -8.91 3.43 -6.63
CA ASP A 27 -8.35 3.13 -7.94
C ASP A 27 -6.89 3.56 -8.02
N GLU A 28 -6.22 3.59 -6.87
CA GLU A 28 -4.82 3.98 -6.81
C GLU A 28 -3.92 2.87 -7.34
N LEU A 29 -2.96 3.25 -8.18
CA LEU A 29 -2.03 2.29 -8.76
C LEU A 29 -1.13 1.69 -7.67
N VAL A 30 -0.79 0.41 -7.84
CA VAL A 30 0.07 -0.28 -6.88
C VAL A 30 1.47 0.32 -6.88
N SER A 31 1.88 0.86 -8.03
CA SER A 31 3.19 1.45 -8.16
C SER A 31 3.33 2.69 -7.28
N THR A 32 2.28 3.50 -7.23
CA THR A 32 2.27 4.71 -6.42
C THR A 32 1.95 4.39 -4.96
N LEU A 33 1.05 3.44 -4.75
CA LEU A 33 0.66 3.05 -3.40
C LEU A 33 1.87 2.64 -2.57
N LYS A 34 2.91 2.16 -3.24
CA LYS A 34 4.13 1.74 -2.58
C LYS A 34 5.04 2.93 -2.32
N GLN A 35 5.19 3.78 -3.33
CA GLN A 35 6.04 4.97 -3.20
C GLN A 35 5.58 5.85 -2.05
N LEU A 36 4.28 5.88 -1.82
CA LEU A 36 3.72 6.68 -0.74
C LEU A 36 4.23 6.21 0.62
N VAL A 37 4.33 4.90 0.79
CA VAL A 37 4.80 4.32 2.03
C VAL A 37 6.33 4.39 2.12
N SER A 38 6.99 4.34 0.96
CA SER A 38 8.44 4.39 0.91
C SER A 38 8.97 5.60 1.68
N GLU A 39 8.41 6.77 1.40
CA GLU A 39 8.83 8.00 2.07
C GLU A 39 8.49 7.95 3.55
N LYS A 40 7.29 7.45 3.87
CA LYS A 40 6.84 7.35 5.25
C LYS A 40 7.83 6.54 6.08
N LEU A 41 8.00 5.26 5.73
CA LEU A 41 8.92 4.38 6.44
C LEU A 41 10.36 4.63 6.01
N ASN A 42 10.53 5.41 4.94
CA ASN A 42 11.85 5.73 4.43
C ASN A 42 12.49 4.50 3.79
N VAL A 43 11.65 3.59 3.31
CA VAL A 43 12.13 2.38 2.66
C VAL A 43 11.91 2.43 1.15
N PRO A 44 12.91 1.97 0.39
CA PRO A 44 12.85 1.96 -1.08
C PRO A 44 11.85 0.93 -1.60
N VAL A 45 10.96 1.37 -2.48
CA VAL A 45 9.95 0.48 -3.07
C VAL A 45 10.58 -0.82 -3.55
N ARG A 46 11.84 -0.74 -3.97
CA ARG A 46 12.55 -1.91 -4.45
C ARG A 46 12.59 -3.01 -3.41
N GLN A 47 12.79 -2.62 -2.15
CA GLN A 47 12.83 -3.58 -1.05
C GLN A 47 11.43 -3.91 -0.55
N GLN A 48 10.83 -2.98 0.18
CA GLN A 48 9.49 -3.17 0.71
C GLN A 48 8.59 -3.88 -0.30
N ARG A 49 7.69 -4.72 0.19
CA ARG A 49 6.77 -5.45 -0.67
C ARG A 49 5.38 -5.52 -0.06
N LEU A 50 4.38 -5.15 -0.85
CA LEU A 50 3.00 -5.16 -0.39
C LEU A 50 2.37 -6.55 -0.58
N LEU A 51 1.47 -6.91 0.34
CA LEU A 51 0.81 -8.20 0.28
C LEU A 51 -0.60 -8.11 0.87
N PHE A 52 -1.55 -8.76 0.20
CA PHE A 52 -2.94 -8.76 0.66
C PHE A 52 -3.43 -10.17 0.93
N LYS A 53 -3.67 -10.49 2.20
CA LYS A 53 -4.15 -11.82 2.58
C LYS A 53 -3.40 -12.90 1.82
N GLY A 54 -2.09 -12.71 1.65
CA GLY A 54 -1.28 -13.68 0.95
C GLY A 54 -1.38 -13.54 -0.56
N LYS A 55 -1.75 -12.35 -1.01
CA LYS A 55 -1.87 -12.08 -2.44
C LYS A 55 -0.81 -11.10 -2.91
N ALA A 56 -0.03 -11.51 -3.90
CA ALA A 56 1.02 -10.66 -4.44
C ALA A 56 0.46 -9.64 -5.42
N LEU A 57 0.73 -8.37 -5.16
CA LEU A 57 0.24 -7.29 -6.01
C LEU A 57 1.22 -7.00 -7.14
N ALA A 58 0.70 -6.62 -8.30
CA ALA A 58 1.54 -6.31 -9.45
C ALA A 58 1.57 -4.81 -9.71
N ASP A 59 2.76 -4.23 -9.65
CA ASP A 59 2.94 -2.80 -9.89
C ASP A 59 2.15 -2.36 -11.12
N GLY A 60 1.38 -1.28 -10.97
CA GLY A 60 0.60 -0.78 -12.08
C GLY A 60 -0.89 -1.00 -11.88
N LYS A 61 -1.25 -2.19 -11.44
CA LYS A 61 -2.65 -2.52 -11.20
C LYS A 61 -3.24 -1.67 -10.08
N ARG A 62 -4.57 -1.64 -10.00
CA ARG A 62 -5.25 -0.87 -8.98
C ARG A 62 -5.79 -1.79 -7.88
N LEU A 63 -5.71 -1.33 -6.64
CA LEU A 63 -6.19 -2.11 -5.50
C LEU A 63 -7.65 -2.51 -5.70
N SER A 64 -8.42 -1.65 -6.37
CA SER A 64 -9.83 -1.92 -6.63
C SER A 64 -10.00 -3.21 -7.43
N ASP A 65 -9.00 -3.53 -8.25
CA ASP A 65 -9.04 -4.74 -9.06
C ASP A 65 -8.86 -5.98 -8.21
N TYR A 66 -8.04 -5.87 -7.17
CA TYR A 66 -7.77 -6.99 -6.27
C TYR A 66 -8.89 -7.11 -5.22
N SER A 67 -9.95 -6.36 -5.41
CA SER A 67 -11.09 -6.38 -4.49
C SER A 67 -10.69 -5.80 -3.13
N ILE A 68 -9.82 -4.80 -3.16
CA ILE A 68 -9.36 -4.15 -1.93
C ILE A 68 -10.03 -2.80 -1.73
N GLY A 69 -11.08 -2.77 -0.92
CA GLY A 69 -11.78 -1.53 -0.66
C GLY A 69 -11.19 -0.76 0.50
N PRO A 70 -12.01 0.13 1.10
CA PRO A 70 -11.58 0.96 2.24
C PRO A 70 -11.40 0.13 3.50
N ASN A 71 -10.72 0.72 4.49
CA ASN A 71 -10.47 0.03 5.76
C ASN A 71 -9.73 -1.28 5.54
N SER A 72 -8.78 -1.27 4.60
CA SER A 72 -8.01 -2.46 4.27
C SER A 72 -6.59 -2.36 4.84
N LYS A 73 -6.10 -3.44 5.42
CA LYS A 73 -4.76 -3.47 5.99
C LYS A 73 -3.81 -4.27 5.10
N LEU A 74 -2.81 -3.58 4.55
CA LEU A 74 -1.83 -4.21 3.69
C LEU A 74 -0.65 -4.75 4.49
N ASN A 75 0.02 -5.77 3.96
CA ASN A 75 1.16 -6.36 4.64
C ASN A 75 2.46 -6.01 3.91
N LEU A 76 3.39 -5.42 4.65
CA LEU A 76 4.68 -5.02 4.09
C LEU A 76 5.76 -6.04 4.44
N VAL A 77 6.65 -6.29 3.49
CA VAL A 77 7.75 -7.24 3.70
C VAL A 77 9.09 -6.63 3.32
N VAL A 78 10.13 -6.97 4.08
CA VAL A 78 11.46 -6.45 3.82
C VAL A 78 12.25 -7.38 2.91
N LYS A 79 12.59 -6.90 1.73
CA LYS A 79 13.34 -7.70 0.76
C LYS A 79 14.78 -7.21 0.66
N PRO A 80 15.64 -7.68 1.59
CA PRO A 80 17.05 -7.30 1.62
C PRO A 80 17.83 -7.90 0.46
N LEU A 81 19.11 -7.54 0.36
CA LEU A 81 19.97 -8.03 -0.71
C LEU A 81 19.94 -9.55 -0.77
N GLY A 1 -16.38 25.12 4.72
CA GLY A 1 -17.10 24.07 5.39
C GLY A 1 -16.18 23.06 6.05
N SER A 2 -16.45 21.78 5.83
CA SER A 2 -15.64 20.72 6.41
C SER A 2 -14.82 20.01 5.34
N SER A 3 -13.51 19.93 5.56
CA SER A 3 -12.60 19.29 4.61
C SER A 3 -12.79 17.77 4.62
N GLY A 4 -13.83 17.30 3.94
CA GLY A 4 -14.10 15.88 3.89
C GLY A 4 -13.00 15.11 3.17
N SER A 5 -12.91 13.82 3.48
CA SER A 5 -11.89 12.98 2.86
C SER A 5 -12.30 12.57 1.45
N SER A 6 -11.31 12.34 0.59
CA SER A 6 -11.57 11.95 -0.79
C SER A 6 -10.82 10.67 -1.14
N GLY A 7 -11.45 9.52 -0.89
CA GLY A 7 -10.82 8.25 -1.20
C GLY A 7 -10.98 7.25 -0.07
N MET A 8 -9.90 6.55 0.26
CA MET A 8 -9.93 5.55 1.32
C MET A 8 -8.63 5.58 2.12
N GLN A 9 -8.64 4.94 3.28
CA GLN A 9 -7.46 4.90 4.15
C GLN A 9 -6.86 3.49 4.17
N LEU A 10 -5.54 3.42 4.20
CA LEU A 10 -4.83 2.14 4.22
C LEU A 10 -3.80 2.11 5.34
N THR A 11 -3.64 0.95 5.96
CA THR A 11 -2.68 0.78 7.04
C THR A 11 -1.69 -0.34 6.73
N VAL A 12 -0.44 0.04 6.46
CA VAL A 12 0.60 -0.94 6.16
C VAL A 12 1.31 -1.40 7.42
N LYS A 13 1.15 -2.68 7.75
CA LYS A 13 1.78 -3.25 8.94
C LYS A 13 2.98 -4.12 8.56
N ALA A 14 4.09 -3.93 9.27
CA ALA A 14 5.29 -4.69 9.01
C ALA A 14 5.38 -5.92 9.93
N LEU A 15 5.91 -7.01 9.39
CA LEU A 15 6.05 -8.24 10.15
C LEU A 15 6.53 -7.96 11.58
N GLN A 16 5.65 -8.17 12.54
CA GLN A 16 5.99 -7.94 13.95
C GLN A 16 6.91 -6.73 14.08
N GLY A 17 6.67 -5.71 13.27
CA GLY A 17 7.48 -4.51 13.31
C GLY A 17 6.66 -3.25 13.49
N ARG A 18 6.91 -2.26 12.64
CA ARG A 18 6.18 -0.99 12.71
C ARG A 18 5.08 -0.95 11.66
N GLU A 19 4.34 0.16 11.64
CA GLU A 19 3.25 0.33 10.68
C GLU A 19 3.07 1.80 10.32
N CYS A 20 2.26 2.06 9.30
CA CYS A 20 2.00 3.43 8.85
C CYS A 20 0.71 3.51 8.05
N SER A 21 -0.02 4.60 8.22
CA SER A 21 -1.28 4.79 7.51
C SER A 21 -1.14 5.88 6.44
N LEU A 22 -2.00 5.81 5.43
CA LEU A 22 -1.98 6.78 4.34
C LEU A 22 -3.35 6.93 3.71
N GLN A 23 -3.54 8.00 2.95
CA GLN A 23 -4.81 8.26 2.28
C GLN A 23 -4.68 8.13 0.77
N VAL A 24 -5.41 7.19 0.18
CA VAL A 24 -5.37 6.96 -1.25
C VAL A 24 -6.70 6.43 -1.77
N PRO A 25 -7.04 6.78 -3.02
CA PRO A 25 -8.28 6.33 -3.65
C PRO A 25 -8.29 4.85 -3.96
N GLU A 26 -9.47 4.23 -3.93
CA GLU A 26 -9.60 2.81 -4.21
C GLU A 26 -9.06 2.47 -5.59
N ASP A 27 -9.03 3.46 -6.46
CA ASP A 27 -8.54 3.28 -7.82
C ASP A 27 -7.09 3.74 -7.94
N GLU A 28 -6.37 3.73 -6.82
CA GLU A 28 -4.97 4.14 -6.81
C GLU A 28 -4.08 3.04 -7.37
N LEU A 29 -3.17 3.42 -8.25
CA LEU A 29 -2.25 2.47 -8.85
C LEU A 29 -1.28 1.90 -7.82
N VAL A 30 -1.03 0.60 -7.90
CA VAL A 30 -0.12 -0.07 -6.97
C VAL A 30 1.27 0.54 -7.03
N SER A 31 1.62 1.08 -8.19
CA SER A 31 2.93 1.70 -8.38
C SER A 31 3.09 2.92 -7.48
N THR A 32 2.04 3.72 -7.38
CA THR A 32 2.05 4.92 -6.55
C THR A 32 1.72 4.60 -5.11
N LEU A 33 0.88 3.58 -4.91
CA LEU A 33 0.48 3.17 -3.57
C LEU A 33 1.69 2.79 -2.73
N LYS A 34 2.71 2.26 -3.38
CA LYS A 34 3.93 1.86 -2.69
C LYS A 34 4.88 3.03 -2.52
N GLN A 35 5.27 3.64 -3.65
CA GLN A 35 6.17 4.79 -3.61
C GLN A 35 5.80 5.74 -2.49
N LEU A 36 4.53 5.76 -2.13
CA LEU A 36 4.04 6.63 -1.06
C LEU A 36 4.53 6.16 0.29
N VAL A 37 4.41 4.85 0.55
CA VAL A 37 4.85 4.27 1.81
C VAL A 37 6.36 4.30 1.93
N SER A 38 7.05 4.14 0.80
CA SER A 38 8.51 4.15 0.79
C SER A 38 9.06 5.37 1.51
N GLU A 39 8.49 6.54 1.21
CA GLU A 39 8.92 7.78 1.83
C GLU A 39 8.56 7.80 3.31
N LYS A 40 7.43 7.20 3.65
CA LYS A 40 6.97 7.15 5.04
C LYS A 40 7.98 6.40 5.90
N LEU A 41 8.34 5.19 5.49
CA LEU A 41 9.29 4.39 6.23
C LEU A 41 10.70 4.55 5.68
N ASN A 42 10.85 5.45 4.71
CA ASN A 42 12.15 5.70 4.09
C ASN A 42 12.72 4.42 3.49
N VAL A 43 11.84 3.51 3.09
CA VAL A 43 12.26 2.25 2.50
C VAL A 43 11.98 2.23 1.00
N PRO A 44 12.95 1.73 0.22
CA PRO A 44 12.83 1.64 -1.24
C PRO A 44 11.82 0.58 -1.67
N VAL A 45 10.95 0.95 -2.62
CA VAL A 45 9.94 0.03 -3.11
C VAL A 45 10.55 -1.30 -3.53
N ARG A 46 11.75 -1.24 -4.10
CA ARG A 46 12.46 -2.44 -4.54
C ARG A 46 12.56 -3.46 -3.40
N GLN A 47 12.93 -2.98 -2.22
CA GLN A 47 13.07 -3.85 -1.05
C GLN A 47 11.70 -4.16 -0.45
N GLN A 48 11.09 -3.17 0.18
CA GLN A 48 9.78 -3.35 0.80
C GLN A 48 8.78 -3.92 -0.20
N ARG A 49 7.80 -4.66 0.31
CA ARG A 49 6.77 -5.27 -0.54
C ARG A 49 5.41 -5.23 0.15
N LEU A 50 4.38 -4.97 -0.64
CA LEU A 50 3.02 -4.90 -0.10
C LEU A 50 2.28 -6.23 -0.32
N LEU A 51 1.43 -6.58 0.62
CA LEU A 51 0.66 -7.82 0.53
C LEU A 51 -0.77 -7.61 1.00
N PHE A 52 -1.68 -8.45 0.50
CA PHE A 52 -3.09 -8.36 0.88
C PHE A 52 -3.67 -9.74 1.14
N LYS A 53 -3.91 -10.04 2.41
CA LYS A 53 -4.47 -11.33 2.80
C LYS A 53 -3.69 -12.47 2.17
N GLY A 54 -2.39 -12.25 1.93
CA GLY A 54 -1.56 -13.27 1.34
C GLY A 54 -1.53 -13.18 -0.19
N LYS A 55 -1.91 -12.02 -0.71
CA LYS A 55 -1.93 -11.81 -2.16
C LYS A 55 -0.82 -10.84 -2.58
N ALA A 56 -0.09 -11.21 -3.62
CA ALA A 56 1.00 -10.38 -4.13
C ALA A 56 0.47 -9.31 -5.07
N LEU A 57 0.66 -8.06 -4.70
CA LEU A 57 0.20 -6.94 -5.52
C LEU A 57 1.18 -6.65 -6.65
N ALA A 58 0.68 -6.67 -7.88
CA ALA A 58 1.52 -6.42 -9.05
C ALA A 58 1.51 -4.93 -9.40
N ASP A 59 2.70 -4.32 -9.39
CA ASP A 59 2.83 -2.91 -9.71
C ASP A 59 2.17 -2.59 -11.05
N GLY A 60 1.51 -1.44 -11.12
CA GLY A 60 0.85 -1.03 -12.34
C GLY A 60 -0.66 -1.19 -12.26
N LYS A 61 -1.11 -2.30 -11.68
CA LYS A 61 -2.54 -2.57 -11.55
C LYS A 61 -3.16 -1.64 -10.51
N ARG A 62 -4.45 -1.84 -10.25
CA ARG A 62 -5.17 -1.01 -9.28
C ARG A 62 -5.81 -1.89 -8.20
N LEU A 63 -5.75 -1.41 -6.96
CA LEU A 63 -6.33 -2.15 -5.84
C LEU A 63 -7.79 -2.49 -6.10
N SER A 64 -8.45 -1.67 -6.91
CA SER A 64 -9.85 -1.90 -7.24
C SER A 64 -10.03 -3.21 -8.00
N ASP A 65 -8.99 -3.62 -8.71
CA ASP A 65 -9.03 -4.86 -9.48
C ASP A 65 -8.84 -6.07 -8.57
N TYR A 66 -8.05 -5.91 -7.52
CA TYR A 66 -7.79 -6.98 -6.58
C TYR A 66 -8.94 -7.13 -5.59
N SER A 67 -9.98 -6.32 -5.77
CA SER A 67 -11.14 -6.37 -4.90
C SER A 67 -10.78 -5.91 -3.49
N ILE A 68 -9.99 -4.85 -3.40
CA ILE A 68 -9.58 -4.31 -2.11
C ILE A 68 -10.30 -3.01 -1.80
N GLY A 69 -11.29 -3.08 -0.91
CA GLY A 69 -12.04 -1.90 -0.54
C GLY A 69 -11.32 -1.06 0.50
N PRO A 70 -12.07 -0.15 1.14
CA PRO A 70 -11.52 0.73 2.18
C PRO A 70 -11.16 -0.02 3.45
N ASN A 71 -10.63 0.70 4.43
CA ASN A 71 -10.25 0.10 5.70
C ASN A 71 -9.54 -1.22 5.49
N SER A 72 -8.65 -1.26 4.50
CA SER A 72 -7.91 -2.48 4.19
C SER A 72 -6.50 -2.42 4.76
N LYS A 73 -6.15 -3.42 5.56
CA LYS A 73 -4.83 -3.49 6.17
C LYS A 73 -3.87 -4.33 5.34
N LEU A 74 -2.83 -3.71 4.82
CA LEU A 74 -1.84 -4.41 4.00
C LEU A 74 -0.62 -4.80 4.83
N ASN A 75 0.11 -5.80 4.36
CA ASN A 75 1.31 -6.27 5.06
C ASN A 75 2.57 -5.78 4.36
N LEU A 76 3.62 -5.53 5.14
CA LEU A 76 4.88 -5.06 4.60
C LEU A 76 5.99 -6.09 4.83
N VAL A 77 6.69 -6.45 3.76
CA VAL A 77 7.78 -7.41 3.84
C VAL A 77 9.10 -6.80 3.39
N VAL A 78 10.16 -7.11 4.12
CA VAL A 78 11.49 -6.59 3.80
C VAL A 78 12.30 -7.61 2.99
N LYS A 79 12.56 -7.28 1.73
CA LYS A 79 13.32 -8.17 0.85
C LYS A 79 14.81 -8.08 1.16
N PRO A 80 15.57 -9.11 0.75
CA PRO A 80 17.01 -9.17 0.97
C PRO A 80 17.77 -8.15 0.12
N LEU A 81 19.02 -7.90 0.48
CA LEU A 81 19.85 -6.96 -0.25
C LEU A 81 20.86 -7.68 -1.15
N GLY A 1 -2.09 12.86 -1.04
CA GLY A 1 -2.86 13.90 -1.71
C GLY A 1 -4.22 14.11 -1.10
N SER A 2 -4.96 15.10 -1.60
CA SER A 2 -6.29 15.40 -1.10
C SER A 2 -7.19 14.17 -1.18
N SER A 3 -7.65 13.71 -0.01
CA SER A 3 -8.52 12.54 0.06
C SER A 3 -9.18 12.44 1.43
N GLY A 4 -10.50 12.23 1.43
CA GLY A 4 -11.23 12.11 2.67
C GLY A 4 -12.41 11.18 2.57
N SER A 5 -13.40 11.56 1.76
CA SER A 5 -14.59 10.74 1.57
C SER A 5 -14.53 9.97 0.26
N SER A 6 -13.97 10.60 -0.77
CA SER A 6 -13.84 9.97 -2.07
C SER A 6 -12.82 8.84 -2.03
N GLY A 7 -11.63 9.14 -1.51
CA GLY A 7 -10.58 8.14 -1.44
C GLY A 7 -10.82 7.14 -0.31
N MET A 8 -9.76 6.47 0.12
CA MET A 8 -9.85 5.49 1.19
C MET A 8 -8.57 5.47 2.02
N GLN A 9 -8.69 5.05 3.27
CA GLN A 9 -7.55 4.98 4.17
C GLN A 9 -6.93 3.60 4.15
N LEU A 10 -5.60 3.54 4.11
CA LEU A 10 -4.87 2.28 4.08
C LEU A 10 -3.77 2.27 5.13
N THR A 11 -3.76 1.24 5.97
CA THR A 11 -2.75 1.10 7.01
C THR A 11 -1.83 -0.07 6.73
N VAL A 12 -0.60 0.23 6.30
CA VAL A 12 0.39 -0.80 6.01
C VAL A 12 1.08 -1.28 7.28
N LYS A 13 0.90 -2.57 7.58
CA LYS A 13 1.52 -3.16 8.77
C LYS A 13 2.55 -4.21 8.39
N ALA A 14 3.70 -4.18 9.04
CA ALA A 14 4.76 -5.13 8.77
C ALA A 14 4.73 -6.29 9.77
N LEU A 15 5.37 -7.39 9.40
CA LEU A 15 5.41 -8.57 10.26
C LEU A 15 5.74 -8.19 11.70
N GLN A 16 4.70 -8.08 12.53
CA GLN A 16 4.87 -7.72 13.93
C GLN A 16 6.01 -6.72 14.09
N GLY A 17 6.13 -5.80 13.13
CA GLY A 17 7.17 -4.79 13.18
C GLY A 17 6.63 -3.39 13.27
N ARG A 18 6.82 -2.61 12.21
CA ARG A 18 6.35 -1.23 12.17
C ARG A 18 5.09 -1.12 11.31
N GLU A 19 4.51 0.08 11.26
CA GLU A 19 3.31 0.31 10.48
C GLU A 19 3.15 1.81 10.17
N CYS A 20 2.21 2.12 9.29
CA CYS A 20 1.95 3.50 8.91
C CYS A 20 0.66 3.61 8.11
N SER A 21 -0.07 4.71 8.32
CA SER A 21 -1.33 4.94 7.63
C SER A 21 -1.16 5.96 6.52
N LEU A 22 -1.99 5.85 5.48
CA LEU A 22 -1.93 6.77 4.36
C LEU A 22 -3.30 6.91 3.69
N GLN A 23 -3.52 8.04 3.02
CA GLN A 23 -4.78 8.29 2.34
C GLN A 23 -4.64 8.10 0.83
N VAL A 24 -5.48 7.23 0.27
CA VAL A 24 -5.44 6.95 -1.16
C VAL A 24 -6.74 6.32 -1.62
N PRO A 25 -7.09 6.55 -2.90
CA PRO A 25 -8.30 5.99 -3.50
C PRO A 25 -8.24 4.48 -3.69
N GLU A 26 -9.28 3.91 -4.28
CA GLU A 26 -9.33 2.47 -4.52
C GLU A 26 -8.73 2.13 -5.89
N ASP A 27 -8.97 3.00 -6.85
CA ASP A 27 -8.46 2.79 -8.21
C ASP A 27 -7.02 3.26 -8.33
N GLU A 28 -6.33 3.35 -7.19
CA GLU A 28 -4.94 3.79 -7.16
C GLU A 28 -4.01 2.71 -7.70
N LEU A 29 -2.90 3.14 -8.29
CA LEU A 29 -1.93 2.20 -8.85
C LEU A 29 -0.95 1.72 -7.78
N VAL A 30 -0.78 0.40 -7.69
CA VAL A 30 0.13 -0.19 -6.71
C VAL A 30 1.49 0.48 -6.77
N SER A 31 1.87 0.96 -7.95
CA SER A 31 3.16 1.62 -8.13
C SER A 31 3.24 2.89 -7.30
N THR A 32 2.17 3.67 -7.29
CA THR A 32 2.12 4.92 -6.54
C THR A 32 1.77 4.65 -5.07
N LEU A 33 0.99 3.61 -4.83
CA LEU A 33 0.59 3.25 -3.48
C LEU A 33 1.80 2.84 -2.64
N LYS A 34 2.82 2.30 -3.30
CA LYS A 34 4.04 1.87 -2.63
C LYS A 34 5.00 3.04 -2.44
N GLN A 35 5.23 3.78 -3.51
CA GLN A 35 6.13 4.94 -3.46
C GLN A 35 5.77 5.86 -2.31
N LEU A 36 4.48 5.92 -1.99
CA LEU A 36 4.00 6.77 -0.91
C LEU A 36 4.53 6.29 0.44
N VAL A 37 4.43 4.99 0.68
CA VAL A 37 4.90 4.40 1.93
C VAL A 37 6.42 4.43 2.01
N SER A 38 7.07 4.46 0.85
CA SER A 38 8.52 4.48 0.78
C SER A 38 9.08 5.69 1.53
N GLU A 39 8.38 6.81 1.44
CA GLU A 39 8.80 8.03 2.11
C GLU A 39 8.51 7.96 3.61
N LYS A 40 7.42 7.28 3.97
CA LYS A 40 7.04 7.13 5.36
C LYS A 40 8.06 6.30 6.12
N LEU A 41 8.21 5.04 5.71
CA LEU A 41 9.15 4.13 6.36
C LEU A 41 10.55 4.30 5.78
N ASN A 42 10.68 5.23 4.83
CA ASN A 42 11.97 5.50 4.21
C ASN A 42 12.54 4.23 3.57
N VAL A 43 11.66 3.43 2.99
CA VAL A 43 12.08 2.18 2.35
C VAL A 43 11.78 2.21 0.86
N PRO A 44 12.74 1.74 0.04
CA PRO A 44 12.60 1.70 -1.41
C PRO A 44 11.59 0.67 -1.87
N VAL A 45 10.72 1.07 -2.80
CA VAL A 45 9.69 0.18 -3.32
C VAL A 45 10.30 -1.14 -3.79
N ARG A 46 11.53 -1.08 -4.27
CA ARG A 46 12.23 -2.26 -4.76
C ARG A 46 12.35 -3.31 -3.65
N GLN A 47 12.52 -2.84 -2.41
CA GLN A 47 12.66 -3.73 -1.28
C GLN A 47 11.30 -4.07 -0.68
N GLN A 48 10.71 -3.11 0.02
CA GLN A 48 9.40 -3.31 0.63
C GLN A 48 8.41 -3.90 -0.36
N ARG A 49 7.66 -4.91 0.07
CA ARG A 49 6.68 -5.56 -0.78
C ARG A 49 5.31 -5.56 -0.13
N LEU A 50 4.27 -5.42 -0.94
CA LEU A 50 2.89 -5.40 -0.44
C LEU A 50 2.24 -6.78 -0.58
N LEU A 51 1.42 -7.14 0.40
CA LEU A 51 0.73 -8.42 0.38
C LEU A 51 -0.69 -8.29 0.91
N PHE A 52 -1.62 -9.02 0.30
CA PHE A 52 -3.02 -8.98 0.71
C PHE A 52 -3.57 -10.39 0.88
N LYS A 53 -3.86 -10.76 2.13
CA LYS A 53 -4.39 -12.08 2.43
C LYS A 53 -3.49 -13.18 1.88
N GLY A 54 -2.19 -12.89 1.80
CA GLY A 54 -1.24 -13.85 1.29
C GLY A 54 -1.13 -13.82 -0.21
N LYS A 55 -1.62 -12.74 -0.82
CA LYS A 55 -1.57 -12.60 -2.27
C LYS A 55 -0.53 -11.55 -2.67
N ALA A 56 0.31 -11.91 -3.65
CA ALA A 56 1.35 -11.01 -4.12
C ALA A 56 0.78 -9.97 -5.10
N LEU A 57 0.94 -8.71 -4.76
CA LEU A 57 0.43 -7.62 -5.59
C LEU A 57 1.47 -7.21 -6.64
N ALA A 58 1.00 -6.95 -7.85
CA ALA A 58 1.89 -6.56 -8.95
C ALA A 58 1.88 -5.04 -9.14
N ASP A 59 3.06 -4.45 -9.15
CA ASP A 59 3.19 -3.00 -9.32
C ASP A 59 2.53 -2.55 -10.62
N GLY A 60 1.73 -1.50 -10.54
CA GLY A 60 1.05 -0.99 -11.72
C GLY A 60 -0.44 -1.18 -11.65
N LYS A 61 -0.87 -2.40 -11.33
CA LYS A 61 -2.30 -2.71 -11.23
C LYS A 61 -2.99 -1.77 -10.25
N ARG A 62 -4.30 -1.95 -10.09
CA ARG A 62 -5.09 -1.13 -9.18
C ARG A 62 -5.68 -1.97 -8.06
N LEU A 63 -5.55 -1.48 -6.82
CA LEU A 63 -6.08 -2.18 -5.67
C LEU A 63 -7.54 -2.57 -5.87
N SER A 64 -8.24 -1.79 -6.69
CA SER A 64 -9.64 -2.05 -6.97
C SER A 64 -9.82 -3.42 -7.65
N ASP A 65 -8.86 -3.80 -8.47
CA ASP A 65 -8.91 -5.07 -9.17
C ASP A 65 -8.67 -6.22 -8.20
N TYR A 66 -7.86 -5.97 -7.17
CA TYR A 66 -7.55 -6.99 -6.17
C TYR A 66 -8.69 -7.13 -5.17
N SER A 67 -9.83 -6.52 -5.48
CA SER A 67 -10.98 -6.57 -4.59
C SER A 67 -10.63 -6.06 -3.21
N ILE A 68 -9.91 -4.94 -3.15
CA ILE A 68 -9.51 -4.34 -1.88
C ILE A 68 -10.18 -3.00 -1.67
N GLY A 69 -11.25 -3.00 -0.88
CA GLY A 69 -11.98 -1.77 -0.61
C GLY A 69 -11.35 -0.97 0.52
N PRO A 70 -12.15 -0.08 1.13
CA PRO A 70 -11.68 0.77 2.24
C PRO A 70 -11.44 -0.03 3.51
N ASN A 71 -10.75 0.59 4.48
CA ASN A 71 -10.45 -0.06 5.74
C ASN A 71 -9.76 -1.41 5.50
N SER A 72 -8.72 -1.40 4.69
CA SER A 72 -7.98 -2.62 4.37
C SER A 72 -6.53 -2.49 4.81
N LYS A 73 -6.09 -3.42 5.65
CA LYS A 73 -4.71 -3.42 6.14
C LYS A 73 -3.81 -4.25 5.24
N LEU A 74 -2.78 -3.62 4.68
CA LEU A 74 -1.84 -4.30 3.80
C LEU A 74 -0.61 -4.77 4.57
N ASN A 75 0.00 -5.86 4.10
CA ASN A 75 1.18 -6.41 4.75
C ASN A 75 2.45 -5.99 4.01
N LEU A 76 3.43 -5.54 4.77
CA LEU A 76 4.71 -5.10 4.20
C LEU A 76 5.80 -6.13 4.48
N VAL A 77 6.55 -6.48 3.43
CA VAL A 77 7.64 -7.45 3.56
C VAL A 77 8.97 -6.83 3.12
N VAL A 78 10.03 -7.16 3.85
CA VAL A 78 11.36 -6.65 3.53
C VAL A 78 12.20 -7.70 2.81
N LYS A 79 12.39 -7.51 1.51
CA LYS A 79 13.17 -8.43 0.71
C LYS A 79 14.65 -8.33 1.05
N PRO A 80 15.35 -9.48 0.99
CA PRO A 80 16.78 -9.55 1.28
C PRO A 80 17.63 -8.85 0.22
N LEU A 81 18.67 -8.14 0.66
CA LEU A 81 19.56 -7.43 -0.25
C LEU A 81 20.41 -8.41 -1.05
N GLY A 1 -15.50 8.17 1.64
CA GLY A 1 -16.94 8.20 1.65
C GLY A 1 -17.51 9.60 1.50
N SER A 2 -17.26 10.44 2.50
CA SER A 2 -17.75 11.82 2.47
C SER A 2 -16.76 12.73 1.77
N SER A 3 -17.18 13.97 1.50
CA SER A 3 -16.34 14.94 0.82
C SER A 3 -14.98 15.06 1.53
N GLY A 4 -15.02 15.20 2.85
CA GLY A 4 -13.79 15.33 3.61
C GLY A 4 -12.83 14.20 3.35
N SER A 5 -13.24 12.98 3.65
CA SER A 5 -12.40 11.80 3.45
C SER A 5 -12.05 11.64 1.97
N SER A 6 -10.78 11.36 1.70
CA SER A 6 -10.31 11.18 0.33
C SER A 6 -10.15 9.70 0.00
N GLY A 7 -11.03 9.20 -0.86
CA GLY A 7 -10.98 7.80 -1.24
C GLY A 7 -11.14 6.87 -0.06
N MET A 8 -10.04 6.23 0.34
CA MET A 8 -10.06 5.30 1.46
C MET A 8 -8.77 5.38 2.26
N GLN A 9 -8.79 4.85 3.47
CA GLN A 9 -7.62 4.86 4.34
C GLN A 9 -6.99 3.48 4.42
N LEU A 10 -5.66 3.43 4.26
CA LEU A 10 -4.93 2.16 4.32
C LEU A 10 -3.89 2.19 5.44
N THR A 11 -3.53 1.01 5.93
CA THR A 11 -2.55 0.90 6.99
C THR A 11 -1.54 -0.20 6.69
N VAL A 12 -0.34 0.20 6.28
CA VAL A 12 0.72 -0.75 5.96
C VAL A 12 1.50 -1.15 7.20
N LYS A 13 1.43 -2.43 7.55
CA LYS A 13 2.13 -2.95 8.72
C LYS A 13 3.31 -3.83 8.31
N ALA A 14 4.49 -3.48 8.81
CA ALA A 14 5.70 -4.25 8.49
C ALA A 14 5.87 -5.42 9.45
N LEU A 15 6.32 -6.54 8.93
CA LEU A 15 6.53 -7.74 9.74
C LEU A 15 7.23 -7.38 11.05
N GLN A 16 8.23 -6.52 10.97
CA GLN A 16 8.96 -6.10 12.15
C GLN A 16 8.03 -5.55 13.22
N GLY A 17 7.07 -4.73 12.80
CA GLY A 17 6.11 -4.15 13.74
C GLY A 17 5.70 -2.75 13.34
N ARG A 18 6.67 -1.96 12.87
CA ARG A 18 6.40 -0.58 12.47
C ARG A 18 5.31 -0.53 11.40
N GLU A 19 4.39 0.42 11.54
CA GLU A 19 3.31 0.57 10.58
C GLU A 19 3.16 2.03 10.15
N CYS A 20 2.22 2.29 9.24
CA CYS A 20 1.98 3.64 8.75
C CYS A 20 0.69 3.70 7.95
N SER A 21 -0.13 4.71 8.22
CA SER A 21 -1.40 4.88 7.53
C SER A 21 -1.32 6.02 6.51
N LEU A 22 -2.09 5.90 5.44
CA LEU A 22 -2.11 6.91 4.39
C LEU A 22 -3.48 6.98 3.73
N GLN A 23 -3.72 8.05 2.98
CA GLN A 23 -4.99 8.24 2.29
C GLN A 23 -4.81 8.10 0.79
N VAL A 24 -5.48 7.11 0.20
CA VAL A 24 -5.40 6.86 -1.23
C VAL A 24 -6.74 6.40 -1.78
N PRO A 25 -6.98 6.67 -3.07
CA PRO A 25 -8.22 6.29 -3.76
C PRO A 25 -8.33 4.78 -3.95
N GLU A 26 -9.42 4.34 -4.57
CA GLU A 26 -9.65 2.93 -4.82
C GLU A 26 -8.95 2.50 -6.11
N ASP A 27 -8.92 3.38 -7.09
CA ASP A 27 -8.28 3.09 -8.37
C ASP A 27 -6.81 3.48 -8.35
N GLU A 28 -6.23 3.52 -7.15
CA GLU A 28 -4.83 3.88 -7.00
C GLU A 28 -3.92 2.78 -7.55
N LEU A 29 -2.83 3.19 -8.19
CA LEU A 29 -1.88 2.25 -8.76
C LEU A 29 -0.93 1.71 -7.70
N VAL A 30 -0.75 0.40 -7.67
CA VAL A 30 0.13 -0.25 -6.71
C VAL A 30 1.52 0.39 -6.73
N SER A 31 1.92 0.90 -7.89
CA SER A 31 3.23 1.52 -8.03
C SER A 31 3.32 2.79 -7.19
N THR A 32 2.23 3.56 -7.18
CA THR A 32 2.19 4.81 -6.42
C THR A 32 1.90 4.54 -4.95
N LEU A 33 1.05 3.54 -4.69
CA LEU A 33 0.69 3.18 -3.32
C LEU A 33 1.92 2.76 -2.53
N LYS A 34 2.95 2.32 -3.23
CA LYS A 34 4.20 1.89 -2.59
C LYS A 34 5.14 3.07 -2.40
N GLN A 35 5.29 3.88 -3.45
CA GLN A 35 6.17 5.04 -3.39
C GLN A 35 5.81 5.94 -2.21
N LEU A 36 4.52 6.13 -1.99
CA LEU A 36 4.03 6.97 -0.89
C LEU A 36 4.68 6.55 0.43
N VAL A 37 4.53 5.27 0.78
CA VAL A 37 5.10 4.74 2.01
C VAL A 37 6.62 4.73 1.95
N SER A 38 7.16 4.39 0.79
CA SER A 38 8.61 4.34 0.60
C SER A 38 9.29 5.54 1.25
N GLU A 39 8.54 6.62 1.41
CA GLU A 39 9.07 7.84 2.02
C GLU A 39 8.74 7.88 3.52
N LYS A 40 7.56 7.40 3.86
CA LYS A 40 7.13 7.38 5.26
C LYS A 40 8.13 6.63 6.13
N LEU A 41 8.27 5.33 5.89
CA LEU A 41 9.20 4.50 6.65
C LEU A 41 10.59 4.53 6.02
N ASN A 42 10.81 5.46 5.10
CA ASN A 42 12.09 5.59 4.43
C ASN A 42 12.58 4.23 3.94
N VAL A 43 11.69 3.48 3.30
CA VAL A 43 12.05 2.17 2.77
C VAL A 43 11.93 2.13 1.26
N PRO A 44 12.91 1.49 0.60
CA PRO A 44 12.94 1.36 -0.86
C PRO A 44 11.85 0.43 -1.39
N VAL A 45 11.00 0.97 -2.26
CA VAL A 45 9.91 0.19 -2.84
C VAL A 45 10.41 -1.16 -3.33
N ARG A 46 11.59 -1.18 -3.94
CA ARG A 46 12.18 -2.40 -4.45
C ARG A 46 12.14 -3.51 -3.41
N GLN A 47 12.34 -3.13 -2.15
CA GLN A 47 12.32 -4.10 -1.06
C GLN A 47 10.90 -4.31 -0.54
N GLN A 48 10.39 -3.34 0.21
CA GLN A 48 9.05 -3.42 0.76
C GLN A 48 8.09 -4.06 -0.23
N ARG A 49 7.35 -5.07 0.23
CA ARG A 49 6.40 -5.76 -0.63
C ARG A 49 4.99 -5.68 -0.05
N LEU A 50 4.03 -5.28 -0.88
CA LEU A 50 2.65 -5.16 -0.45
C LEU A 50 1.91 -6.49 -0.60
N LEU A 51 1.20 -6.89 0.45
CA LEU A 51 0.45 -8.14 0.43
C LEU A 51 -0.97 -7.93 0.93
N PHE A 52 -1.92 -8.61 0.29
CA PHE A 52 -3.33 -8.50 0.67
C PHE A 52 -3.94 -9.88 0.89
N LYS A 53 -4.31 -10.17 2.14
CA LYS A 53 -4.91 -11.44 2.49
C LYS A 53 -4.03 -12.60 2.02
N GLY A 54 -2.72 -12.37 2.01
CA GLY A 54 -1.80 -13.41 1.58
C GLY A 54 -1.63 -13.47 0.08
N LYS A 55 -2.00 -12.38 -0.60
CA LYS A 55 -1.90 -12.30 -2.05
C LYS A 55 -0.87 -11.27 -2.47
N ALA A 56 -0.01 -11.64 -3.42
CA ALA A 56 1.03 -10.74 -3.91
C ALA A 56 0.45 -9.74 -4.90
N LEU A 57 0.64 -8.46 -4.62
CA LEU A 57 0.15 -7.40 -5.49
C LEU A 57 1.20 -7.00 -6.52
N ALA A 58 0.75 -6.59 -7.70
CA ALA A 58 1.66 -6.18 -8.77
C ALA A 58 1.76 -4.67 -8.84
N ASP A 59 2.97 -4.14 -8.72
CA ASP A 59 3.20 -2.71 -8.77
C ASP A 59 2.43 -2.08 -9.93
N GLY A 60 2.19 -2.87 -10.98
CA GLY A 60 1.46 -2.37 -12.13
C GLY A 60 -0.04 -2.51 -11.97
N LYS A 61 -0.46 -3.56 -11.28
CA LYS A 61 -1.88 -3.81 -11.06
C LYS A 61 -2.50 -2.71 -10.21
N ARG A 62 -3.80 -2.83 -9.94
CA ARG A 62 -4.51 -1.85 -9.14
C ARG A 62 -5.25 -2.52 -7.98
N LEU A 63 -5.39 -1.80 -6.88
CA LEU A 63 -6.08 -2.32 -5.70
C LEU A 63 -7.54 -2.65 -6.03
N SER A 64 -8.18 -1.77 -6.79
CA SER A 64 -9.57 -1.97 -7.19
C SER A 64 -9.75 -3.30 -7.90
N ASP A 65 -8.74 -3.70 -8.66
CA ASP A 65 -8.78 -4.95 -9.41
C ASP A 65 -8.83 -6.15 -8.46
N TYR A 66 -8.10 -6.04 -7.35
CA TYR A 66 -8.05 -7.12 -6.37
C TYR A 66 -9.27 -7.08 -5.46
N SER A 67 -10.28 -6.30 -5.86
CA SER A 67 -11.51 -6.18 -5.08
C SER A 67 -11.19 -5.78 -3.65
N ILE A 68 -10.30 -4.82 -3.49
CA ILE A 68 -9.91 -4.34 -2.16
C ILE A 68 -10.67 -3.09 -1.77
N GLY A 69 -11.62 -3.23 -0.86
CA GLY A 69 -12.41 -2.09 -0.42
C GLY A 69 -11.66 -1.21 0.55
N PRO A 70 -12.36 -0.19 1.09
CA PRO A 70 -11.76 0.75 2.04
C PRO A 70 -11.46 0.11 3.39
N ASN A 71 -10.82 0.87 4.27
CA ASN A 71 -10.47 0.36 5.60
C ASN A 71 -9.78 -0.99 5.50
N SER A 72 -8.86 -1.12 4.54
CA SER A 72 -8.14 -2.37 4.35
C SER A 72 -6.72 -2.26 4.90
N LYS A 73 -6.18 -3.40 5.33
CA LYS A 73 -4.82 -3.44 5.88
C LYS A 73 -3.92 -4.35 5.05
N LEU A 74 -2.80 -3.80 4.60
CA LEU A 74 -1.86 -4.57 3.79
C LEU A 74 -0.60 -4.90 4.59
N ASN A 75 0.11 -5.93 4.16
CA ASN A 75 1.34 -6.35 4.84
C ASN A 75 2.57 -5.89 4.08
N LEU A 76 3.63 -5.55 4.81
CA LEU A 76 4.88 -5.10 4.20
C LEU A 76 6.01 -6.07 4.50
N VAL A 77 6.52 -6.71 3.46
CA VAL A 77 7.62 -7.66 3.61
C VAL A 77 8.88 -7.17 2.90
N VAL A 78 10.00 -7.21 3.60
CA VAL A 78 11.28 -6.77 3.05
C VAL A 78 11.93 -7.88 2.22
N LYS A 79 11.76 -7.78 0.90
CA LYS A 79 12.33 -8.78 0.00
C LYS A 79 13.79 -9.02 0.32
N PRO A 80 14.29 -10.23 -0.03
CA PRO A 80 15.68 -10.61 0.21
C PRO A 80 16.66 -9.84 -0.68
N LEU A 81 17.79 -9.46 -0.11
CA LEU A 81 18.81 -8.71 -0.85
C LEU A 81 19.69 -9.67 -1.67
N GLY A 1 -7.67 26.32 -2.58
CA GLY A 1 -8.23 25.14 -3.22
C GLY A 1 -8.57 24.06 -2.22
N SER A 2 -7.60 23.18 -1.94
CA SER A 2 -7.81 22.09 -1.00
C SER A 2 -9.25 21.56 -1.08
N SER A 3 -9.69 21.25 -2.30
CA SER A 3 -11.04 20.75 -2.52
C SER A 3 -11.00 19.34 -3.11
N GLY A 4 -11.20 18.35 -2.25
CA GLY A 4 -11.19 16.96 -2.70
C GLY A 4 -10.44 16.05 -1.75
N SER A 5 -9.28 15.57 -2.19
CA SER A 5 -8.47 14.67 -1.37
C SER A 5 -9.32 13.56 -0.78
N SER A 6 -10.20 12.99 -1.59
CA SER A 6 -11.08 11.92 -1.13
C SER A 6 -10.55 10.55 -1.57
N GLY A 7 -11.12 9.50 -1.00
CA GLY A 7 -10.69 8.15 -1.34
C GLY A 7 -10.91 7.17 -0.20
N MET A 8 -9.83 6.52 0.23
CA MET A 8 -9.92 5.56 1.32
C MET A 8 -8.64 5.57 2.16
N GLN A 9 -8.72 5.00 3.36
CA GLN A 9 -7.57 4.95 4.25
C GLN A 9 -6.96 3.55 4.26
N LEU A 10 -5.64 3.49 4.13
CA LEU A 10 -4.92 2.22 4.13
C LEU A 10 -3.86 2.19 5.22
N THR A 11 -3.72 1.04 5.88
CA THR A 11 -2.73 0.89 6.93
C THR A 11 -1.73 -0.20 6.59
N VAL A 12 -0.47 0.19 6.41
CA VAL A 12 0.59 -0.75 6.08
C VAL A 12 1.29 -1.26 7.34
N LYS A 13 1.22 -2.57 7.57
CA LYS A 13 1.85 -3.17 8.74
C LYS A 13 2.99 -4.09 8.32
N ALA A 14 4.16 -3.89 8.92
CA ALA A 14 5.33 -4.71 8.61
C ALA A 14 5.35 -5.98 9.47
N LEU A 15 5.63 -7.10 8.82
CA LEU A 15 5.69 -8.38 9.52
C LEU A 15 6.41 -8.25 10.85
N GLN A 16 5.65 -8.17 11.93
CA GLN A 16 6.22 -8.04 13.26
C GLN A 16 7.17 -6.84 13.33
N GLY A 17 6.75 -5.72 12.75
CA GLY A 17 7.57 -4.53 12.76
C GLY A 17 6.77 -3.27 13.03
N ARG A 18 6.95 -2.26 12.18
CA ARG A 18 6.23 -1.00 12.34
C ARG A 18 5.09 -0.89 11.32
N GLU A 19 4.36 0.22 11.38
CA GLU A 19 3.25 0.44 10.47
C GLU A 19 3.05 1.94 10.22
N CYS A 20 2.22 2.26 9.23
CA CYS A 20 1.94 3.65 8.89
C CYS A 20 0.64 3.76 8.09
N SER A 21 -0.11 4.83 8.34
CA SER A 21 -1.38 5.05 7.66
C SER A 21 -1.20 6.08 6.55
N LEU A 22 -1.98 5.90 5.47
CA LEU A 22 -1.92 6.81 4.33
C LEU A 22 -3.30 6.96 3.69
N GLN A 23 -3.55 8.14 3.11
CA GLN A 23 -4.82 8.41 2.47
C GLN A 23 -4.70 8.27 0.94
N VAL A 24 -5.40 7.29 0.39
CA VAL A 24 -5.37 7.04 -1.05
C VAL A 24 -6.71 6.52 -1.54
N PRO A 25 -7.02 6.77 -2.83
CA PRO A 25 -8.27 6.33 -3.45
C PRO A 25 -8.31 4.82 -3.63
N GLU A 26 -9.49 4.32 -3.99
CA GLU A 26 -9.67 2.88 -4.20
C GLU A 26 -9.08 2.45 -5.54
N ASP A 27 -9.10 3.35 -6.51
CA ASP A 27 -8.56 3.06 -7.83
C ASP A 27 -7.12 3.52 -7.94
N GLU A 28 -6.41 3.52 -6.81
CA GLU A 28 -5.01 3.95 -6.79
C GLU A 28 -4.10 2.87 -7.38
N LEU A 29 -3.09 3.29 -8.11
CA LEU A 29 -2.14 2.36 -8.73
C LEU A 29 -1.23 1.74 -7.68
N VAL A 30 -0.97 0.44 -7.81
CA VAL A 30 -0.11 -0.27 -6.88
C VAL A 30 1.27 0.35 -6.83
N SER A 31 1.68 0.96 -7.95
CA SER A 31 3.00 1.59 -8.03
C SER A 31 3.05 2.85 -7.17
N THR A 32 1.98 3.63 -7.20
CA THR A 32 1.91 4.86 -6.42
C THR A 32 1.59 4.57 -4.96
N LEU A 33 0.90 3.46 -4.72
CA LEU A 33 0.53 3.07 -3.37
C LEU A 33 1.76 2.64 -2.57
N LYS A 34 2.77 2.14 -3.27
CA LYS A 34 4.01 1.70 -2.63
C LYS A 34 4.95 2.87 -2.38
N GLN A 35 5.21 3.64 -3.44
CA GLN A 35 6.10 4.80 -3.33
C GLN A 35 5.74 5.64 -2.11
N LEU A 36 4.45 5.92 -1.95
CA LEU A 36 3.96 6.72 -0.83
C LEU A 36 4.56 6.23 0.48
N VAL A 37 4.45 4.92 0.73
CA VAL A 37 4.98 4.33 1.94
C VAL A 37 6.50 4.40 1.98
N SER A 38 7.13 4.10 0.84
CA SER A 38 8.58 4.13 0.74
C SER A 38 9.15 5.38 1.40
N GLU A 39 8.50 6.52 1.16
CA GLU A 39 8.94 7.79 1.72
C GLU A 39 8.59 7.87 3.21
N LYS A 40 7.40 7.40 3.56
CA LYS A 40 6.96 7.41 4.95
C LYS A 40 8.00 6.78 5.86
N LEU A 41 8.36 5.53 5.56
CA LEU A 41 9.35 4.81 6.36
C LEU A 41 10.73 4.90 5.72
N ASN A 42 10.91 5.89 4.85
CA ASN A 42 12.19 6.10 4.19
C ASN A 42 12.76 4.77 3.69
N VAL A 43 11.89 3.88 3.24
CA VAL A 43 12.30 2.58 2.75
C VAL A 43 12.10 2.47 1.24
N PRO A 44 13.09 1.88 0.55
CA PRO A 44 13.04 1.71 -0.90
C PRO A 44 12.01 0.68 -1.33
N VAL A 45 11.15 1.05 -2.27
CA VAL A 45 10.12 0.16 -2.77
C VAL A 45 10.70 -1.19 -3.20
N ARG A 46 11.81 -1.13 -3.93
CA ARG A 46 12.46 -2.35 -4.40
C ARG A 46 12.55 -3.38 -3.28
N GLN A 47 12.60 -2.91 -2.04
CA GLN A 47 12.68 -3.79 -0.88
C GLN A 47 11.30 -4.08 -0.32
N GLN A 48 10.68 -3.06 0.29
CA GLN A 48 9.36 -3.22 0.87
C GLN A 48 8.36 -3.71 -0.17
N ARG A 49 7.63 -4.76 0.18
CA ARG A 49 6.63 -5.34 -0.72
C ARG A 49 5.27 -5.44 -0.04
N LEU A 50 4.22 -5.06 -0.75
CA LEU A 50 2.87 -5.11 -0.22
C LEU A 50 2.21 -6.46 -0.49
N LEU A 51 1.42 -6.94 0.44
CA LEU A 51 0.73 -8.21 0.30
C LEU A 51 -0.68 -8.15 0.86
N PHE A 52 -1.60 -8.87 0.23
CA PHE A 52 -2.99 -8.90 0.66
C PHE A 52 -3.50 -10.33 0.77
N LYS A 53 -3.84 -10.74 1.99
CA LYS A 53 -4.35 -12.09 2.23
C LYS A 53 -3.50 -13.12 1.49
N GLY A 54 -2.18 -12.90 1.47
CA GLY A 54 -1.29 -13.83 0.80
C GLY A 54 -1.32 -13.67 -0.71
N LYS A 55 -1.58 -12.45 -1.18
CA LYS A 55 -1.63 -12.18 -2.61
C LYS A 55 -0.59 -11.14 -3.00
N ALA A 56 0.25 -11.48 -3.97
CA ALA A 56 1.29 -10.57 -4.44
C ALA A 56 0.72 -9.54 -5.41
N LEU A 57 0.70 -8.28 -4.99
CA LEU A 57 0.18 -7.21 -5.82
C LEU A 57 1.22 -6.76 -6.85
N ALA A 58 0.74 -6.28 -8.00
CA ALA A 58 1.63 -5.82 -9.05
C ALA A 58 1.59 -4.30 -9.18
N ASP A 59 2.74 -3.67 -8.98
CA ASP A 59 2.83 -2.21 -9.06
C ASP A 59 1.91 -1.67 -10.15
N GLY A 60 1.93 -2.32 -11.31
CA GLY A 60 1.10 -1.90 -12.42
C GLY A 60 -0.37 -2.02 -12.11
N LYS A 61 -0.78 -3.17 -11.58
CA LYS A 61 -2.17 -3.42 -11.24
C LYS A 61 -2.67 -2.40 -10.22
N ARG A 62 -3.93 -2.53 -9.82
CA ARG A 62 -4.53 -1.63 -8.85
C ARG A 62 -5.24 -2.40 -7.75
N LEU A 63 -5.42 -1.75 -6.60
CA LEU A 63 -6.08 -2.38 -5.46
C LEU A 63 -7.51 -2.77 -5.81
N SER A 64 -8.21 -1.88 -6.51
CA SER A 64 -9.59 -2.13 -6.90
C SER A 64 -9.70 -3.46 -7.66
N ASP A 65 -8.73 -3.72 -8.52
CA ASP A 65 -8.72 -4.95 -9.31
C ASP A 65 -8.69 -6.17 -8.40
N TYR A 66 -7.96 -6.06 -7.29
CA TYR A 66 -7.84 -7.15 -6.34
C TYR A 66 -9.06 -7.21 -5.42
N SER A 67 -10.11 -6.51 -5.80
CA SER A 67 -11.33 -6.48 -5.01
C SER A 67 -11.06 -5.99 -3.60
N ILE A 68 -10.14 -5.03 -3.49
CA ILE A 68 -9.78 -4.46 -2.19
C ILE A 68 -10.39 -3.08 -2.00
N GLY A 69 -11.38 -2.99 -1.11
CA GLY A 69 -12.04 -1.72 -0.86
C GLY A 69 -11.28 -0.88 0.16
N PRO A 70 -12.00 0.07 0.79
CA PRO A 70 -11.42 0.96 1.80
C PRO A 70 -11.08 0.22 3.09
N ASN A 71 -10.55 0.96 4.07
CA ASN A 71 -10.17 0.38 5.34
C ASN A 71 -9.51 -0.98 5.16
N SER A 72 -8.58 -1.05 4.20
CA SER A 72 -7.87 -2.28 3.91
C SER A 72 -6.42 -2.21 4.39
N LYS A 73 -6.02 -3.20 5.19
CA LYS A 73 -4.66 -3.24 5.72
C LYS A 73 -3.79 -4.18 4.89
N LEU A 74 -2.70 -3.64 4.36
CA LEU A 74 -1.77 -4.43 3.55
C LEU A 74 -0.56 -4.87 4.38
N ASN A 75 0.08 -5.94 3.93
CA ASN A 75 1.26 -6.46 4.62
C ASN A 75 2.54 -6.03 3.93
N LEU A 76 3.50 -5.56 4.71
CA LEU A 76 4.78 -5.12 4.17
C LEU A 76 5.89 -6.13 4.47
N VAL A 77 6.59 -6.54 3.43
CA VAL A 77 7.68 -7.51 3.58
C VAL A 77 9.04 -6.85 3.32
N VAL A 78 10.04 -7.25 4.09
CA VAL A 78 11.39 -6.71 3.94
C VAL A 78 12.29 -7.68 3.20
N LYS A 79 12.72 -7.29 2.00
CA LYS A 79 13.60 -8.14 1.19
C LYS A 79 15.06 -7.76 1.39
N PRO A 80 15.93 -8.78 1.42
CA PRO A 80 17.37 -8.57 1.62
C PRO A 80 18.03 -7.91 0.41
N LEU A 81 19.23 -7.39 0.61
CA LEU A 81 19.96 -6.74 -0.47
C LEU A 81 20.13 -7.66 -1.67
N GLY A 1 -12.01 21.56 -4.70
CA GLY A 1 -10.84 22.41 -4.77
C GLY A 1 -9.70 21.89 -3.92
N SER A 2 -10.00 21.61 -2.65
CA SER A 2 -8.99 21.12 -1.72
C SER A 2 -8.49 19.73 -2.14
N SER A 3 -7.21 19.48 -1.92
CA SER A 3 -6.61 18.20 -2.28
C SER A 3 -7.11 17.09 -1.37
N GLY A 4 -6.72 15.85 -1.68
CA GLY A 4 -7.15 14.72 -0.88
C GLY A 4 -8.59 14.35 -1.12
N SER A 5 -8.86 13.72 -2.27
CA SER A 5 -10.22 13.32 -2.62
C SER A 5 -10.76 12.29 -1.62
N SER A 6 -12.05 11.99 -1.73
CA SER A 6 -12.68 11.04 -0.83
C SER A 6 -12.39 9.60 -1.27
N GLY A 7 -11.17 9.14 -1.01
CA GLY A 7 -10.78 7.80 -1.39
C GLY A 7 -10.96 6.82 -0.25
N MET A 8 -9.87 6.16 0.14
CA MET A 8 -9.92 5.18 1.22
C MET A 8 -8.62 5.19 2.02
N GLN A 9 -8.72 4.97 3.33
CA GLN A 9 -7.56 4.96 4.20
C GLN A 9 -6.93 3.57 4.25
N LEU A 10 -5.61 3.53 4.19
CA LEU A 10 -4.88 2.26 4.24
C LEU A 10 -3.86 2.24 5.37
N THR A 11 -3.67 1.07 5.96
CA THR A 11 -2.72 0.92 7.06
C THR A 11 -1.72 -0.20 6.79
N VAL A 12 -0.53 0.17 6.34
CA VAL A 12 0.52 -0.79 6.04
C VAL A 12 1.25 -1.22 7.30
N LYS A 13 1.14 -2.50 7.64
CA LYS A 13 1.80 -3.05 8.83
C LYS A 13 2.90 -4.02 8.43
N ALA A 14 4.11 -3.73 8.89
CA ALA A 14 5.27 -4.58 8.60
C ALA A 14 5.32 -5.78 9.54
N LEU A 15 5.19 -6.97 8.97
CA LEU A 15 5.23 -8.20 9.76
C LEU A 15 6.19 -8.06 10.93
N GLN A 16 7.47 -7.85 10.62
CA GLN A 16 8.49 -7.71 11.65
C GLN A 16 9.20 -6.36 11.53
N GLY A 17 8.48 -5.36 11.06
CA GLY A 17 9.05 -4.04 10.91
C GLY A 17 8.22 -2.95 11.57
N ARG A 18 7.84 -1.95 10.80
CA ARG A 18 7.04 -0.84 11.32
C ARG A 18 5.70 -0.75 10.60
N GLU A 19 4.92 0.27 10.95
CA GLU A 19 3.61 0.46 10.34
C GLU A 19 3.42 1.92 9.93
N CYS A 20 2.40 2.17 9.10
CA CYS A 20 2.11 3.51 8.64
C CYS A 20 0.79 3.56 7.87
N SER A 21 0.01 4.60 8.10
CA SER A 21 -1.28 4.75 7.44
C SER A 21 -1.25 5.91 6.45
N LEU A 22 -2.01 5.77 5.37
CA LEU A 22 -2.08 6.80 4.33
C LEU A 22 -3.46 6.86 3.70
N GLN A 23 -3.74 7.94 3.00
CA GLN A 23 -5.03 8.11 2.33
C GLN A 23 -4.88 8.04 0.81
N VAL A 24 -5.55 7.07 0.20
CA VAL A 24 -5.49 6.89 -1.24
C VAL A 24 -6.76 6.23 -1.77
N PRO A 25 -7.09 6.51 -3.03
CA PRO A 25 -8.28 5.96 -3.69
C PRO A 25 -8.15 4.46 -3.95
N GLU A 26 -9.27 3.83 -4.29
CA GLU A 26 -9.28 2.39 -4.56
C GLU A 26 -8.82 2.11 -6.00
N ASP A 27 -8.78 3.16 -6.82
CA ASP A 27 -8.37 3.02 -8.21
C ASP A 27 -6.94 3.54 -8.41
N GLU A 28 -6.16 3.53 -7.32
CA GLU A 28 -4.78 4.00 -7.38
C GLU A 28 -3.85 2.90 -7.88
N LEU A 29 -2.78 3.31 -8.56
CA LEU A 29 -1.81 2.35 -9.09
C LEU A 29 -0.88 1.85 -8.00
N VAL A 30 -0.82 0.53 -7.83
CA VAL A 30 0.04 -0.07 -6.82
C VAL A 30 1.44 0.52 -6.86
N SER A 31 1.85 0.97 -8.05
CA SER A 31 3.17 1.55 -8.22
C SER A 31 3.35 2.78 -7.34
N THR A 32 2.31 3.60 -7.28
CA THR A 32 2.35 4.82 -6.48
C THR A 32 2.00 4.53 -5.03
N LEU A 33 0.99 3.70 -4.82
CA LEU A 33 0.55 3.34 -3.48
C LEU A 33 1.73 2.86 -2.63
N LYS A 34 2.76 2.34 -3.31
CA LYS A 34 3.95 1.86 -2.62
C LYS A 34 4.91 3.00 -2.32
N GLN A 35 5.16 3.84 -3.32
CA GLN A 35 6.07 4.97 -3.17
C GLN A 35 5.68 5.80 -1.93
N LEU A 36 4.42 6.18 -1.86
CA LEU A 36 3.93 6.98 -0.73
C LEU A 36 4.49 6.47 0.59
N VAL A 37 4.58 5.14 0.71
CA VAL A 37 5.10 4.52 1.92
C VAL A 37 6.63 4.55 1.93
N SER A 38 7.22 4.35 0.76
CA SER A 38 8.69 4.34 0.64
C SER A 38 9.30 5.51 1.41
N GLU A 39 8.76 6.71 1.19
CA GLU A 39 9.26 7.89 1.86
C GLU A 39 8.89 7.88 3.35
N LYS A 40 7.65 7.51 3.64
CA LYS A 40 7.18 7.44 5.02
C LYS A 40 8.19 6.75 5.91
N LEU A 41 8.53 5.50 5.57
CA LEU A 41 9.49 4.73 6.34
C LEU A 41 10.89 4.85 5.74
N ASN A 42 11.01 5.65 4.70
CA ASN A 42 12.29 5.85 4.03
C ASN A 42 12.86 4.52 3.53
N VAL A 43 11.99 3.65 3.06
CA VAL A 43 12.40 2.34 2.56
C VAL A 43 12.19 2.24 1.06
N PRO A 44 13.17 1.63 0.35
CA PRO A 44 13.12 1.45 -1.09
C PRO A 44 12.05 0.45 -1.51
N VAL A 45 11.17 0.86 -2.42
CA VAL A 45 10.11 -0.01 -2.91
C VAL A 45 10.68 -1.31 -3.49
N ARG A 46 11.86 -1.20 -4.10
CA ARG A 46 12.51 -2.37 -4.70
C ARG A 46 12.69 -3.47 -3.68
N GLN A 47 12.59 -3.12 -2.40
CA GLN A 47 12.75 -4.09 -1.32
C GLN A 47 11.42 -4.39 -0.66
N GLN A 48 10.78 -3.36 -0.11
CA GLN A 48 9.49 -3.53 0.55
C GLN A 48 8.43 -4.00 -0.43
N ARG A 49 7.60 -4.95 0.01
CA ARG A 49 6.55 -5.48 -0.84
C ARG A 49 5.20 -5.37 -0.15
N LEU A 50 4.14 -5.17 -0.95
CA LEU A 50 2.79 -5.05 -0.42
C LEU A 50 2.04 -6.37 -0.52
N LEU A 51 1.36 -6.74 0.56
CA LEU A 51 0.60 -7.98 0.59
C LEU A 51 -0.81 -7.75 1.13
N PHE A 52 -1.80 -8.33 0.46
CA PHE A 52 -3.20 -8.19 0.87
C PHE A 52 -3.78 -9.53 1.28
N LYS A 53 -3.87 -9.75 2.59
CA LYS A 53 -4.42 -10.99 3.13
C LYS A 53 -3.66 -12.20 2.58
N GLY A 54 -2.39 -11.98 2.22
CA GLY A 54 -1.58 -13.06 1.70
C GLY A 54 -1.44 -12.99 0.19
N LYS A 55 -2.06 -12.00 -0.42
CA LYS A 55 -2.01 -11.82 -1.88
C LYS A 55 -0.80 -11.00 -2.27
N ALA A 56 -0.22 -11.32 -3.42
CA ALA A 56 0.95 -10.60 -3.93
C ALA A 56 0.55 -9.54 -4.94
N LEU A 57 0.72 -8.27 -4.57
CA LEU A 57 0.37 -7.16 -5.44
C LEU A 57 1.55 -6.79 -6.34
N ALA A 58 1.25 -6.48 -7.60
CA ALA A 58 2.28 -6.11 -8.56
C ALA A 58 2.19 -4.62 -8.91
N ASP A 59 3.33 -4.04 -9.26
CA ASP A 59 3.38 -2.61 -9.62
C ASP A 59 2.73 -2.39 -10.98
N GLY A 60 1.73 -1.51 -11.01
CA GLY A 60 1.05 -1.21 -12.26
C GLY A 60 -0.45 -1.36 -12.15
N LYS A 61 -0.90 -2.52 -11.68
CA LYS A 61 -2.32 -2.79 -11.53
C LYS A 61 -2.95 -1.82 -10.53
N ARG A 62 -4.24 -2.03 -10.24
CA ARG A 62 -4.96 -1.18 -9.31
C ARG A 62 -5.60 -2.00 -8.20
N LEU A 63 -5.49 -1.53 -6.97
CA LEU A 63 -6.07 -2.23 -5.83
C LEU A 63 -7.51 -2.64 -6.11
N SER A 64 -8.23 -1.78 -6.83
CA SER A 64 -9.62 -2.06 -7.18
C SER A 64 -9.75 -3.40 -7.89
N ASP A 65 -8.74 -3.73 -8.69
CA ASP A 65 -8.75 -5.00 -9.43
C ASP A 65 -8.41 -6.17 -8.51
N TYR A 66 -7.89 -5.85 -7.32
CA TYR A 66 -7.52 -6.88 -6.36
C TYR A 66 -8.67 -7.13 -5.37
N SER A 67 -9.82 -6.54 -5.66
CA SER A 67 -10.99 -6.70 -4.80
C SER A 67 -10.70 -6.19 -3.39
N ILE A 68 -9.92 -5.11 -3.31
CA ILE A 68 -9.57 -4.52 -2.02
C ILE A 68 -10.53 -3.40 -1.66
N GLY A 69 -10.95 -3.37 -0.40
CA GLY A 69 -11.87 -2.34 0.06
C GLY A 69 -11.19 -1.32 0.95
N PRO A 70 -11.97 -0.35 1.46
CA PRO A 70 -11.47 0.70 2.34
C PRO A 70 -11.07 0.18 3.70
N ASN A 71 -10.38 1.01 4.48
CA ASN A 71 -9.95 0.63 5.81
C ASN A 71 -9.35 -0.78 5.81
N SER A 72 -8.63 -1.11 4.74
CA SER A 72 -8.02 -2.42 4.60
C SER A 72 -6.60 -2.42 5.17
N LYS A 73 -6.26 -3.46 5.92
CA LYS A 73 -4.94 -3.57 6.51
C LYS A 73 -3.99 -4.32 5.58
N LEU A 74 -3.02 -3.60 5.02
CA LEU A 74 -2.05 -4.19 4.12
C LEU A 74 -0.79 -4.62 4.86
N ASN A 75 -0.18 -5.71 4.41
CA ASN A 75 1.03 -6.22 5.05
C ASN A 75 2.27 -5.88 4.21
N LEU A 76 3.36 -5.57 4.89
CA LEU A 76 4.61 -5.22 4.22
C LEU A 76 5.68 -6.26 4.48
N VAL A 77 6.42 -6.62 3.44
CA VAL A 77 7.48 -7.61 3.55
C VAL A 77 8.83 -7.02 3.16
N VAL A 78 9.85 -7.29 3.98
CA VAL A 78 11.19 -6.78 3.72
C VAL A 78 12.04 -7.82 2.97
N LYS A 79 12.57 -7.42 1.83
CA LYS A 79 13.39 -8.30 1.01
C LYS A 79 14.88 -8.12 1.35
N PRO A 80 15.63 -9.23 1.32
CA PRO A 80 17.07 -9.21 1.60
C PRO A 80 17.87 -8.51 0.51
N LEU A 81 19.14 -8.23 0.81
CA LEU A 81 20.01 -7.56 -0.16
C LEU A 81 21.03 -8.54 -0.73
#